data_8R4X
#
_entry.id   8R4X
#
_cell.length_a   109.180
_cell.length_b   121.390
_cell.length_c   134.300
_cell.angle_alpha   90.00
_cell.angle_beta   90.00
_cell.angle_gamma   90.00
#
_symmetry.space_group_name_H-M   'P 21 21 21'
#
loop_
_entity.id
_entity.type
_entity.pdbx_description
1 polymer 'Chitinase-3-like protein 1'
2 branched 2-acetamido-2-deoxy-beta-D-glucopyranose-(1-4)-2-acetamido-2-deoxy-beta-D-glucopyranose
3 non-polymer 1,2-ETHANEDIOL
4 non-polymer (2~{S},5~{S})-4-[1-(4-chloranylpyridin-2-yl)piperidin-4-yl]-5-[(4-chlorophenyl)methyl]-2-methyl-morpholine
5 non-polymer 'CHLORIDE ION'
6 water water
#
_entity_poly.entity_id   1
_entity_poly.type   'polypeptide(L)'
_entity_poly.pdbx_seq_one_letter_code
;MGVKASQTGFVVLVLLQCCSAYKLVCYYTSWSQYREGDGSCFPDALDRFLCTHIIYSFANISNDHIDTWEWNDVTLYGML
NTLKNRNPNLKTLLSVGGWNFGSQRFSKIASNTQSRRTFIKSVPPFLRTHGFDGLDLAWLYPGRRDKQHFTTLIKEMKAE
FIKEAQPGKKQLLLSAALSAGKVTIDSSYDIAKISQHLDFISIMTYDFHGAWRGTTGHHSPLFRGQEDASPDRFSNTDYA
VGYMLRLGAPASKLVMGIPTFGRSFTLASSETGVGAPISGPGIPGRFTKEAGTLAYYEICDFLRGATVHRILGQQVPYAT
KGNQWVGYDDQESVKSKVQYLKDRQLAGAMVWALDLDDFQGSFCGQDLRFPLTNAIKDALAAT
;
_entity_poly.pdbx_strand_id   A,B,C,D
#
# COMPACT_ATOMS: atom_id res chain seq x y z
N TYR A 22 -33.71 7.70 -2.84
CA TYR A 22 -32.85 6.53 -2.64
C TYR A 22 -33.62 5.23 -2.88
N LYS A 23 -32.88 4.19 -3.23
CA LYS A 23 -33.39 2.83 -3.33
C LYS A 23 -32.93 2.09 -2.07
N LEU A 24 -33.76 1.14 -1.64
CA LEU A 24 -33.44 0.18 -0.60
C LEU A 24 -33.76 -1.18 -1.21
N VAL A 25 -32.73 -1.86 -1.67
CA VAL A 25 -32.82 -3.10 -2.44
C VAL A 25 -32.57 -4.24 -1.48
N CYS A 26 -33.51 -5.13 -1.31
CA CYS A 26 -33.44 -6.14 -0.25
C CYS A 26 -33.64 -7.55 -0.78
N TYR A 27 -32.73 -8.47 -0.44
CA TYR A 27 -32.85 -9.84 -0.93
C TYR A 27 -33.66 -10.73 0.03
N TYR A 28 -34.46 -11.62 -0.56
CA TYR A 28 -35.08 -12.72 0.16
C TYR A 28 -34.58 -14.03 -0.43
N THR A 29 -34.19 -15.00 0.42
CA THR A 29 -33.61 -16.23 -0.09
C THR A 29 -34.61 -17.37 0.09
N SER A 30 -34.84 -18.12 -1.00
CA SER A 30 -35.89 -19.13 -0.95
C SER A 30 -35.55 -20.32 -0.05
N TRP A 31 -34.25 -20.57 0.25
CA TRP A 31 -33.94 -21.69 1.13
C TRP A 31 -34.15 -21.33 2.58
N SER A 32 -34.43 -20.06 2.88
CA SER A 32 -34.66 -19.71 4.28
C SER A 32 -35.98 -20.29 4.80
N GLN A 33 -36.88 -20.75 3.91
CA GLN A 33 -38.11 -21.34 4.38
C GLN A 33 -37.86 -22.58 5.20
N TYR A 34 -36.70 -23.22 5.01
CA TYR A 34 -36.46 -24.53 5.62
C TYR A 34 -35.83 -24.45 7.00
N ARG A 35 -35.48 -23.25 7.45
CA ARG A 35 -34.79 -23.19 8.75
C ARG A 35 -35.76 -23.61 9.85
N GLU A 36 -35.19 -24.26 10.89
CA GLU A 36 -36.02 -24.82 11.93
C GLU A 36 -36.74 -23.72 12.72
N GLY A 37 -37.94 -24.06 13.22
CA GLY A 37 -38.62 -23.18 14.17
C GLY A 37 -38.77 -21.73 13.71
N ASP A 38 -38.40 -20.81 14.58
CA ASP A 38 -38.53 -19.38 14.30
C ASP A 38 -37.58 -18.90 13.22
N GLY A 39 -36.66 -19.75 12.76
CA GLY A 39 -35.78 -19.37 11.68
C GLY A 39 -36.50 -19.38 10.34
N SER A 40 -37.59 -20.13 10.22
CA SER A 40 -38.24 -20.29 8.91
C SER A 40 -38.80 -18.96 8.43
N CYS A 41 -38.48 -18.58 7.18
CA CYS A 41 -38.88 -17.29 6.63
C CYS A 41 -39.54 -17.53 5.27
N PHE A 42 -40.80 -17.11 5.12
CA PHE A 42 -41.53 -17.07 3.87
C PHE A 42 -41.83 -15.63 3.50
N PRO A 43 -42.12 -15.34 2.22
CA PRO A 43 -42.30 -13.94 1.83
C PRO A 43 -43.46 -13.27 2.52
N ASP A 44 -44.46 -14.02 3.03
CA ASP A 44 -45.55 -13.34 3.72
C ASP A 44 -45.14 -12.84 5.08
N ALA A 45 -43.90 -13.12 5.54
CA ALA A 45 -43.39 -12.45 6.72
C ALA A 45 -42.71 -11.13 6.41
N LEU A 46 -42.64 -10.74 5.13
CA LEU A 46 -41.90 -9.53 4.81
C LEU A 46 -42.82 -8.31 4.90
N ASP A 47 -42.27 -7.18 5.34
CA ASP A 47 -42.98 -5.91 5.43
C ASP A 47 -43.01 -5.23 4.06
N ARG A 48 -44.21 -5.10 3.47
CA ARG A 48 -44.31 -4.62 2.12
C ARG A 48 -43.83 -3.18 1.97
N PHE A 49 -43.76 -2.39 3.05
CA PHE A 49 -43.36 -0.98 2.97
C PHE A 49 -41.92 -0.74 3.39
N LEU A 50 -41.20 -1.81 3.67
CA LEU A 50 -39.83 -1.70 4.19
C LEU A 50 -38.80 -1.29 3.11
N CYS A 51 -38.80 -2.00 1.97
CA CYS A 51 -37.85 -1.82 0.88
C CYS A 51 -38.54 -1.20 -0.34
N THR A 52 -37.72 -0.64 -1.26
CA THR A 52 -38.25 -0.22 -2.55
C THR A 52 -38.23 -1.35 -3.57
N HIS A 53 -37.29 -2.28 -3.44
CA HIS A 53 -37.11 -3.39 -4.36
C HIS A 53 -36.82 -4.62 -3.51
N ILE A 54 -37.56 -5.70 -3.75
CA ILE A 54 -37.22 -6.99 -3.13
C ILE A 54 -36.79 -7.95 -4.22
N ILE A 55 -35.63 -8.59 -4.02
CA ILE A 55 -35.07 -9.47 -5.03
C ILE A 55 -35.13 -10.88 -4.48
N TYR A 56 -35.73 -11.79 -5.26
CA TYR A 56 -35.93 -13.19 -4.86
C TYR A 56 -34.75 -14.02 -5.35
N SER A 57 -34.03 -14.70 -4.42
CA SER A 57 -32.86 -15.51 -4.80
C SER A 57 -33.13 -16.98 -4.53
N PHE A 58 -32.80 -17.90 -5.47
CA PHE A 58 -32.29 -17.70 -6.84
C PHE A 58 -33.12 -18.51 -7.80
N ALA A 59 -33.08 -18.10 -9.06
CA ALA A 59 -33.59 -18.91 -10.15
C ALA A 59 -32.46 -19.76 -10.75
N ASN A 60 -32.86 -20.85 -11.39
CA ASN A 60 -31.93 -21.73 -12.09
C ASN A 60 -31.82 -21.36 -13.56
N ILE A 61 -30.84 -21.94 -14.25
CA ILE A 61 -30.83 -22.01 -15.71
C ILE A 61 -30.80 -23.48 -16.07
N SER A 62 -31.79 -23.92 -16.82
CA SER A 62 -31.92 -25.33 -17.17
C SER A 62 -32.27 -25.43 -18.63
N ASN A 63 -31.53 -26.27 -19.35
CA ASN A 63 -31.73 -26.36 -20.79
C ASN A 63 -31.63 -24.97 -21.44
N ASP A 64 -30.72 -24.14 -20.92
CA ASP A 64 -30.48 -22.77 -21.39
C ASP A 64 -31.70 -21.85 -21.22
N HIS A 65 -32.69 -22.21 -20.40
CA HIS A 65 -33.84 -21.36 -20.10
C HIS A 65 -33.77 -20.98 -18.63
N ILE A 66 -34.18 -19.75 -18.28
CA ILE A 66 -34.36 -19.44 -16.86
C ILE A 66 -35.48 -20.33 -16.32
N ASP A 67 -35.39 -20.74 -15.06
CA ASP A 67 -36.35 -21.72 -14.56
C ASP A 67 -36.40 -21.63 -13.05
N THR A 68 -37.42 -22.29 -12.48
CA THR A 68 -37.52 -22.32 -11.02
C THR A 68 -36.43 -23.21 -10.42
N TRP A 69 -36.23 -23.05 -9.11
CA TRP A 69 -35.23 -23.82 -8.37
C TRP A 69 -35.88 -24.65 -7.27
N GLU A 70 -36.54 -24.01 -6.30
CA GLU A 70 -37.25 -24.81 -5.29
C GLU A 70 -38.57 -25.35 -5.83
N TRP A 71 -39.01 -26.48 -5.24
CA TRP A 71 -40.26 -27.12 -5.66
C TRP A 71 -41.46 -26.17 -5.58
N ASN A 72 -41.45 -25.21 -4.65
CA ASN A 72 -42.59 -24.33 -4.41
C ASN A 72 -42.31 -22.90 -4.80
N ASP A 73 -41.36 -22.69 -5.72
CA ASP A 73 -41.04 -21.32 -6.13
C ASP A 73 -42.29 -20.58 -6.63
N VAL A 74 -43.18 -21.26 -7.39
CA VAL A 74 -44.32 -20.54 -7.97
C VAL A 74 -45.21 -20.01 -6.88
N THR A 75 -45.42 -20.81 -5.83
CA THR A 75 -46.15 -20.36 -4.65
C THR A 75 -45.47 -19.17 -3.97
N LEU A 76 -44.16 -19.29 -3.75
CA LEU A 76 -43.43 -18.21 -3.02
C LEU A 76 -43.32 -16.94 -3.88
N TYR A 77 -43.18 -17.10 -5.18
CA TYR A 77 -43.18 -15.92 -6.07
C TYR A 77 -44.48 -15.15 -5.84
N GLY A 78 -45.58 -15.90 -5.72
CA GLY A 78 -46.89 -15.25 -5.53
C GLY A 78 -47.01 -14.57 -4.18
N MET A 79 -46.49 -15.22 -3.14
CA MET A 79 -46.52 -14.62 -1.79
C MET A 79 -45.73 -13.30 -1.79
N LEU A 80 -44.64 -13.28 -2.56
CA LEU A 80 -43.81 -12.05 -2.62
C LEU A 80 -44.55 -11.00 -3.45
N ASN A 81 -45.05 -11.42 -4.61
CA ASN A 81 -45.60 -10.37 -5.47
C ASN A 81 -46.92 -9.83 -4.95
N THR A 82 -47.63 -10.58 -4.09
CA THR A 82 -48.85 -10.07 -3.46
C THR A 82 -48.54 -8.86 -2.58
N LEU A 83 -47.29 -8.70 -2.13
CA LEU A 83 -46.95 -7.53 -1.34
C LEU A 83 -47.14 -6.23 -2.10
N LYS A 84 -47.13 -6.28 -3.43
CA LYS A 84 -47.36 -5.09 -4.23
C LYS A 84 -48.82 -4.66 -4.24
N ASN A 85 -49.73 -5.48 -3.70
CA ASN A 85 -51.16 -5.15 -3.75
C ASN A 85 -51.43 -3.88 -2.96
N ARG A 86 -50.83 -3.77 -1.78
CA ARG A 86 -51.06 -2.59 -0.97
C ARG A 86 -49.92 -1.58 -1.08
N ASN A 87 -48.83 -1.92 -1.79
CA ASN A 87 -47.74 -0.99 -2.09
C ASN A 87 -47.43 -0.97 -3.58
N PRO A 88 -48.18 -0.20 -4.37
CA PRO A 88 -47.88 -0.16 -5.82
C PRO A 88 -46.51 0.38 -6.17
N ASN A 89 -45.79 1.02 -5.23
CA ASN A 89 -44.45 1.50 -5.52
C ASN A 89 -43.41 0.39 -5.42
N LEU A 90 -43.73 -0.71 -4.75
CA LEU A 90 -42.74 -1.78 -4.56
C LEU A 90 -42.45 -2.48 -5.88
N LYS A 91 -41.15 -2.72 -6.13
CA LYS A 91 -40.70 -3.47 -7.29
C LYS A 91 -40.14 -4.80 -6.83
N THR A 92 -40.30 -5.83 -7.65
CA THR A 92 -39.64 -7.11 -7.38
C THR A 92 -38.78 -7.55 -8.55
N LEU A 93 -37.65 -8.19 -8.23
CA LEU A 93 -36.82 -8.77 -9.28
C LEU A 93 -36.52 -10.21 -8.90
N LEU A 94 -36.14 -10.99 -9.90
CA LEU A 94 -35.73 -12.38 -9.71
C LEU A 94 -34.25 -12.48 -9.99
N SER A 95 -33.44 -13.03 -9.04
CA SER A 95 -32.00 -13.11 -9.20
C SER A 95 -31.65 -14.49 -9.72
N VAL A 96 -30.90 -14.55 -10.83
CA VAL A 96 -30.56 -15.84 -11.45
C VAL A 96 -29.07 -16.09 -11.19
N GLY A 97 -28.76 -17.28 -10.65
CA GLY A 97 -27.36 -17.65 -10.43
C GLY A 97 -27.10 -18.03 -8.97
N GLY A 98 -26.15 -17.36 -8.32
CA GLY A 98 -25.81 -17.61 -6.92
C GLY A 98 -24.40 -18.15 -6.79
N TRP A 99 -24.00 -18.44 -5.56
CA TRP A 99 -22.60 -18.83 -5.38
C TRP A 99 -22.42 -20.34 -5.31
N ASN A 100 -23.49 -21.11 -5.39
CA ASN A 100 -23.40 -22.55 -5.59
C ASN A 100 -24.17 -22.93 -6.84
N PHE A 101 -24.02 -22.10 -7.85
CA PHE A 101 -24.67 -22.32 -9.12
C PHE A 101 -23.77 -23.16 -10.04
N GLY A 102 -22.50 -22.79 -10.09
CA GLY A 102 -21.55 -23.31 -11.04
C GLY A 102 -21.19 -22.18 -11.98
N SER A 103 -20.17 -21.37 -11.65
CA SER A 103 -19.75 -20.36 -12.61
C SER A 103 -19.33 -21.00 -13.93
N GLN A 104 -18.84 -22.26 -13.88
CA GLN A 104 -18.66 -23.05 -15.10
C GLN A 104 -19.95 -23.15 -15.91
N ARG A 105 -21.09 -23.30 -15.24
CA ARG A 105 -22.36 -23.44 -15.94
C ARG A 105 -22.78 -22.13 -16.62
N PHE A 106 -22.70 -21.03 -15.88
CA PHE A 106 -22.96 -19.71 -16.45
C PHE A 106 -22.01 -19.41 -17.61
N SER A 107 -20.72 -19.76 -17.44
CA SER A 107 -19.75 -19.41 -18.48
C SER A 107 -20.11 -20.08 -19.80
N LYS A 108 -20.49 -21.36 -19.72
CA LYS A 108 -20.88 -22.10 -20.90
C LYS A 108 -22.12 -21.50 -21.53
N ILE A 109 -23.13 -21.16 -20.71
CA ILE A 109 -24.32 -20.52 -21.25
C ILE A 109 -23.98 -19.18 -21.90
N ALA A 110 -23.11 -18.36 -21.26
CA ALA A 110 -22.83 -17.04 -21.82
C ALA A 110 -21.88 -17.04 -23.03
N SER A 111 -21.02 -18.05 -23.17
CA SER A 111 -20.10 -18.00 -24.31
C SER A 111 -20.74 -18.56 -25.57
N ASN A 112 -21.55 -19.61 -25.44
CA ASN A 112 -22.18 -20.22 -26.61
C ASN A 112 -23.26 -19.30 -27.17
N THR A 113 -23.06 -18.89 -28.42
CA THR A 113 -23.99 -17.99 -29.13
C THR A 113 -25.44 -18.44 -29.06
N GLN A 114 -25.69 -19.74 -29.24
CA GLN A 114 -27.08 -20.17 -29.29
C GLN A 114 -27.67 -20.25 -27.88
N SER A 115 -26.90 -20.81 -26.94
CA SER A 115 -27.34 -20.91 -25.56
C SER A 115 -27.67 -19.53 -25.01
N ARG A 116 -26.80 -18.57 -25.28
CA ARG A 116 -27.01 -17.23 -24.76
C ARG A 116 -28.30 -16.64 -25.30
N ARG A 117 -28.57 -16.81 -26.59
CA ARG A 117 -29.81 -16.27 -27.14
C ARG A 117 -31.05 -16.99 -26.55
N THR A 118 -31.00 -18.32 -26.40
CA THR A 118 -32.12 -19.03 -25.80
C THR A 118 -32.41 -18.51 -24.38
N PHE A 119 -31.35 -18.25 -23.64
CA PHE A 119 -31.49 -17.76 -22.26
C PHE A 119 -32.09 -16.37 -22.26
N ILE A 120 -31.49 -15.44 -23.03
CA ILE A 120 -32.09 -14.10 -23.10
C ILE A 120 -33.55 -14.15 -23.50
N LYS A 121 -33.90 -14.88 -24.57
CA LYS A 121 -35.27 -14.90 -25.01
C LYS A 121 -36.22 -15.47 -23.95
N SER A 122 -35.72 -16.41 -23.12
CA SER A 122 -36.55 -17.03 -22.07
C SER A 122 -36.87 -16.08 -20.91
N VAL A 123 -36.14 -14.96 -20.74
CA VAL A 123 -36.28 -14.20 -19.49
C VAL A 123 -37.53 -13.31 -19.45
N PRO A 124 -37.85 -12.45 -20.43
CA PRO A 124 -39.07 -11.63 -20.26
C PRO A 124 -40.36 -12.44 -20.10
N PRO A 125 -40.61 -13.50 -20.90
CA PRO A 125 -41.85 -14.28 -20.68
C PRO A 125 -41.89 -14.81 -19.25
N PHE A 126 -40.75 -15.22 -18.71
CA PHE A 126 -40.77 -15.83 -17.39
C PHE A 126 -41.08 -14.77 -16.33
N LEU A 127 -40.45 -13.60 -16.45
CA LEU A 127 -40.72 -12.52 -15.50
C LEU A 127 -42.18 -12.05 -15.60
N ARG A 128 -42.73 -11.94 -16.83
CA ARG A 128 -44.10 -11.47 -16.91
C ARG A 128 -45.05 -12.52 -16.38
N THR A 129 -44.80 -13.78 -16.75
CA THR A 129 -45.64 -14.89 -16.28
C THR A 129 -45.68 -15.00 -14.78
N HIS A 130 -44.57 -14.65 -14.13
CA HIS A 130 -44.49 -14.85 -12.69
C HIS A 130 -44.55 -13.55 -11.89
N GLY A 131 -44.84 -12.42 -12.54
CA GLY A 131 -45.15 -11.20 -11.81
C GLY A 131 -43.99 -10.35 -11.36
N PHE A 132 -42.79 -10.56 -11.95
CA PHE A 132 -41.57 -9.84 -11.56
C PHE A 132 -41.36 -8.63 -12.44
N ASP A 133 -40.73 -7.62 -11.85
CA ASP A 133 -40.48 -6.38 -12.55
C ASP A 133 -39.09 -6.31 -13.19
N GLY A 134 -38.25 -7.33 -13.02
CA GLY A 134 -36.92 -7.26 -13.59
C GLY A 134 -36.12 -8.49 -13.22
N LEU A 135 -34.91 -8.53 -13.75
CA LEU A 135 -33.94 -9.62 -13.55
C LEU A 135 -32.72 -9.06 -12.87
N ASP A 136 -32.20 -9.82 -11.88
CA ASP A 136 -30.94 -9.48 -11.24
C ASP A 136 -29.95 -10.59 -11.64
N LEU A 137 -28.82 -10.22 -12.24
CA LEU A 137 -27.79 -11.20 -12.63
C LEU A 137 -26.85 -11.47 -11.46
N ALA A 138 -26.73 -12.74 -11.09
CA ALA A 138 -25.89 -13.15 -9.98
C ALA A 138 -24.92 -14.21 -10.46
N TRP A 139 -24.08 -13.82 -11.39
CA TRP A 139 -23.02 -14.70 -11.86
C TRP A 139 -21.85 -14.50 -10.92
N LEU A 140 -21.60 -15.50 -10.07
CA LEU A 140 -20.59 -15.33 -9.01
C LEU A 140 -19.54 -16.41 -9.19
N TYR A 141 -18.53 -16.16 -10.01
CA TYR A 141 -18.19 -14.85 -10.60
C TYR A 141 -17.65 -15.15 -11.98
N PRO A 142 -17.75 -14.21 -12.91
CA PRO A 142 -17.14 -14.41 -14.22
C PRO A 142 -15.64 -14.52 -14.04
N GLY A 143 -15.00 -15.30 -14.89
CA GLY A 143 -13.55 -15.40 -14.81
C GLY A 143 -12.91 -14.28 -15.60
N ARG A 144 -11.57 -14.28 -15.65
CA ARG A 144 -10.90 -13.35 -16.56
C ARG A 144 -11.34 -13.69 -17.98
N ARG A 145 -11.55 -14.98 -18.25
CA ARG A 145 -11.91 -15.42 -19.63
C ARG A 145 -13.38 -15.12 -19.96
N ASP A 146 -14.15 -14.70 -18.96
CA ASP A 146 -15.59 -14.42 -19.18
C ASP A 146 -15.87 -12.90 -19.16
N LYS A 147 -14.85 -12.07 -18.93
CA LYS A 147 -15.13 -10.64 -18.81
C LYS A 147 -15.93 -10.10 -19.98
N GLN A 148 -15.50 -10.40 -21.21
CA GLN A 148 -16.17 -9.84 -22.36
CA GLN A 148 -16.17 -9.85 -22.37
C GLN A 148 -17.52 -10.54 -22.59
N HIS A 149 -17.60 -11.84 -22.34
CA HIS A 149 -18.90 -12.53 -22.42
C HIS A 149 -19.92 -11.92 -21.46
N PHE A 150 -19.47 -11.50 -20.27
CA PHE A 150 -20.38 -10.87 -19.30
C PHE A 150 -20.91 -9.57 -19.84
N THR A 151 -20.03 -8.73 -20.42
CA THR A 151 -20.51 -7.52 -21.05
C THR A 151 -21.54 -7.80 -22.13
N THR A 152 -21.25 -8.79 -23.00
CA THR A 152 -22.15 -9.10 -24.09
C THR A 152 -23.49 -9.60 -23.57
N LEU A 153 -23.44 -10.45 -22.54
CA LEU A 153 -24.69 -10.94 -21.95
C LEU A 153 -25.53 -9.76 -21.47
N ILE A 154 -24.92 -8.82 -20.72
CA ILE A 154 -25.70 -7.72 -20.17
C ILE A 154 -26.22 -6.82 -21.26
N LYS A 155 -25.40 -6.53 -22.28
CA LYS A 155 -25.84 -5.68 -23.37
C LYS A 155 -27.05 -6.30 -24.11
N GLU A 156 -26.95 -7.59 -24.38
CA GLU A 156 -28.01 -8.23 -25.19
C GLU A 156 -29.27 -8.45 -24.35
N MET A 157 -29.10 -8.73 -23.06
CA MET A 157 -30.28 -8.86 -22.19
C MET A 157 -31.02 -7.53 -22.11
N LYS A 158 -30.28 -6.43 -21.95
CA LYS A 158 -30.95 -5.14 -21.87
C LYS A 158 -31.65 -4.82 -23.18
N ALA A 159 -30.99 -5.16 -24.29
CA ALA A 159 -31.60 -4.93 -25.61
C ALA A 159 -32.90 -5.71 -25.77
N GLU A 160 -32.95 -6.95 -25.24
CA GLU A 160 -34.23 -7.70 -25.30
C GLU A 160 -35.30 -7.05 -24.42
N PHE A 161 -34.88 -6.52 -23.24
CA PHE A 161 -35.87 -5.86 -22.38
C PHE A 161 -36.44 -4.61 -23.06
N ILE A 162 -35.58 -3.81 -23.71
CA ILE A 162 -36.09 -2.66 -24.45
C ILE A 162 -37.06 -3.09 -25.54
N LYS A 163 -36.74 -4.16 -26.27
CA LYS A 163 -37.59 -4.62 -27.37
C LYS A 163 -38.94 -5.12 -26.85
N GLU A 164 -38.94 -5.81 -25.69
CA GLU A 164 -40.14 -6.42 -25.19
C GLU A 164 -41.11 -5.34 -24.74
N ALA A 165 -40.58 -4.21 -24.28
CA ALA A 165 -41.43 -3.16 -23.72
C ALA A 165 -41.92 -2.20 -24.78
N GLN A 166 -41.26 -2.23 -25.95
CA GLN A 166 -41.24 -1.13 -26.93
C GLN A 166 -42.65 -0.67 -27.28
N PRO A 167 -43.65 -1.53 -27.24
CA PRO A 167 -45.01 -0.93 -27.23
C PRO A 167 -45.56 -0.60 -25.84
N GLY A 168 -45.15 0.56 -25.31
CA GLY A 168 -45.75 1.12 -24.10
C GLY A 168 -45.85 0.28 -22.83
N LYS A 169 -45.13 -0.83 -22.72
CA LYS A 169 -45.07 -1.57 -21.47
C LYS A 169 -44.13 -0.86 -20.51
N LYS A 170 -44.28 -1.16 -19.21
CA LYS A 170 -43.28 -0.75 -18.24
C LYS A 170 -42.05 -1.63 -18.45
N GLN A 171 -40.93 -1.05 -18.83
CA GLN A 171 -39.77 -1.83 -19.21
C GLN A 171 -39.24 -2.64 -18.01
N LEU A 172 -38.88 -3.89 -18.27
CA LEU A 172 -38.27 -4.69 -17.19
C LEU A 172 -36.93 -4.07 -16.79
N LEU A 173 -36.64 -4.20 -15.49
CA LEU A 173 -35.37 -3.73 -14.92
C LEU A 173 -34.29 -4.80 -15.06
N LEU A 174 -33.03 -4.35 -15.25
CA LEU A 174 -31.89 -5.28 -15.24
C LEU A 174 -30.88 -4.77 -14.23
N SER A 175 -30.59 -5.61 -13.23
CA SER A 175 -29.58 -5.29 -12.25
C SER A 175 -28.53 -6.37 -12.23
N ALA A 176 -27.40 -6.10 -11.55
CA ALA A 176 -26.41 -7.14 -11.33
C ALA A 176 -25.81 -6.96 -9.95
N ALA A 177 -25.52 -8.07 -9.30
CA ALA A 177 -24.78 -8.12 -8.04
C ALA A 177 -23.31 -8.32 -8.35
N LEU A 178 -22.47 -7.36 -7.99
CA LEU A 178 -21.05 -7.38 -8.33
C LEU A 178 -20.17 -7.46 -7.10
N SER A 179 -19.09 -8.25 -7.23
CA SER A 179 -18.13 -8.34 -6.15
C SER A 179 -17.58 -6.97 -5.80
N ALA A 180 -17.24 -6.81 -4.49
CA ALA A 180 -16.49 -5.64 -4.01
C ALA A 180 -14.99 -5.92 -3.95
N GLY A 181 -14.57 -7.11 -4.34
CA GLY A 181 -13.12 -7.48 -4.22
C GLY A 181 -12.37 -6.93 -5.41
N LYS A 182 -11.28 -6.23 -5.13
CA LYS A 182 -10.51 -5.57 -6.18
C LYS A 182 -10.04 -6.57 -7.22
N VAL A 183 -9.54 -7.74 -6.79
CA VAL A 183 -9.03 -8.72 -7.75
C VAL A 183 -10.13 -9.21 -8.70
N THR A 184 -11.31 -9.50 -8.17
CA THR A 184 -12.43 -9.91 -9.03
C THR A 184 -12.90 -8.78 -9.94
N ILE A 185 -13.00 -7.56 -9.41
CA ILE A 185 -13.39 -6.44 -10.23
C ILE A 185 -12.43 -6.30 -11.42
N ASP A 186 -11.12 -6.34 -11.14
CA ASP A 186 -10.13 -6.17 -12.21
C ASP A 186 -10.19 -7.32 -13.21
N SER A 187 -10.44 -8.54 -12.72
CA SER A 187 -10.39 -9.69 -13.62
C SER A 187 -11.68 -9.90 -14.39
N SER A 188 -12.84 -9.57 -13.80
CA SER A 188 -14.11 -10.08 -14.31
C SER A 188 -15.03 -9.06 -14.98
N TYR A 189 -14.91 -7.79 -14.65
CA TYR A 189 -15.92 -6.79 -15.04
C TYR A 189 -15.33 -5.67 -15.89
N ASP A 190 -16.04 -5.32 -16.96
CA ASP A 190 -15.81 -4.06 -17.65
C ASP A 190 -16.84 -3.08 -17.10
N ILE A 191 -16.47 -2.44 -15.97
CA ILE A 191 -17.43 -1.61 -15.23
C ILE A 191 -18.04 -0.52 -16.10
N ALA A 192 -17.24 0.22 -16.87
CA ALA A 192 -17.80 1.33 -17.64
C ALA A 192 -18.80 0.84 -18.65
N LYS A 193 -18.53 -0.29 -19.30
CA LYS A 193 -19.44 -0.77 -20.33
C LYS A 193 -20.72 -1.35 -19.71
N ILE A 194 -20.59 -2.19 -18.71
CA ILE A 194 -21.84 -2.83 -18.19
C ILE A 194 -22.72 -1.79 -17.49
N SER A 195 -22.11 -0.75 -16.91
CA SER A 195 -22.88 0.26 -16.15
C SER A 195 -23.84 1.01 -17.08
N GLN A 196 -23.53 1.08 -18.37
CA GLN A 196 -24.41 1.81 -19.32
C GLN A 196 -25.72 1.04 -19.50
N HIS A 197 -25.68 -0.27 -19.34
CA HIS A 197 -26.87 -1.08 -19.64
C HIS A 197 -27.65 -1.48 -18.41
N LEU A 198 -27.01 -1.55 -17.27
CA LEU A 198 -27.67 -1.94 -16.03
C LEU A 198 -28.47 -0.78 -15.48
N ASP A 199 -29.67 -1.09 -14.97
CA ASP A 199 -30.41 -0.06 -14.27
C ASP A 199 -29.78 0.24 -12.91
N PHE A 200 -29.24 -0.77 -12.23
CA PHE A 200 -28.47 -0.49 -11.02
C PHE A 200 -27.52 -1.65 -10.78
N ILE A 201 -26.42 -1.36 -10.08
CA ILE A 201 -25.39 -2.32 -9.68
C ILE A 201 -25.51 -2.39 -8.17
N SER A 202 -25.56 -3.61 -7.62
CA SER A 202 -25.44 -3.76 -6.16
C SER A 202 -24.04 -4.26 -5.89
N ILE A 203 -23.23 -3.44 -5.19
CA ILE A 203 -21.88 -3.84 -4.87
C ILE A 203 -21.87 -4.58 -3.52
N MET A 204 -21.29 -5.78 -3.53
CA MET A 204 -21.37 -6.67 -2.38
C MET A 204 -20.23 -6.37 -1.38
N THR A 205 -20.41 -5.25 -0.67
CA THR A 205 -19.39 -4.71 0.25
C THR A 205 -19.44 -5.38 1.64
N TYR A 206 -19.14 -6.69 1.60
CA TYR A 206 -19.09 -7.55 2.80
C TYR A 206 -18.36 -8.81 2.34
N ASP A 207 -18.18 -9.77 3.26
CA ASP A 207 -17.36 -10.95 2.99
C ASP A 207 -15.95 -10.53 2.57
N PHE A 208 -15.45 -9.38 3.04
CA PHE A 208 -14.04 -9.05 2.78
C PHE A 208 -13.14 -9.98 3.60
N HIS A 209 -11.97 -10.26 3.04
CA HIS A 209 -10.95 -11.07 3.74
C HIS A 209 -9.73 -10.22 3.96
N GLY A 210 -9.85 -9.23 4.85
CA GLY A 210 -8.78 -8.26 5.00
C GLY A 210 -7.78 -8.61 6.07
N ALA A 211 -8.04 -9.66 6.84
CA ALA A 211 -7.10 -9.93 7.94
C ALA A 211 -5.88 -10.70 7.46
N TRP A 212 -4.76 -10.55 8.20
CA TRP A 212 -3.67 -11.46 7.97
C TRP A 212 -4.15 -12.88 8.23
N ARG A 213 -3.60 -13.82 7.47
CA ARG A 213 -3.95 -15.22 7.63
C ARG A 213 -3.86 -15.62 9.11
N GLY A 214 -4.87 -16.35 9.59
CA GLY A 214 -4.83 -16.83 10.97
C GLY A 214 -5.28 -15.86 12.04
N THR A 215 -5.94 -14.75 11.67
CA THR A 215 -6.27 -13.75 12.66
C THR A 215 -7.70 -13.25 12.41
N THR A 216 -8.26 -12.61 13.46
CA THR A 216 -9.61 -12.06 13.30
C THR A 216 -9.56 -10.79 12.45
N GLY A 217 -10.71 -10.53 11.76
CA GLY A 217 -10.89 -9.22 11.15
C GLY A 217 -12.37 -9.12 10.82
N HIS A 218 -12.81 -7.88 10.63
CA HIS A 218 -14.22 -7.63 10.28
C HIS A 218 -14.43 -7.83 8.79
N HIS A 219 -15.53 -8.53 8.43
CA HIS A 219 -15.75 -8.80 7.00
C HIS A 219 -16.43 -7.65 6.28
N SER A 220 -16.85 -6.59 6.99
CA SER A 220 -17.51 -5.47 6.30
C SER A 220 -17.15 -4.14 6.96
N PRO A 221 -15.86 -3.82 7.09
CA PRO A 221 -15.48 -2.51 7.63
C PRO A 221 -15.84 -1.41 6.64
N LEU A 222 -16.11 -0.22 7.17
CA LEU A 222 -16.40 0.89 6.28
C LEU A 222 -15.12 1.46 5.70
N PHE A 223 -14.06 1.56 6.54
CA PHE A 223 -12.75 2.03 6.06
C PHE A 223 -11.65 1.08 6.52
N ARG A 224 -10.41 1.35 6.06
CA ARG A 224 -9.27 0.48 6.38
C ARG A 224 -9.00 0.44 7.88
N GLY A 225 -9.06 1.58 8.54
CA GLY A 225 -8.64 1.66 9.94
C GLY A 225 -7.12 1.64 10.06
N GLN A 226 -6.65 1.16 11.21
CA GLN A 226 -5.21 1.22 11.55
C GLN A 226 -4.29 0.82 10.41
N GLU A 227 -3.49 1.76 9.92
CA GLU A 227 -2.72 1.53 8.67
C GLU A 227 -1.71 0.38 8.74
N ASP A 228 -1.08 0.19 9.89
CA ASP A 228 0.02 -0.81 9.96
C ASP A 228 -0.51 -2.18 10.38
N ALA A 229 -1.83 -2.34 10.46
CA ALA A 229 -2.40 -3.57 11.02
C ALA A 229 -3.01 -4.52 9.98
N SER A 230 -3.02 -4.15 8.70
CA SER A 230 -3.68 -5.06 7.77
C SER A 230 -2.82 -5.10 6.52
N PRO A 231 -2.87 -6.21 5.76
CA PRO A 231 -1.97 -6.35 4.61
C PRO A 231 -2.20 -5.37 3.49
N ASP A 232 -3.44 -4.97 3.27
CA ASP A 232 -3.81 -4.26 2.06
C ASP A 232 -4.83 -3.19 2.41
N ARG A 233 -4.95 -2.22 1.51
CA ARG A 233 -5.89 -1.15 1.68
C ARG A 233 -7.22 -1.43 1.02
N PHE A 234 -7.39 -2.61 0.42
N PHE A 234 -7.42 -2.60 0.38
CA PHE A 234 -8.54 -2.84 -0.47
CA PHE A 234 -8.61 -2.74 -0.47
C PHE A 234 -9.76 -3.45 0.19
C PHE A 234 -9.71 -3.62 0.10
N SER A 235 -9.58 -4.12 1.32
CA SER A 235 -10.61 -5.00 1.92
C SER A 235 -11.58 -4.23 2.80
N ASN A 236 -12.18 -3.18 2.22
CA ASN A 236 -13.13 -2.39 3.01
C ASN A 236 -14.10 -1.71 2.02
N THR A 237 -15.25 -1.32 2.58
CA THR A 237 -16.34 -0.76 1.77
C THR A 237 -15.90 0.49 1.03
N ASP A 238 -15.21 1.40 1.72
CA ASP A 238 -14.85 2.66 1.08
C ASP A 238 -13.93 2.46 -0.10
N TYR A 239 -12.91 1.60 0.03
CA TYR A 239 -12.05 1.37 -1.13
C TYR A 239 -12.86 0.87 -2.31
N ALA A 240 -13.67 -0.18 -2.07
CA ALA A 240 -14.47 -0.78 -3.16
C ALA A 240 -15.41 0.21 -3.82
N VAL A 241 -16.11 1.03 -3.03
CA VAL A 241 -17.04 2.01 -3.62
C VAL A 241 -16.25 3.03 -4.44
N GLY A 242 -15.19 3.59 -3.82
CA GLY A 242 -14.45 4.59 -4.59
C GLY A 242 -13.88 4.03 -5.87
N TYR A 243 -13.40 2.79 -5.81
CA TYR A 243 -12.82 2.13 -6.99
C TYR A 243 -13.87 1.90 -8.06
N MET A 244 -15.07 1.39 -7.70
CA MET A 244 -16.04 1.16 -8.74
C MET A 244 -16.53 2.46 -9.34
N LEU A 245 -16.64 3.52 -8.53
CA LEU A 245 -16.98 4.83 -9.11
C LEU A 245 -15.85 5.29 -10.06
N ARG A 246 -14.58 5.11 -9.66
CA ARG A 246 -13.49 5.58 -10.53
C ARG A 246 -13.48 4.84 -11.86
N LEU A 247 -13.86 3.56 -11.84
CA LEU A 247 -13.89 2.73 -13.04
C LEU A 247 -15.07 3.02 -13.94
N GLY A 248 -16.02 3.85 -13.48
CA GLY A 248 -17.07 4.37 -14.32
C GLY A 248 -18.48 3.99 -13.94
N ALA A 249 -18.68 3.34 -12.78
CA ALA A 249 -20.09 3.07 -12.39
C ALA A 249 -20.69 4.41 -11.95
N PRO A 250 -21.77 4.88 -12.55
CA PRO A 250 -22.33 6.16 -12.09
C PRO A 250 -22.81 6.04 -10.67
N ALA A 251 -22.54 7.08 -9.84
CA ALA A 251 -23.05 7.05 -8.48
C ALA A 251 -24.55 6.80 -8.45
N SER A 252 -25.30 7.39 -9.41
CA SER A 252 -26.75 7.25 -9.44
C SER A 252 -27.21 5.84 -9.81
N LYS A 253 -26.29 4.92 -10.14
CA LYS A 253 -26.66 3.53 -10.40
C LYS A 253 -26.06 2.59 -9.36
N LEU A 254 -25.27 3.10 -8.39
CA LEU A 254 -24.53 2.23 -7.50
C LEU A 254 -25.26 2.10 -6.19
N VAL A 255 -25.63 0.85 -5.83
CA VAL A 255 -26.35 0.55 -4.60
C VAL A 255 -25.36 -0.19 -3.67
N MET A 256 -25.14 0.33 -2.46
CA MET A 256 -24.10 -0.16 -1.54
C MET A 256 -24.56 -1.28 -0.60
N GLY A 257 -23.91 -2.45 -0.70
CA GLY A 257 -24.33 -3.61 0.13
C GLY A 257 -24.02 -3.41 1.61
N ILE A 258 -25.00 -3.79 2.42
CA ILE A 258 -24.92 -3.75 3.88
C ILE A 258 -25.38 -5.12 4.35
N PRO A 259 -24.62 -5.86 5.16
CA PRO A 259 -25.00 -7.23 5.53
C PRO A 259 -25.80 -7.25 6.81
N THR A 260 -26.81 -8.14 6.86
CA THR A 260 -27.49 -8.42 8.12
C THR A 260 -27.01 -9.76 8.65
N PHE A 261 -25.72 -10.04 8.43
CA PHE A 261 -25.12 -11.24 8.99
C PHE A 261 -23.71 -10.86 9.41
N GLY A 262 -23.16 -11.68 10.31
CA GLY A 262 -21.76 -11.53 10.75
C GLY A 262 -20.88 -12.66 10.30
N ARG A 263 -19.57 -12.42 10.29
CA ARG A 263 -18.62 -13.50 10.03
C ARG A 263 -17.78 -13.72 11.28
N SER A 264 -17.76 -14.97 11.71
CA SER A 264 -17.26 -15.33 13.03
C SER A 264 -16.01 -16.20 12.97
N PHE A 265 -15.32 -16.26 14.11
CA PHE A 265 -14.07 -17.01 14.27
C PHE A 265 -14.03 -17.66 15.66
N THR A 266 -13.30 -18.77 15.75
CA THR A 266 -12.93 -19.34 17.05
C THR A 266 -11.54 -18.81 17.41
N LEU A 267 -11.46 -18.19 18.58
CA LEU A 267 -10.19 -17.60 19.06
C LEU A 267 -9.28 -18.71 19.55
N ALA A 268 -7.97 -18.49 19.38
CA ALA A 268 -6.95 -19.44 19.78
C ALA A 268 -6.23 -19.02 21.04
N SER A 269 -6.52 -17.85 21.59
CA SER A 269 -5.78 -17.39 22.80
C SER A 269 -6.68 -16.44 23.61
N SER A 270 -6.11 -15.84 24.66
CA SER A 270 -6.84 -14.82 25.38
C SER A 270 -6.98 -13.51 24.61
N GLU A 271 -6.29 -13.33 23.48
CA GLU A 271 -6.41 -12.08 22.75
C GLU A 271 -7.77 -12.02 22.06
N THR A 272 -8.39 -10.83 22.11
CA THR A 272 -9.71 -10.68 21.52
C THR A 272 -9.85 -9.48 20.62
N GLY A 273 -8.79 -8.72 20.35
CA GLY A 273 -8.97 -7.57 19.46
C GLY A 273 -8.96 -7.97 18.01
N VAL A 274 -8.98 -6.93 17.14
CA VAL A 274 -8.80 -7.15 15.71
C VAL A 274 -7.38 -7.66 15.49
N GLY A 275 -7.24 -8.74 14.69
CA GLY A 275 -5.93 -9.33 14.43
C GLY A 275 -5.50 -10.36 15.48
N ALA A 276 -6.39 -10.73 16.36
CA ALA A 276 -6.11 -11.78 17.34
C ALA A 276 -6.00 -13.14 16.66
N PRO A 277 -5.20 -14.06 17.18
CA PRO A 277 -5.09 -15.37 16.54
C PRO A 277 -6.37 -16.20 16.65
N ILE A 278 -6.68 -16.91 15.57
CA ILE A 278 -7.82 -17.81 15.51
C ILE A 278 -7.36 -19.21 15.20
N SER A 279 -8.22 -20.18 15.52
CA SER A 279 -7.99 -21.57 15.12
C SER A 279 -8.89 -22.00 13.99
N GLY A 280 -9.88 -21.19 13.61
CA GLY A 280 -10.76 -21.60 12.52
C GLY A 280 -12.02 -20.78 12.58
N PRO A 281 -13.01 -21.16 11.78
CA PRO A 281 -14.27 -20.41 11.77
C PRO A 281 -15.00 -20.54 13.11
N GLY A 282 -15.97 -19.63 13.29
CA GLY A 282 -16.80 -19.64 14.48
C GLY A 282 -17.74 -20.83 14.50
N ILE A 283 -18.22 -21.17 15.70
CA ILE A 283 -19.21 -22.24 15.89
C ILE A 283 -20.49 -21.87 15.14
N PRO A 284 -21.13 -22.79 14.44
CA PRO A 284 -22.32 -22.44 13.64
C PRO A 284 -23.46 -21.94 14.51
N GLY A 285 -24.33 -21.11 13.88
CA GLY A 285 -25.50 -20.70 14.59
C GLY A 285 -26.55 -21.79 14.62
N ARG A 286 -27.46 -21.72 15.59
N ARG A 286 -27.47 -21.64 15.58
CA ARG A 286 -28.41 -22.81 15.74
CA ARG A 286 -28.51 -22.63 15.88
C ARG A 286 -29.32 -22.92 14.53
C ARG A 286 -29.47 -22.84 14.71
N PHE A 287 -29.67 -21.79 13.93
CA PHE A 287 -30.64 -21.81 12.83
C PHE A 287 -29.98 -21.90 11.46
N THR A 288 -28.91 -21.14 11.25
CA THR A 288 -28.31 -21.04 9.92
C THR A 288 -27.29 -22.14 9.69
N LYS A 289 -26.72 -22.71 10.79
CA LYS A 289 -25.94 -23.95 10.70
C LYS A 289 -24.82 -23.91 9.66
N GLU A 290 -24.02 -22.84 9.72
CA GLU A 290 -22.93 -22.60 8.76
C GLU A 290 -21.72 -22.02 9.48
N ALA A 291 -20.74 -22.85 9.80
CA ALA A 291 -19.60 -22.35 10.55
C ALA A 291 -18.99 -21.12 9.88
N GLY A 292 -18.69 -20.10 10.68
CA GLY A 292 -18.10 -18.88 10.18
C GLY A 292 -19.08 -17.77 9.86
N THR A 293 -20.38 -18.04 9.98
CA THR A 293 -21.43 -17.07 9.69
C THR A 293 -22.49 -17.11 10.79
N LEU A 294 -23.15 -15.96 11.02
CA LEU A 294 -24.30 -15.89 11.93
C LEU A 294 -25.29 -14.90 11.35
N ALA A 295 -26.59 -15.25 11.40
CA ALA A 295 -27.59 -14.23 11.11
C ALA A 295 -27.58 -13.16 12.17
N TYR A 296 -28.10 -11.97 11.84
CA TYR A 296 -28.17 -10.92 12.88
C TYR A 296 -29.03 -11.37 14.06
N TYR A 297 -30.16 -12.10 13.80
CA TYR A 297 -30.93 -12.51 14.99
C TYR A 297 -30.19 -13.52 15.86
N GLU A 298 -29.32 -14.35 15.29
CA GLU A 298 -28.44 -15.23 16.06
C GLU A 298 -27.43 -14.40 16.81
N ILE A 299 -26.95 -13.33 16.20
CA ILE A 299 -26.02 -12.43 16.89
C ILE A 299 -26.69 -11.79 18.09
N CYS A 300 -27.96 -11.41 17.94
CA CYS A 300 -28.68 -10.81 19.09
C CYS A 300 -28.69 -11.77 20.28
N ASP A 301 -28.86 -13.06 20.01
CA ASP A 301 -28.80 -14.08 21.06
C ASP A 301 -27.39 -14.11 21.67
N PHE A 302 -26.39 -14.19 20.79
CA PHE A 302 -24.97 -14.20 21.18
C PHE A 302 -24.60 -13.03 22.07
N LEU A 303 -25.20 -11.86 21.81
CA LEU A 303 -24.78 -10.65 22.52
C LEU A 303 -25.08 -10.72 24.01
N ARG A 304 -26.01 -11.57 24.42
CA ARG A 304 -26.29 -11.72 25.86
C ARG A 304 -25.07 -12.38 26.50
N GLY A 305 -24.37 -11.60 27.30
CA GLY A 305 -23.17 -12.09 27.94
C GLY A 305 -21.92 -11.70 27.19
N ALA A 306 -22.06 -11.07 26.04
CA ALA A 306 -20.89 -10.78 25.23
C ALA A 306 -20.39 -9.38 25.52
N THR A 307 -19.18 -9.09 25.04
CA THR A 307 -18.63 -7.75 25.08
C THR A 307 -18.57 -7.20 23.65
N VAL A 308 -19.07 -6.00 23.45
CA VAL A 308 -19.10 -5.37 22.13
C VAL A 308 -18.04 -4.27 22.12
N HIS A 309 -17.27 -4.18 21.02
CA HIS A 309 -16.26 -3.15 20.81
C HIS A 309 -16.49 -2.51 19.46
N ARG A 310 -16.45 -1.18 19.39
CA ARG A 310 -16.53 -0.49 18.10
C ARG A 310 -15.13 -0.35 17.57
N ILE A 311 -14.87 -0.86 16.38
CA ILE A 311 -13.53 -0.79 15.82
C ILE A 311 -13.26 0.64 15.39
N LEU A 312 -12.23 1.23 15.99
CA LEU A 312 -11.82 2.57 15.62
C LEU A 312 -11.43 2.66 14.16
N GLY A 313 -11.95 3.67 13.50
CA GLY A 313 -11.54 3.88 12.13
C GLY A 313 -12.21 2.95 11.14
N GLN A 314 -12.78 1.85 11.60
CA GLN A 314 -13.61 1.05 10.67
C GLN A 314 -15.11 1.28 10.80
N GLN A 315 -15.58 1.91 11.87
CA GLN A 315 -16.98 2.35 12.05
C GLN A 315 -17.95 1.16 12.17
N VAL A 316 -17.47 0.01 12.65
CA VAL A 316 -18.33 -1.19 12.79
C VAL A 316 -17.94 -1.92 14.07
N PRO A 317 -18.87 -2.69 14.63
CA PRO A 317 -18.60 -3.45 15.87
C PRO A 317 -18.12 -4.87 15.64
N TYR A 318 -17.41 -5.40 16.66
CA TYR A 318 -17.34 -6.85 16.82
C TYR A 318 -17.79 -7.18 18.23
N ALA A 319 -18.18 -8.41 18.42
CA ALA A 319 -18.57 -8.91 19.73
C ALA A 319 -17.77 -10.15 20.02
N THR A 320 -17.39 -10.33 21.28
CA THR A 320 -16.65 -11.51 21.66
C THR A 320 -17.20 -12.11 22.95
N LYS A 321 -17.18 -13.44 23.03
CA LYS A 321 -17.70 -14.11 24.23
C LYS A 321 -17.03 -15.47 24.28
N GLY A 322 -16.35 -15.78 25.41
CA GLY A 322 -15.64 -17.05 25.36
C GLY A 322 -14.65 -17.12 24.23
N ASN A 323 -14.51 -18.31 23.61
CA ASN A 323 -13.62 -18.41 22.49
C ASN A 323 -14.25 -18.00 21.13
N GLN A 324 -15.34 -17.24 21.14
CA GLN A 324 -15.97 -16.82 19.87
C GLN A 324 -15.84 -15.32 19.66
N TRP A 325 -15.76 -14.95 18.36
CA TRP A 325 -15.55 -13.57 17.94
C TRP A 325 -16.38 -13.37 16.68
N VAL A 326 -17.20 -12.33 16.63
CA VAL A 326 -17.96 -12.10 15.38
C VAL A 326 -17.94 -10.64 15.00
N GLY A 327 -17.71 -10.37 13.71
CA GLY A 327 -17.74 -9.00 13.19
C GLY A 327 -19.07 -8.86 12.46
N TYR A 328 -19.82 -7.81 12.80
CA TYR A 328 -21.18 -7.70 12.25
C TYR A 328 -21.53 -6.21 12.13
N ASP A 329 -22.78 -5.94 11.71
CA ASP A 329 -23.28 -4.57 11.64
C ASP A 329 -24.46 -4.45 12.61
N ASP A 330 -24.56 -3.31 13.32
CA ASP A 330 -25.71 -3.08 14.19
C ASP A 330 -26.44 -1.79 13.76
N GLN A 331 -27.43 -1.36 14.54
CA GLN A 331 -28.19 -0.19 14.08
C GLN A 331 -27.31 1.03 13.94
N GLU A 332 -26.36 1.21 14.87
CA GLU A 332 -25.44 2.35 14.77
C GLU A 332 -24.56 2.26 13.54
N SER A 333 -23.97 1.08 13.26
CA SER A 333 -23.05 1.03 12.14
C SER A 333 -23.80 1.10 10.80
N VAL A 334 -25.02 0.59 10.73
CA VAL A 334 -25.66 0.72 9.39
C VAL A 334 -26.08 2.16 9.13
N LYS A 335 -26.42 2.93 10.17
CA LYS A 335 -26.64 4.37 9.96
C LYS A 335 -25.40 5.11 9.49
N SER A 336 -24.19 4.77 10.01
CA SER A 336 -22.97 5.35 9.50
C SER A 336 -22.74 4.97 8.05
N LYS A 337 -23.03 3.71 7.68
CA LYS A 337 -22.87 3.31 6.29
C LYS A 337 -23.85 4.05 5.40
N VAL A 338 -25.07 4.33 5.90
CA VAL A 338 -25.98 5.12 5.08
C VAL A 338 -25.50 6.56 4.95
N GLN A 339 -24.98 7.16 6.05
CA GLN A 339 -24.39 8.50 5.90
C GLN A 339 -23.30 8.52 4.85
N TYR A 340 -22.44 7.48 4.86
CA TYR A 340 -21.39 7.38 3.86
C TYR A 340 -21.96 7.36 2.44
N LEU A 341 -22.95 6.50 2.20
CA LEU A 341 -23.42 6.38 0.82
C LEU A 341 -24.14 7.65 0.40
N LYS A 342 -24.81 8.31 1.35
CA LYS A 342 -25.49 9.58 0.99
C LYS A 342 -24.44 10.65 0.67
N ASP A 343 -23.33 10.64 1.41
CA ASP A 343 -22.27 11.64 1.15
C ASP A 343 -21.68 11.39 -0.25
N ARG A 344 -21.61 10.14 -0.67
CA ARG A 344 -21.06 9.78 -1.99
C ARG A 344 -22.15 9.87 -3.07
N GLN A 345 -23.37 10.26 -2.69
CA GLN A 345 -24.48 10.46 -3.66
C GLN A 345 -24.78 9.13 -4.37
N LEU A 346 -24.66 8.04 -3.62
CA LEU A 346 -24.98 6.76 -4.27
C LEU A 346 -26.50 6.60 -4.43
N ALA A 347 -26.89 5.58 -5.19
CA ALA A 347 -28.33 5.37 -5.46
C ALA A 347 -29.11 4.88 -4.24
N GLY A 348 -28.44 4.26 -3.28
CA GLY A 348 -29.13 3.76 -2.12
C GLY A 348 -28.33 2.62 -1.49
N ALA A 349 -29.06 1.77 -0.75
CA ALA A 349 -28.45 0.66 -0.03
C ALA A 349 -29.01 -0.66 -0.53
N MET A 350 -28.20 -1.72 -0.46
CA MET A 350 -28.65 -3.09 -0.74
C MET A 350 -28.45 -3.90 0.53
N VAL A 351 -29.37 -4.82 0.82
CA VAL A 351 -29.32 -5.59 2.06
C VAL A 351 -29.34 -7.08 1.73
N TRP A 352 -28.32 -7.80 2.18
CA TRP A 352 -28.34 -9.26 2.20
C TRP A 352 -28.39 -9.67 3.66
N ALA A 353 -29.51 -10.21 4.17
CA ALA A 353 -30.76 -10.55 3.44
C ALA A 353 -31.88 -10.34 4.43
N LEU A 354 -33.11 -10.20 3.94
CA LEU A 354 -34.22 -9.96 4.86
C LEU A 354 -34.44 -11.09 5.85
N ASP A 355 -34.19 -12.35 5.45
CA ASP A 355 -34.42 -13.47 6.34
C ASP A 355 -33.32 -13.64 7.37
N LEU A 356 -32.26 -12.81 7.29
CA LEU A 356 -31.19 -12.87 8.31
C LEU A 356 -31.32 -11.73 9.32
N ASP A 357 -32.04 -10.67 8.95
CA ASP A 357 -32.46 -9.67 9.93
C ASP A 357 -33.39 -10.36 10.94
N ASP A 358 -33.70 -9.66 12.04
CA ASP A 358 -34.65 -10.22 13.00
C ASP A 358 -36.07 -10.01 12.47
N PHE A 359 -36.45 -10.82 11.48
CA PHE A 359 -37.71 -10.54 10.78
C PHE A 359 -38.93 -10.83 11.65
N GLN A 360 -38.76 -11.65 12.68
CA GLN A 360 -39.80 -12.00 13.64
C GLN A 360 -39.92 -10.92 14.68
N GLY A 361 -38.82 -10.19 14.93
CA GLY A 361 -38.77 -9.19 15.97
C GLY A 361 -38.63 -9.74 17.37
N SER A 362 -38.26 -11.02 17.50
CA SER A 362 -38.34 -11.74 18.76
C SER A 362 -36.99 -12.04 19.38
N PHE A 363 -35.89 -11.68 18.73
CA PHE A 363 -34.54 -11.98 19.21
C PHE A 363 -33.81 -10.76 19.73
N CYS A 364 -34.05 -9.59 19.16
CA CYS A 364 -33.20 -8.43 19.37
C CYS A 364 -33.77 -7.50 20.43
N GLY A 365 -34.71 -8.01 21.23
CA GLY A 365 -35.07 -7.46 22.53
C GLY A 365 -35.81 -6.16 22.51
N GLN A 366 -36.15 -5.65 21.32
CA GLN A 366 -36.80 -4.36 21.18
C GLN A 366 -38.24 -4.49 20.71
N ASP A 367 -38.73 -5.72 20.44
CA ASP A 367 -40.07 -6.01 19.93
C ASP A 367 -40.23 -5.66 18.44
N LEU A 368 -39.22 -4.98 17.89
CA LEU A 368 -39.32 -4.45 16.50
C LEU A 368 -38.86 -5.47 15.45
N ARG A 369 -39.66 -5.61 14.40
CA ARG A 369 -39.28 -6.52 13.30
C ARG A 369 -38.33 -5.78 12.35
N PHE A 370 -37.41 -6.53 11.74
CA PHE A 370 -36.47 -5.94 10.75
C PHE A 370 -35.75 -4.73 11.36
N PRO A 371 -35.11 -4.90 12.54
CA PRO A 371 -34.45 -3.78 13.20
C PRO A 371 -33.33 -3.18 12.33
N LEU A 372 -32.52 -4.05 11.72
CA LEU A 372 -31.41 -3.49 10.95
C LEU A 372 -31.91 -2.84 9.66
N THR A 373 -32.85 -3.47 8.94
CA THR A 373 -33.29 -2.87 7.69
C THR A 373 -34.15 -1.61 7.93
N ASN A 374 -34.93 -1.58 9.03
CA ASN A 374 -35.61 -0.33 9.37
C ASN A 374 -34.63 0.77 9.73
N ALA A 375 -33.53 0.43 10.44
CA ALA A 375 -32.51 1.44 10.70
C ALA A 375 -31.96 2.00 9.40
N ILE A 376 -31.73 1.15 8.40
CA ILE A 376 -31.27 1.63 7.09
C ILE A 376 -32.31 2.53 6.46
N LYS A 377 -33.56 2.06 6.41
CA LYS A 377 -34.66 2.84 5.83
C LYS A 377 -34.76 4.21 6.49
N ASP A 378 -34.71 4.23 7.83
CA ASP A 378 -34.83 5.48 8.58
C ASP A 378 -33.66 6.40 8.27
N ALA A 379 -32.43 5.85 8.20
CA ALA A 379 -31.31 6.72 7.87
C ALA A 379 -31.41 7.26 6.45
N LEU A 380 -31.93 6.48 5.51
CA LEU A 380 -32.02 6.96 4.14
C LEU A 380 -33.00 8.11 4.06
N ALA A 381 -34.05 8.05 4.88
CA ALA A 381 -35.11 9.04 4.92
C ALA A 381 -34.72 10.29 5.71
N ALA A 382 -33.74 10.18 6.58
CA ALA A 382 -33.33 11.27 7.46
C ALA A 382 -32.80 12.46 6.68
N THR A 383 -33.01 13.64 7.24
CA THR A 383 -32.47 14.87 6.68
C THR A 383 -31.62 15.63 7.72
N TYR B 22 3.97 -0.71 -33.89
CA TYR B 22 4.20 0.18 -32.73
C TYR B 22 4.29 1.62 -33.23
N LYS B 23 3.93 2.55 -32.36
CA LYS B 23 4.18 3.96 -32.56
C LYS B 23 5.46 4.34 -31.84
N LEU B 24 6.17 5.33 -32.38
CA LEU B 24 7.28 5.98 -31.66
C LEU B 24 7.00 7.47 -31.76
N VAL B 25 6.48 8.01 -30.67
CA VAL B 25 5.98 9.37 -30.61
C VAL B 25 7.07 10.23 -29.97
N CYS B 26 7.54 11.25 -30.66
CA CYS B 26 8.72 12.00 -30.22
C CYS B 26 8.42 13.47 -30.19
N TYR B 27 8.81 14.13 -29.09
CA TYR B 27 8.57 15.55 -28.96
C TYR B 27 9.77 16.37 -29.42
N TYR B 28 9.47 17.51 -30.08
CA TYR B 28 10.47 18.53 -30.34
C TYR B 28 9.98 19.79 -29.65
N THR B 29 10.88 20.50 -28.93
CA THR B 29 10.52 21.71 -28.20
C THR B 29 11.06 22.97 -28.87
N SER B 30 10.20 23.95 -29.07
CA SER B 30 10.57 25.09 -29.89
C SER B 30 11.61 25.98 -29.20
N TRP B 31 11.71 25.92 -27.85
CA TRP B 31 12.70 26.76 -27.19
C TRP B 31 14.10 26.17 -27.26
N SER B 32 14.25 24.94 -27.75
CA SER B 32 15.60 24.37 -27.85
C SER B 32 16.41 25.02 -28.97
N GLN B 33 15.76 25.78 -29.85
CA GLN B 33 16.49 26.54 -30.85
C GLN B 33 17.43 27.57 -30.25
N TYR B 34 17.19 27.99 -28.99
CA TYR B 34 17.93 29.09 -28.38
C TYR B 34 19.18 28.63 -27.64
N ARG B 35 19.37 27.33 -27.51
CA ARG B 35 20.50 26.88 -26.71
C ARG B 35 21.83 27.23 -27.38
N GLU B 36 22.84 27.49 -26.54
CA GLU B 36 24.13 27.92 -27.01
C GLU B 36 24.76 26.89 -27.93
N GLY B 37 25.49 27.36 -28.95
CA GLY B 37 26.37 26.46 -29.69
C GLY B 37 25.73 25.16 -30.16
N ASP B 38 26.37 24.01 -29.85
CA ASP B 38 25.96 22.71 -30.36
C ASP B 38 24.63 22.26 -29.77
N GLY B 39 24.13 22.96 -28.76
CA GLY B 39 22.83 22.60 -28.19
C GLY B 39 21.65 23.14 -28.96
N SER B 40 21.87 24.15 -29.81
CA SER B 40 20.74 24.69 -30.60
C SER B 40 20.15 23.62 -31.51
N CYS B 41 18.81 23.45 -31.46
CA CYS B 41 18.14 22.39 -32.21
C CYS B 41 16.95 22.99 -32.96
N PHE B 42 16.97 22.88 -34.29
CA PHE B 42 15.85 23.24 -35.17
C PHE B 42 15.27 22.01 -35.79
N PRO B 43 14.03 22.05 -36.33
CA PRO B 43 13.45 20.81 -36.85
C PRO B 43 14.20 20.23 -38.05
N ASP B 44 14.99 21.02 -38.80
CA ASP B 44 15.74 20.41 -39.89
C ASP B 44 16.92 19.56 -39.41
N ALA B 45 17.19 19.49 -38.10
CA ALA B 45 18.16 18.55 -37.56
C ALA B 45 17.55 17.20 -37.26
N LEU B 46 16.26 17.04 -37.43
CA LEU B 46 15.59 15.84 -37.00
C LEU B 46 15.60 14.83 -38.16
N ASP B 47 15.78 13.58 -37.80
CA ASP B 47 15.75 12.47 -38.76
C ASP B 47 14.29 12.13 -39.10
N ARG B 48 13.91 12.29 -40.40
CA ARG B 48 12.51 12.11 -40.77
C ARG B 48 12.08 10.66 -40.66
N PHE B 49 12.99 9.69 -40.60
CA PHE B 49 12.59 8.30 -40.49
C PHE B 49 12.76 7.72 -39.09
N LEU B 50 13.10 8.55 -38.13
CA LEU B 50 13.36 8.06 -36.76
C LEU B 50 12.06 7.68 -36.03
N CYS B 51 11.08 8.57 -36.03
CA CYS B 51 9.82 8.40 -35.31
C CYS B 51 8.66 8.20 -36.27
N THR B 52 7.55 7.67 -35.73
CA THR B 52 6.31 7.62 -36.51
C THR B 52 5.49 8.89 -36.33
N HIS B 53 5.62 9.59 -35.20
CA HIS B 53 4.89 10.81 -34.94
C HIS B 53 5.84 11.79 -34.30
N ILE B 54 5.91 13.03 -34.79
CA ILE B 54 6.63 14.09 -34.09
C ILE B 54 5.64 15.14 -33.63
N ILE B 55 5.74 15.51 -32.36
CA ILE B 55 4.84 16.48 -31.75
C ILE B 55 5.65 17.71 -31.43
N TYR B 56 5.17 18.86 -31.89
CA TYR B 56 5.81 20.18 -31.69
C TYR B 56 5.26 20.83 -30.43
N SER B 57 6.14 21.23 -29.49
CA SER B 57 5.71 21.82 -28.22
C SER B 57 6.29 23.22 -28.09
N PHE B 58 5.49 24.24 -27.73
CA PHE B 58 4.03 24.20 -27.43
C PHE B 58 3.36 25.34 -28.21
N ALA B 59 2.06 25.18 -28.42
CA ALA B 59 1.20 26.26 -28.86
C ALA B 59 0.56 26.95 -27.67
N ASN B 60 0.19 28.20 -27.86
CA ASN B 60 -0.47 29.04 -26.88
C ASN B 60 -1.97 28.96 -27.09
N ILE B 61 -2.73 29.46 -26.12
CA ILE B 61 -4.15 29.79 -26.31
C ILE B 61 -4.27 31.25 -25.94
N SER B 62 -4.82 32.04 -26.85
CA SER B 62 -4.89 33.47 -26.65
C SER B 62 -6.26 33.92 -27.15
N ASN B 63 -7.03 34.64 -26.32
CA ASN B 63 -8.39 35.04 -26.71
C ASN B 63 -9.22 33.80 -27.09
N ASP B 64 -8.98 32.71 -26.37
CA ASP B 64 -9.67 31.42 -26.49
C ASP B 64 -9.39 30.72 -27.83
N HIS B 65 -8.38 31.14 -28.60
CA HIS B 65 -8.03 30.50 -29.85
C HIS B 65 -6.65 29.90 -29.71
N ILE B 66 -6.44 28.70 -30.28
CA ILE B 66 -5.09 28.20 -30.37
C ILE B 66 -4.25 29.19 -31.18
N ASP B 67 -2.97 29.35 -30.78
CA ASP B 67 -2.17 30.38 -31.43
C ASP B 67 -0.69 30.03 -31.30
N THR B 68 0.10 30.72 -32.09
CA THR B 68 1.55 30.51 -32.03
C THR B 68 2.12 31.02 -30.71
N TRP B 69 3.36 30.61 -30.45
CA TRP B 69 4.04 30.98 -29.20
C TRP B 69 5.37 31.67 -29.51
N GLU B 70 6.32 31.00 -30.15
CA GLU B 70 7.57 31.66 -30.53
C GLU B 70 7.35 32.53 -31.75
N TRP B 71 8.17 33.58 -31.85
CA TRP B 71 8.05 34.52 -32.97
C TRP B 71 8.18 33.82 -34.31
N ASN B 72 8.96 32.73 -34.38
CA ASN B 72 9.24 32.07 -35.63
C ASN B 72 8.54 30.71 -35.75
N ASP B 73 7.45 30.51 -35.00
CA ASP B 73 6.73 29.24 -35.03
C ASP B 73 6.31 28.88 -36.46
N VAL B 74 5.87 29.86 -37.28
CA VAL B 74 5.36 29.46 -38.59
C VAL B 74 6.48 28.92 -39.45
N THR B 75 7.70 29.50 -39.34
CA THR B 75 8.86 28.95 -40.02
C THR B 75 9.19 27.57 -39.50
N LEU B 76 9.22 27.40 -38.17
CA LEU B 76 9.67 26.13 -37.64
C LEU B 76 8.61 25.03 -37.87
N TYR B 77 7.31 25.39 -37.87
CA TYR B 77 6.30 24.43 -38.28
C TYR B 77 6.60 23.91 -39.69
N GLY B 78 6.91 24.83 -40.60
CA GLY B 78 7.19 24.40 -41.96
C GLY B 78 8.41 23.52 -42.03
N MET B 79 9.47 23.87 -41.29
N MET B 79 9.43 23.84 -41.23
CA MET B 79 10.65 23.00 -41.22
CA MET B 79 10.65 23.04 -41.22
C MET B 79 10.29 21.60 -40.75
C MET B 79 10.38 21.63 -40.68
N LEU B 80 9.45 21.49 -39.73
CA LEU B 80 9.07 20.18 -39.25
C LEU B 80 8.25 19.45 -40.30
N ASN B 81 7.25 20.13 -40.85
CA ASN B 81 6.35 19.41 -41.75
C ASN B 81 7.00 19.08 -43.08
N THR B 82 8.06 19.81 -43.49
CA THR B 82 8.75 19.39 -44.70
CA THR B 82 8.80 19.40 -44.68
C THR B 82 9.35 17.99 -44.54
N LEU B 83 9.53 17.51 -43.29
CA LEU B 83 10.08 16.17 -43.12
C LEU B 83 9.16 15.10 -43.71
N LYS B 84 7.86 15.40 -43.86
CA LYS B 84 6.93 14.42 -44.41
C LYS B 84 7.07 14.29 -45.93
N ASN B 85 7.79 15.20 -46.59
CA ASN B 85 7.89 15.14 -48.05
C ASN B 85 8.53 13.82 -48.48
N ARG B 86 9.62 13.42 -47.81
CA ARG B 86 10.30 12.18 -48.15
C ARG B 86 9.88 11.00 -47.28
N ASN B 87 9.03 11.24 -46.27
CA ASN B 87 8.48 10.17 -45.45
C ASN B 87 6.97 10.32 -45.35
N PRO B 88 6.22 9.81 -46.30
CA PRO B 88 4.76 9.99 -46.25
C PRO B 88 4.05 9.39 -45.05
N ASN B 89 4.65 8.38 -44.40
CA ASN B 89 4.01 7.81 -43.23
C ASN B 89 4.20 8.67 -41.99
N LEU B 90 5.13 9.65 -42.01
CA LEU B 90 5.34 10.43 -40.78
C LEU B 90 4.13 11.31 -40.48
N LYS B 91 3.71 11.33 -39.20
CA LYS B 91 2.62 12.18 -38.77
C LYS B 91 3.16 13.25 -37.83
N THR B 92 2.60 14.45 -37.87
CA THR B 92 2.97 15.53 -36.96
C THR B 92 1.76 15.99 -36.17
N LEU B 93 1.98 16.37 -34.94
CA LEU B 93 0.91 16.97 -34.13
C LEU B 93 1.47 18.20 -33.45
N LEU B 94 0.57 19.09 -33.05
CA LEU B 94 0.90 20.34 -32.35
C LEU B 94 0.41 20.19 -30.93
N SER B 95 1.32 20.40 -29.93
CA SER B 95 0.92 20.21 -28.53
C SER B 95 0.58 21.56 -27.92
N VAL B 96 -0.59 21.69 -27.30
CA VAL B 96 -1.03 22.97 -26.76
C VAL B 96 -0.99 22.90 -25.25
N GLY B 97 -0.36 23.89 -24.62
CA GLY B 97 -0.29 23.91 -23.15
C GLY B 97 1.13 23.97 -22.66
N GLY B 98 1.50 23.02 -21.81
CA GLY B 98 2.83 22.93 -21.23
C GLY B 98 2.79 23.17 -19.73
N TRP B 99 3.94 22.98 -19.09
CA TRP B 99 3.94 23.00 -17.63
C TRP B 99 4.20 24.38 -17.05
N ASN B 100 4.52 25.38 -17.88
CA ASN B 100 4.56 26.77 -17.47
C ASN B 100 3.51 27.59 -18.23
N PHE B 101 2.43 26.93 -18.64
CA PHE B 101 1.28 27.57 -19.22
C PHE B 101 0.41 28.05 -18.07
N GLY B 102 -0.24 29.20 -18.25
CA GLY B 102 -1.21 29.68 -17.26
C GLY B 102 -1.98 28.62 -16.47
N SER B 103 -2.53 27.60 -17.16
CA SER B 103 -3.16 26.40 -16.53
C SER B 103 -4.44 26.73 -15.76
N GLN B 104 -4.41 27.72 -14.86
CA GLN B 104 -5.70 28.20 -14.30
C GLN B 104 -6.29 28.86 -15.53
N ARG B 105 -5.43 29.08 -16.52
CA ARG B 105 -5.90 29.63 -17.82
C ARG B 105 -6.58 28.53 -18.62
N PHE B 106 -6.04 27.30 -18.63
CA PHE B 106 -6.74 26.19 -19.29
C PHE B 106 -8.08 25.93 -18.61
N SER B 107 -8.09 26.00 -17.27
CA SER B 107 -9.29 25.72 -16.49
C SER B 107 -10.42 26.64 -16.89
N LYS B 108 -10.13 27.94 -16.95
CA LYS B 108 -11.13 28.92 -17.35
C LYS B 108 -11.66 28.63 -18.75
N ILE B 109 -10.78 28.17 -19.65
CA ILE B 109 -11.21 27.88 -21.01
C ILE B 109 -12.13 26.66 -21.04
N ALA B 110 -11.76 25.58 -20.33
CA ALA B 110 -12.53 24.33 -20.40
C ALA B 110 -13.86 24.38 -19.63
N SER B 111 -13.99 25.27 -18.67
CA SER B 111 -15.19 25.28 -17.85
C SER B 111 -16.26 26.20 -18.43
N ASN B 112 -15.87 27.16 -19.23
CA ASN B 112 -16.83 28.10 -19.84
C ASN B 112 -17.30 27.59 -21.21
N THR B 113 -18.61 27.42 -21.38
CA THR B 113 -19.12 26.80 -22.60
C THR B 113 -18.71 27.58 -23.84
N GLN B 114 -18.80 28.92 -23.80
CA GLN B 114 -18.48 29.73 -24.97
C GLN B 114 -16.99 29.66 -25.27
N SER B 115 -16.15 29.81 -24.24
CA SER B 115 -14.70 29.76 -24.45
C SER B 115 -14.28 28.39 -24.95
N ARG B 116 -14.87 27.33 -24.38
CA ARG B 116 -14.57 25.97 -24.85
C ARG B 116 -14.87 25.84 -26.34
N ARG B 117 -16.05 26.29 -26.76
CA ARG B 117 -16.43 26.15 -28.15
C ARG B 117 -15.50 26.96 -29.04
N THR B 118 -15.17 28.19 -28.63
CA THR B 118 -14.26 29.02 -29.41
C THR B 118 -12.93 28.31 -29.63
N PHE B 119 -12.39 27.74 -28.55
CA PHE B 119 -11.12 27.05 -28.65
C PHE B 119 -11.24 25.85 -29.56
N ILE B 120 -12.25 25.00 -29.31
CA ILE B 120 -12.39 23.83 -30.14
C ILE B 120 -12.53 24.23 -31.60
N LYS B 121 -13.40 25.24 -31.89
CA LYS B 121 -13.63 25.67 -33.26
C LYS B 121 -12.35 26.16 -33.91
N SER B 122 -11.44 26.75 -33.11
CA SER B 122 -10.21 27.33 -33.66
C SER B 122 -9.21 26.25 -34.06
N VAL B 123 -9.35 25.02 -33.54
CA VAL B 123 -8.23 24.09 -33.69
C VAL B 123 -8.12 23.48 -35.11
N PRO B 124 -9.16 22.94 -35.75
CA PRO B 124 -8.93 22.34 -37.07
C PRO B 124 -8.42 23.32 -38.10
N PRO B 125 -8.96 24.55 -38.18
CA PRO B 125 -8.40 25.51 -39.17
C PRO B 125 -6.93 25.79 -38.91
N PHE B 126 -6.56 25.88 -37.63
CA PHE B 126 -5.14 26.15 -37.35
C PHE B 126 -4.28 24.98 -37.80
N LEU B 127 -4.70 23.75 -37.47
CA LEU B 127 -3.92 22.58 -37.86
C LEU B 127 -3.83 22.46 -39.37
N ARG B 128 -4.97 22.63 -40.08
CA ARG B 128 -4.87 22.51 -41.53
C ARG B 128 -4.02 23.61 -42.12
N THR B 129 -4.21 24.85 -41.63
CA THR B 129 -3.42 25.97 -42.13
C THR B 129 -1.92 25.76 -41.96
N HIS B 130 -1.53 25.13 -40.85
CA HIS B 130 -0.11 25.02 -40.54
C HIS B 130 0.44 23.64 -40.81
N GLY B 131 -0.36 22.75 -41.41
CA GLY B 131 0.14 21.48 -41.92
C GLY B 131 0.30 20.36 -40.90
N PHE B 132 -0.41 20.41 -39.79
CA PHE B 132 -0.34 19.37 -38.77
C PHE B 132 -1.42 18.32 -38.96
N ASP B 133 -1.11 17.12 -38.51
CA ASP B 133 -2.04 16.00 -38.62
C ASP B 133 -2.93 15.84 -37.39
N GLY B 134 -2.67 16.58 -36.31
CA GLY B 134 -3.50 16.39 -35.13
C GLY B 134 -3.07 17.33 -34.02
N LEU B 135 -3.81 17.24 -32.90
CA LEU B 135 -3.55 18.07 -31.70
C LEU B 135 -3.18 17.18 -30.51
N ASP B 136 -2.19 17.61 -29.75
CA ASP B 136 -1.82 16.91 -28.51
C ASP B 136 -2.21 17.86 -27.37
N LEU B 137 -3.04 17.38 -26.46
CA LEU B 137 -3.46 18.21 -25.31
C LEU B 137 -2.40 18.09 -24.20
N ALA B 138 -1.81 19.22 -23.81
CA ALA B 138 -0.80 19.24 -22.76
C ALA B 138 -1.26 20.18 -21.65
N TRP B 139 -2.41 19.87 -21.06
CA TRP B 139 -2.86 20.58 -19.87
C TRP B 139 -2.15 19.95 -18.67
N LEU B 140 -1.19 20.68 -18.13
CA LEU B 140 -0.30 20.15 -17.09
C LEU B 140 -0.45 21.02 -15.85
N TYR B 141 -1.49 20.76 -15.03
CA TYR B 141 -2.40 19.60 -15.06
C TYR B 141 -3.78 20.07 -14.64
N PRO B 142 -4.84 19.38 -15.03
CA PRO B 142 -6.16 19.76 -14.56
C PRO B 142 -6.21 19.61 -13.05
N GLY B 143 -7.00 20.44 -12.42
CA GLY B 143 -7.17 20.28 -10.97
C GLY B 143 -8.28 19.30 -10.66
N ARG B 144 -8.49 19.01 -9.37
N ARG B 144 -8.49 19.01 -9.37
CA ARG B 144 -9.57 18.09 -8.96
CA ARG B 144 -9.57 18.09 -8.96
C ARG B 144 -10.92 18.67 -9.38
C ARG B 144 -10.92 18.67 -9.38
N ARG B 145 -11.02 20.00 -9.47
CA ARG B 145 -12.29 20.66 -9.85
C ARG B 145 -12.45 20.68 -11.38
N ASP B 146 -11.41 20.26 -12.11
CA ASP B 146 -11.43 20.26 -13.57
C ASP B 146 -11.63 18.89 -14.20
N LYS B 147 -11.69 17.81 -13.43
CA LYS B 147 -11.71 16.46 -14.02
C LYS B 147 -12.80 16.33 -15.06
N GLN B 148 -14.03 16.76 -14.72
CA GLN B 148 -15.11 16.52 -15.66
C GLN B 148 -15.01 17.45 -16.85
N HIS B 149 -14.59 18.69 -16.61
CA HIS B 149 -14.42 19.61 -17.73
C HIS B 149 -13.35 19.12 -18.70
N PHE B 150 -12.29 18.48 -18.19
CA PHE B 150 -11.29 17.85 -19.08
C PHE B 150 -11.93 16.75 -19.94
N THR B 151 -12.79 15.90 -19.37
CA THR B 151 -13.48 14.91 -20.19
C THR B 151 -14.33 15.56 -21.28
N THR B 152 -15.09 16.60 -20.91
CA THR B 152 -15.95 17.29 -21.87
C THR B 152 -15.12 17.94 -22.96
N LEU B 153 -14.01 18.56 -22.55
CA LEU B 153 -13.12 19.20 -23.54
C LEU B 153 -12.68 18.16 -24.57
N ILE B 154 -12.19 17.01 -24.09
CA ILE B 154 -11.72 15.95 -24.97
C ILE B 154 -12.85 15.42 -25.86
N LYS B 155 -14.00 15.12 -25.26
CA LYS B 155 -15.14 14.62 -26.00
C LYS B 155 -15.54 15.54 -27.14
N GLU B 156 -15.66 16.82 -26.82
CA GLU B 156 -16.13 17.80 -27.81
C GLU B 156 -15.06 18.11 -28.84
N MET B 157 -13.78 18.11 -28.43
CA MET B 157 -12.74 18.30 -29.43
C MET B 157 -12.74 17.17 -30.44
N LYS B 158 -12.84 15.93 -29.96
CA LYS B 158 -12.89 14.78 -30.86
C LYS B 158 -14.11 14.86 -31.78
N ALA B 159 -15.26 15.24 -31.21
CA ALA B 159 -16.45 15.40 -32.05
C ALA B 159 -16.23 16.41 -33.16
N GLU B 160 -15.54 17.52 -32.88
CA GLU B 160 -15.27 18.51 -33.93
C GLU B 160 -14.32 17.93 -34.98
N PHE B 161 -13.32 17.13 -34.57
CA PHE B 161 -12.43 16.49 -35.53
C PHE B 161 -13.20 15.53 -36.45
N ILE B 162 -14.13 14.78 -35.87
CA ILE B 162 -14.96 13.89 -36.68
C ILE B 162 -15.77 14.69 -37.69
N LYS B 163 -16.39 15.78 -37.24
CA LYS B 163 -17.24 16.60 -38.08
C LYS B 163 -16.41 17.27 -39.19
N GLU B 164 -15.22 17.77 -38.84
CA GLU B 164 -14.40 18.46 -39.84
C GLU B 164 -14.00 17.57 -40.98
N ALA B 165 -13.86 16.28 -40.71
CA ALA B 165 -13.32 15.32 -41.66
C ALA B 165 -14.40 14.57 -42.42
N GLN B 166 -15.65 14.64 -41.95
CA GLN B 166 -16.75 13.72 -42.29
C GLN B 166 -16.96 13.69 -43.80
N PRO B 167 -16.76 14.79 -44.46
CA PRO B 167 -16.65 14.56 -45.92
C PRO B 167 -15.26 14.13 -46.37
N GLY B 168 -14.94 12.85 -46.17
CA GLY B 168 -13.76 12.22 -46.76
C GLY B 168 -12.35 12.73 -46.50
N LYS B 169 -12.15 13.61 -45.51
CA LYS B 169 -10.80 14.08 -45.18
C LYS B 169 -10.11 13.02 -44.33
N LYS B 170 -8.78 13.08 -44.28
CA LYS B 170 -8.04 12.32 -43.28
C LYS B 170 -8.29 12.98 -41.91
N GLN B 171 -8.94 12.26 -41.01
CA GLN B 171 -9.39 12.85 -39.76
C GLN B 171 -8.19 13.30 -38.91
N LEU B 172 -8.33 14.47 -38.29
CA LEU B 172 -7.26 14.93 -37.40
C LEU B 172 -7.15 13.99 -36.22
N LEU B 173 -5.90 13.76 -35.77
CA LEU B 173 -5.64 12.95 -34.58
C LEU B 173 -5.78 13.78 -33.31
N LEU B 174 -6.24 13.12 -32.25
CA LEU B 174 -6.26 13.78 -30.94
C LEU B 174 -5.51 12.92 -29.96
N SER B 175 -4.49 13.49 -29.32
CA SER B 175 -3.80 12.79 -28.26
C SER B 175 -3.78 13.66 -27.01
N ALA B 176 -3.31 13.05 -25.90
CA ALA B 176 -3.06 13.83 -24.68
C ALA B 176 -1.85 13.26 -23.96
N ALA B 177 -1.09 14.15 -23.35
CA ALA B 177 0.04 13.80 -22.51
C ALA B 177 -0.47 13.82 -21.08
N LEU B 178 -0.43 12.68 -20.43
CA LEU B 178 -1.01 12.49 -19.07
C LEU B 178 0.06 12.16 -18.04
N SER B 179 -0.10 12.78 -16.86
CA SER B 179 0.76 12.42 -15.73
C SER B 179 0.76 10.91 -15.46
N ALA B 180 1.93 10.41 -14.99
CA ALA B 180 2.02 9.06 -14.49
C ALA B 180 1.93 9.00 -12.98
N GLY B 181 1.74 10.17 -12.32
CA GLY B 181 1.68 10.20 -10.84
C GLY B 181 0.31 9.81 -10.36
N LYS B 182 0.28 8.84 -9.44
CA LYS B 182 -1.03 8.32 -9.03
C LYS B 182 -1.93 9.42 -8.48
N VAL B 183 -1.40 10.33 -7.65
CA VAL B 183 -2.25 11.37 -7.06
C VAL B 183 -2.86 12.25 -8.13
N THR B 184 -2.06 12.61 -9.17
CA THR B 184 -2.61 13.44 -10.26
C THR B 184 -3.60 12.64 -11.10
N ILE B 185 -3.27 11.39 -11.42
CA ILE B 185 -4.23 10.56 -12.16
C ILE B 185 -5.57 10.50 -11.42
N ASP B 186 -5.52 10.27 -10.10
CA ASP B 186 -6.77 10.14 -9.38
C ASP B 186 -7.52 11.44 -9.25
N SER B 187 -6.81 12.55 -9.16
CA SER B 187 -7.50 13.81 -8.99
CA SER B 187 -7.45 13.86 -8.99
C SER B 187 -7.95 14.42 -10.31
N SER B 188 -7.21 14.20 -11.39
CA SER B 188 -7.38 15.02 -12.62
C SER B 188 -8.07 14.34 -13.77
N TYR B 189 -8.02 13.03 -13.87
CA TYR B 189 -8.42 12.30 -15.08
C TYR B 189 -9.54 11.30 -14.85
N ASP B 190 -10.50 11.25 -15.76
CA ASP B 190 -11.43 10.14 -15.85
C ASP B 190 -10.93 9.26 -16.99
N ILE B 191 -10.04 8.33 -16.64
CA ILE B 191 -9.32 7.56 -17.64
C ILE B 191 -10.25 6.78 -18.53
N ALA B 192 -11.26 6.12 -17.95
CA ALA B 192 -12.14 5.30 -18.78
C ALA B 192 -12.82 6.15 -19.84
N LYS B 193 -13.28 7.34 -19.48
CA LYS B 193 -14.03 8.13 -20.49
C LYS B 193 -13.09 8.76 -21.50
N ILE B 194 -11.99 9.36 -21.02
CA ILE B 194 -11.20 10.10 -22.03
C ILE B 194 -10.52 9.15 -22.98
N SER B 195 -10.17 7.94 -22.53
CA SER B 195 -9.55 6.94 -23.39
C SER B 195 -10.47 6.57 -24.57
N GLN B 196 -11.78 6.69 -24.44
CA GLN B 196 -12.67 6.40 -25.59
C GLN B 196 -12.42 7.34 -26.72
N HIS B 197 -12.13 8.61 -26.40
CA HIS B 197 -12.10 9.66 -27.42
C HIS B 197 -10.70 9.96 -27.92
N LEU B 198 -9.69 9.61 -27.16
CA LEU B 198 -8.36 9.94 -27.60
C LEU B 198 -7.86 8.88 -28.56
N ASP B 199 -7.08 9.30 -29.55
CA ASP B 199 -6.47 8.31 -30.42
C ASP B 199 -5.31 7.60 -29.75
N PHE B 200 -4.54 8.34 -28.93
CA PHE B 200 -3.55 7.70 -28.06
C PHE B 200 -3.30 8.60 -26.87
N ILE B 201 -2.83 7.98 -25.77
CA ILE B 201 -2.47 8.64 -24.51
C ILE B 201 -0.96 8.44 -24.38
N SER B 202 -0.23 9.53 -24.16
CA SER B 202 1.19 9.37 -23.83
C SER B 202 1.31 9.52 -22.32
N ILE B 203 1.79 8.47 -21.65
CA ILE B 203 1.93 8.54 -20.20
C ILE B 203 3.34 8.98 -19.83
N MET B 204 3.42 10.01 -18.98
CA MET B 204 4.72 10.65 -18.65
C MET B 204 5.44 9.93 -17.51
N THR B 205 5.90 8.71 -17.85
CA THR B 205 6.54 7.79 -16.86
C THR B 205 8.00 8.21 -16.58
N TYR B 206 8.13 9.38 -15.95
CA TYR B 206 9.43 9.95 -15.54
C TYR B 206 9.11 11.10 -14.59
N ASP B 207 10.16 11.82 -14.12
CA ASP B 207 9.98 12.87 -13.08
C ASP B 207 9.35 12.32 -11.79
N PHE B 208 9.67 11.08 -11.42
CA PHE B 208 9.11 10.47 -10.21
C PHE B 208 9.78 10.77 -8.87
N HIS B 209 10.93 11.39 -8.81
CA HIS B 209 11.61 11.55 -7.45
C HIS B 209 12.16 12.97 -7.22
N GLY B 210 11.30 13.87 -6.71
CA GLY B 210 11.70 15.26 -6.58
C GLY B 210 12.75 15.43 -5.49
N ALA B 211 13.54 16.48 -5.63
CA ALA B 211 14.61 16.75 -4.63
C ALA B 211 14.04 17.12 -3.25
N TRP B 212 12.75 17.50 -3.15
CA TRP B 212 12.17 17.85 -1.83
C TRP B 212 12.25 16.67 -0.84
N ARG B 213 12.43 15.44 -1.33
CA ARG B 213 12.55 14.29 -0.44
C ARG B 213 13.88 14.26 0.33
N GLY B 214 14.87 15.01 -0.10
CA GLY B 214 16.13 15.02 0.67
C GLY B 214 17.03 13.85 0.40
N THR B 215 16.70 12.99 -0.57
CA THR B 215 17.46 11.79 -0.85
C THR B 215 17.62 11.66 -2.35
N THR B 216 18.68 10.94 -2.77
CA THR B 216 18.74 10.58 -4.19
C THR B 216 17.69 9.50 -4.49
N GLY B 217 17.22 9.51 -5.72
CA GLY B 217 16.38 8.45 -6.25
C GLY B 217 16.24 8.63 -7.74
N HIS B 218 16.01 7.53 -8.44
CA HIS B 218 15.89 7.57 -9.88
C HIS B 218 14.50 8.10 -10.25
N HIS B 219 14.48 9.05 -11.21
CA HIS B 219 13.18 9.65 -11.59
C HIS B 219 12.40 8.82 -12.57
N SER B 220 12.98 7.76 -13.16
CA SER B 220 12.22 6.95 -14.12
C SER B 220 12.59 5.48 -14.00
N PRO B 221 12.36 4.88 -12.83
CA PRO B 221 12.65 3.46 -12.70
C PRO B 221 11.61 2.64 -13.44
N LEU B 222 12.01 1.50 -13.97
CA LEU B 222 11.05 0.63 -14.64
C LEU B 222 10.15 -0.06 -13.61
N PHE B 223 10.76 -0.69 -12.59
CA PHE B 223 10.04 -1.33 -11.51
C PHE B 223 10.35 -0.65 -10.17
N ARG B 224 9.52 -0.95 -9.18
CA ARG B 224 9.75 -0.45 -7.82
C ARG B 224 11.15 -0.81 -7.30
N GLY B 225 11.59 -2.05 -7.52
CA GLY B 225 12.91 -2.52 -7.05
C GLY B 225 12.89 -2.74 -5.54
N GLN B 226 14.05 -2.64 -4.93
CA GLN B 226 14.22 -3.03 -3.52
C GLN B 226 13.16 -2.37 -2.65
N GLU B 227 12.33 -3.19 -2.00
CA GLU B 227 11.12 -2.65 -1.39
C GLU B 227 11.42 -1.64 -0.27
N ASP B 228 12.43 -1.92 0.58
CA ASP B 228 12.62 -1.01 1.70
C ASP B 228 13.41 0.25 1.30
N ALA B 229 13.80 0.40 0.03
CA ALA B 229 14.52 1.56 -0.44
C ALA B 229 13.60 2.48 -1.20
N SER B 230 12.31 2.08 -1.36
CA SER B 230 11.29 2.75 -2.18
C SER B 230 10.38 3.60 -1.32
N PRO B 231 10.20 4.88 -1.67
CA PRO B 231 9.21 5.72 -0.95
C PRO B 231 7.79 5.19 -1.02
N ASP B 232 7.41 4.76 -2.20
CA ASP B 232 6.04 4.23 -2.35
C ASP B 232 6.07 3.13 -3.40
N ARG B 233 4.94 2.47 -3.57
CA ARG B 233 4.87 1.44 -4.62
C ARG B 233 4.43 2.09 -5.94
N PHE B 234 4.12 3.38 -5.93
CA PHE B 234 3.50 3.99 -7.13
C PHE B 234 4.47 4.81 -8.00
N SER B 235 5.63 5.19 -7.49
CA SER B 235 6.48 6.11 -8.28
C SER B 235 7.44 5.38 -9.21
N ASN B 236 6.85 4.61 -10.13
CA ASN B 236 7.66 3.85 -11.09
C ASN B 236 6.82 3.59 -12.33
N THR B 237 7.51 3.31 -13.44
CA THR B 237 6.83 3.12 -14.75
C THR B 237 5.82 1.98 -14.72
N ASP B 238 6.20 0.85 -14.14
CA ASP B 238 5.33 -0.35 -14.13
C ASP B 238 4.00 -0.05 -13.44
N TYR B 239 4.06 0.57 -12.27
CA TYR B 239 2.80 0.82 -11.54
C TYR B 239 1.91 1.73 -12.39
N ALA B 240 2.51 2.77 -12.93
CA ALA B 240 1.70 3.74 -13.68
C ALA B 240 1.07 3.10 -14.91
N VAL B 241 1.79 2.25 -15.67
CA VAL B 241 1.21 1.56 -16.82
C VAL B 241 0.12 0.63 -16.35
N GLY B 242 0.42 -0.21 -15.35
CA GLY B 242 -0.64 -1.13 -14.90
C GLY B 242 -1.86 -0.41 -14.40
N TYR B 243 -1.69 0.73 -13.73
CA TYR B 243 -2.85 1.46 -13.16
C TYR B 243 -3.72 2.00 -14.29
N MET B 244 -3.09 2.62 -15.28
CA MET B 244 -3.91 3.23 -16.36
C MET B 244 -4.63 2.10 -17.12
N LEU B 245 -4.01 0.94 -17.22
CA LEU B 245 -4.69 -0.21 -17.87
C LEU B 245 -5.88 -0.64 -16.99
N ARG B 246 -5.67 -0.74 -15.68
CA ARG B 246 -6.78 -1.13 -14.80
CA ARG B 246 -6.77 -1.14 -14.79
C ARG B 246 -7.91 -0.13 -14.84
N LEU B 247 -7.61 1.17 -14.98
CA LEU B 247 -8.62 2.22 -15.00
C LEU B 247 -9.36 2.26 -16.32
N GLY B 248 -8.89 1.52 -17.30
CA GLY B 248 -9.65 1.39 -18.54
C GLY B 248 -9.02 1.99 -19.78
N ALA B 249 -7.76 2.39 -19.73
CA ALA B 249 -7.12 2.82 -20.98
C ALA B 249 -6.74 1.57 -21.76
N PRO B 250 -7.18 1.41 -23.01
CA PRO B 250 -6.81 0.22 -23.74
C PRO B 250 -5.32 0.21 -23.99
N ALA B 251 -4.73 -0.98 -23.89
CA ALA B 251 -3.29 -1.10 -24.17
C ALA B 251 -2.97 -0.54 -25.56
N SER B 252 -3.88 -0.73 -26.54
CA SER B 252 -3.59 -0.29 -27.90
C SER B 252 -3.59 1.23 -28.06
N LYS B 253 -3.97 1.98 -27.03
CA LYS B 253 -3.94 3.44 -27.06
C LYS B 253 -2.88 4.01 -26.12
N LEU B 254 -2.18 3.17 -25.38
CA LEU B 254 -1.25 3.67 -24.36
C LEU B 254 0.16 3.71 -24.92
N VAL B 255 0.80 4.91 -24.90
CA VAL B 255 2.16 5.07 -25.39
C VAL B 255 3.02 5.41 -24.18
N MET B 256 4.05 4.60 -23.91
CA MET B 256 4.83 4.71 -22.66
C MET B 256 6.01 5.70 -22.76
N GLY B 257 6.05 6.68 -21.86
CA GLY B 257 7.10 7.70 -21.94
C GLY B 257 8.47 7.18 -21.47
N ILE B 258 9.49 7.53 -22.24
CA ILE B 258 10.89 7.22 -21.94
C ILE B 258 11.66 8.53 -22.07
N PRO B 259 12.41 8.94 -21.05
CA PRO B 259 13.06 10.24 -21.11
C PRO B 259 14.47 10.17 -21.70
N THR B 260 14.81 11.19 -22.52
CA THR B 260 16.21 11.37 -22.92
C THR B 260 16.83 12.47 -22.08
N PHE B 261 16.46 12.51 -20.79
CA PHE B 261 17.08 13.46 -19.86
C PHE B 261 17.18 12.75 -18.53
N GLY B 262 18.05 13.29 -17.68
CA GLY B 262 18.15 12.75 -16.32
C GLY B 262 17.72 13.78 -15.31
N ARG B 263 17.48 13.34 -14.08
CA ARG B 263 17.19 14.26 -12.98
C ARG B 263 18.31 14.10 -11.95
N SER B 264 18.88 15.22 -11.55
CA SER B 264 20.16 15.24 -10.82
C SER B 264 20.00 15.88 -9.44
N PHE B 265 20.99 15.60 -8.59
CA PHE B 265 21.01 16.10 -7.22
C PHE B 265 22.44 16.43 -6.82
N THR B 266 22.57 17.32 -5.86
CA THR B 266 23.86 17.58 -5.22
C THR B 266 23.90 16.75 -3.93
N LEU B 267 24.91 15.89 -3.84
CA LEU B 267 25.09 15.03 -2.65
C LEU B 267 25.57 15.86 -1.45
N ALA B 268 25.15 15.41 -0.25
CA ALA B 268 25.58 16.06 1.00
C ALA B 268 26.60 15.24 1.77
N SER B 269 27.01 14.09 1.27
CA SER B 269 27.97 13.26 2.04
C SER B 269 28.77 12.38 1.09
N SER B 270 29.56 11.47 1.67
CA SER B 270 30.26 10.50 0.85
C SER B 270 29.36 9.38 0.37
N GLU B 271 28.11 9.30 0.85
CA GLU B 271 27.18 8.27 0.40
C GLU B 271 26.69 8.58 -1.02
N THR B 272 26.72 7.58 -1.89
CA THR B 272 26.32 7.78 -3.31
C THR B 272 25.27 6.83 -3.79
N GLY B 273 24.73 5.95 -2.92
CA GLY B 273 23.73 5.01 -3.38
C GLY B 273 22.37 5.66 -3.54
N VAL B 274 21.40 4.84 -3.93
CA VAL B 274 20.00 5.27 -3.88
C VAL B 274 19.61 5.55 -2.43
N GLY B 275 18.96 6.68 -2.20
CA GLY B 275 18.55 7.14 -0.85
C GLY B 275 19.60 7.92 -0.09
N ALA B 276 20.74 8.23 -0.73
CA ALA B 276 21.79 9.02 -0.08
C ALA B 276 21.33 10.44 0.17
N PRO B 277 21.82 11.11 1.22
CA PRO B 277 21.34 12.45 1.48
C PRO B 277 21.80 13.45 0.44
N ILE B 278 20.93 14.37 0.10
CA ILE B 278 21.27 15.47 -0.79
C ILE B 278 21.00 16.79 -0.11
N SER B 279 21.60 17.85 -0.69
CA SER B 279 21.36 19.21 -0.26
C SER B 279 20.48 19.97 -1.23
N GLY B 280 20.23 19.43 -2.41
CA GLY B 280 19.29 20.08 -3.33
C GLY B 280 19.50 19.53 -4.71
N PRO B 281 18.98 20.25 -5.73
CA PRO B 281 19.14 19.79 -7.12
C PRO B 281 20.59 19.83 -7.60
N GLY B 282 20.83 19.07 -8.67
CA GLY B 282 22.12 19.06 -9.29
C GLY B 282 22.49 20.38 -9.94
N ILE B 283 23.79 20.56 -10.14
CA ILE B 283 24.32 21.73 -10.84
C ILE B 283 23.77 21.74 -12.25
N PRO B 284 23.38 22.89 -12.78
CA PRO B 284 22.78 22.89 -14.15
C PRO B 284 23.78 22.46 -15.20
N GLY B 285 23.25 21.88 -16.30
CA GLY B 285 24.10 21.60 -17.44
C GLY B 285 24.43 22.84 -18.23
N ARG B 286 25.54 22.71 -18.98
CA ARG B 286 26.11 23.85 -19.68
C ARG B 286 25.17 24.34 -20.75
N PHE B 287 24.37 23.44 -21.32
CA PHE B 287 23.51 23.86 -22.43
C PHE B 287 22.07 24.04 -22.03
N THR B 288 21.56 23.20 -21.14
CA THR B 288 20.13 23.29 -20.80
C THR B 288 19.87 24.21 -19.61
N LYS B 289 20.90 24.48 -18.79
CA LYS B 289 20.86 25.57 -17.82
C LYS B 289 19.66 25.50 -16.88
N GLU B 290 19.39 24.30 -16.34
CA GLU B 290 18.26 24.09 -15.42
C GLU B 290 18.65 23.15 -14.29
N ALA B 291 18.87 23.72 -13.11
CA ALA B 291 19.30 22.90 -11.96
C ALA B 291 18.36 21.70 -11.78
N GLY B 292 18.95 20.51 -11.57
CA GLY B 292 18.19 19.33 -11.34
C GLY B 292 17.83 18.53 -12.58
N THR B 293 18.20 19.02 -13.75
CA THR B 293 18.00 18.31 -15.02
C THR B 293 19.28 18.30 -15.83
N LEU B 294 19.44 17.27 -16.68
CA LEU B 294 20.52 17.23 -17.68
C LEU B 294 20.00 16.54 -18.92
N ALA B 295 20.32 17.09 -20.10
CA ALA B 295 20.04 16.36 -21.32
C ALA B 295 20.90 15.11 -21.40
N TYR B 296 20.47 14.13 -22.20
CA TYR B 296 21.32 12.96 -22.37
C TYR B 296 22.68 13.34 -22.95
N TYR B 297 22.74 14.27 -23.90
CA TYR B 297 24.07 14.60 -24.40
C TYR B 297 24.94 15.28 -23.36
N GLU B 298 24.33 15.99 -22.41
CA GLU B 298 25.09 16.54 -21.27
C GLU B 298 25.55 15.42 -20.35
N ILE B 299 24.72 14.39 -20.22
CA ILE B 299 25.10 13.24 -19.40
C ILE B 299 26.28 12.51 -20.02
N CYS B 300 26.29 12.33 -21.36
CA CYS B 300 27.45 11.72 -22.01
C CYS B 300 28.76 12.40 -21.61
N ASP B 301 28.76 13.74 -21.54
CA ASP B 301 29.95 14.47 -21.06
C ASP B 301 30.23 14.18 -19.60
N PHE B 302 29.19 14.24 -18.77
CA PHE B 302 29.28 13.94 -17.33
C PHE B 302 29.87 12.56 -17.05
N LEU B 303 29.60 11.57 -17.92
CA LEU B 303 30.04 10.21 -17.70
C LEU B 303 31.56 10.06 -17.73
N ARG B 304 32.29 10.97 -18.39
CA ARG B 304 33.74 10.91 -18.39
C ARG B 304 34.21 11.14 -16.98
N GLY B 305 34.77 10.10 -16.35
CA GLY B 305 35.23 10.20 -14.98
C GLY B 305 34.19 9.84 -13.95
N ALA B 306 32.97 9.50 -14.38
CA ALA B 306 31.91 9.20 -13.42
C ALA B 306 31.89 7.73 -13.11
N THR B 307 31.22 7.40 -12.01
CA THR B 307 30.92 6.01 -11.70
C THR B 307 29.47 5.73 -12.09
N VAL B 308 29.24 4.72 -12.93
CA VAL B 308 27.90 4.35 -13.37
C VAL B 308 27.50 3.10 -12.59
N HIS B 309 26.29 3.11 -12.04
N HIS B 309 26.29 3.11 -12.01
CA HIS B 309 25.73 1.97 -11.35
CA HIS B 309 25.75 1.95 -11.34
C HIS B 309 24.38 1.63 -11.94
C HIS B 309 24.38 1.63 -11.91
N ARG B 310 24.12 0.35 -12.19
CA ARG B 310 22.80 -0.08 -12.64
C ARG B 310 22.00 -0.47 -11.42
N ILE B 311 20.89 0.23 -11.19
CA ILE B 311 20.06 -0.06 -10.02
C ILE B 311 19.40 -1.42 -10.23
N LEU B 312 19.81 -2.38 -9.39
CA LEU B 312 19.53 -3.77 -9.70
C LEU B 312 18.06 -4.01 -9.92
N GLY B 313 17.20 -3.62 -8.98
CA GLY B 313 15.80 -3.95 -9.16
C GLY B 313 14.99 -2.98 -10.02
N GLN B 314 15.51 -1.80 -10.25
CA GLN B 314 14.76 -0.82 -11.06
C GLN B 314 15.17 -0.82 -12.52
N GLN B 315 16.34 -1.42 -12.83
CA GLN B 315 16.82 -1.68 -14.19
C GLN B 315 17.14 -0.42 -14.96
N VAL B 316 17.59 0.58 -14.22
CA VAL B 316 17.99 1.85 -14.85
C VAL B 316 19.28 2.29 -14.17
N PRO B 317 20.10 3.09 -14.88
CA PRO B 317 21.32 3.53 -14.29
C PRO B 317 21.34 4.87 -13.60
N TYR B 318 22.32 5.05 -12.72
CA TYR B 318 22.59 6.39 -12.18
C TYR B 318 24.10 6.60 -12.35
N ALA B 319 24.50 7.86 -12.43
CA ALA B 319 25.93 8.16 -12.52
C ALA B 319 26.24 9.14 -11.40
N THR B 320 27.42 8.98 -10.82
CA THR B 320 27.80 9.90 -9.78
C THR B 320 29.26 10.29 -9.94
N LYS B 321 29.55 11.54 -9.67
CA LYS B 321 30.91 12.02 -9.83
C LYS B 321 31.05 13.21 -8.90
N GLY B 322 32.08 13.22 -8.03
CA GLY B 322 32.09 14.33 -7.11
C GLY B 322 30.81 14.46 -6.30
N ASN B 323 30.39 15.73 -6.01
CA ASN B 323 29.12 15.88 -5.28
C ASN B 323 27.86 15.85 -6.18
N GLN B 324 27.95 15.25 -7.35
CA GLN B 324 26.78 15.21 -8.24
C GLN B 324 26.30 13.79 -8.46
N TRP B 325 24.98 13.65 -8.73
CA TRP B 325 24.35 12.35 -8.88
C TRP B 325 23.22 12.53 -9.88
N VAL B 326 23.13 11.64 -10.87
CA VAL B 326 22.05 11.82 -11.86
C VAL B 326 21.48 10.48 -12.24
N GLY B 327 20.16 10.37 -12.22
CA GLY B 327 19.46 9.16 -12.67
C GLY B 327 18.98 9.42 -14.09
N TYR B 328 19.24 8.46 -14.98
CA TYR B 328 18.93 8.68 -16.40
C TYR B 328 18.68 7.34 -17.08
N ASP B 329 18.42 7.37 -18.40
CA ASP B 329 18.25 6.15 -19.20
C ASP B 329 19.36 6.07 -20.25
N ASP B 330 19.88 4.86 -20.49
CA ASP B 330 20.90 4.68 -21.53
C ASP B 330 20.40 3.65 -22.53
N GLN B 331 21.25 3.24 -23.46
CA GLN B 331 20.71 2.37 -24.52
C GLN B 331 20.26 1.04 -23.96
N GLU B 332 20.98 0.52 -22.94
CA GLU B 332 20.57 -0.72 -22.28
C GLU B 332 19.23 -0.58 -21.56
N SER B 333 19.03 0.51 -20.79
CA SER B 333 17.76 0.60 -20.07
C SER B 333 16.56 0.92 -20.98
N VAL B 334 16.76 1.66 -22.06
CA VAL B 334 15.58 1.89 -22.91
C VAL B 334 15.22 0.59 -23.61
N LYS B 335 16.20 -0.29 -23.86
CA LYS B 335 15.84 -1.59 -24.44
C LYS B 335 14.98 -2.41 -23.49
N SER B 336 15.30 -2.39 -22.20
CA SER B 336 14.48 -3.09 -21.22
C SER B 336 13.09 -2.46 -21.15
N LYS B 337 13.02 -1.14 -21.16
CA LYS B 337 11.71 -0.50 -21.14
C LYS B 337 10.88 -0.88 -22.35
N VAL B 338 11.53 -0.98 -23.52
CA VAL B 338 10.77 -1.37 -24.72
C VAL B 338 10.32 -2.82 -24.61
N GLN B 339 11.19 -3.69 -24.10
CA GLN B 339 10.74 -5.07 -23.88
C GLN B 339 9.50 -5.11 -22.99
N TYR B 340 9.48 -4.31 -21.94
CA TYR B 340 8.33 -4.24 -21.05
C TYR B 340 7.08 -3.81 -21.79
N LEU B 341 7.16 -2.72 -22.56
CA LEU B 341 5.95 -2.23 -23.21
C LEU B 341 5.47 -3.22 -24.28
N LYS B 342 6.40 -3.91 -24.96
CA LYS B 342 6.00 -4.88 -25.98
C LYS B 342 5.30 -6.06 -25.32
N ASP B 343 5.83 -6.50 -24.18
CA ASP B 343 5.22 -7.63 -23.47
C ASP B 343 3.84 -7.29 -22.96
N ARG B 344 3.58 -6.02 -22.66
CA ARG B 344 2.24 -5.58 -22.27
C ARG B 344 1.37 -5.14 -23.44
N GLN B 345 1.88 -5.29 -24.67
CA GLN B 345 1.12 -5.00 -25.87
C GLN B 345 0.66 -3.54 -25.90
N LEU B 346 1.55 -2.64 -25.44
CA LEU B 346 1.21 -1.22 -25.51
C LEU B 346 1.32 -0.73 -26.95
N ALA B 347 0.80 0.48 -27.20
CA ALA B 347 0.83 1.03 -28.54
C ALA B 347 2.25 1.37 -29.01
N GLY B 348 3.15 1.64 -28.09
CA GLY B 348 4.51 2.03 -28.46
C GLY B 348 5.13 2.88 -27.36
N ALA B 349 6.15 3.63 -27.77
CA ALA B 349 6.95 4.45 -26.86
C ALA B 349 6.77 5.92 -27.20
N MET B 350 6.91 6.77 -26.18
CA MET B 350 6.93 8.21 -26.43
C MET B 350 8.25 8.68 -25.83
N VAL B 351 8.85 9.69 -26.47
CA VAL B 351 10.18 10.19 -26.08
C VAL B 351 10.07 11.70 -25.84
N TRP B 352 10.47 12.12 -24.64
CA TRP B 352 10.73 13.52 -24.36
C TRP B 352 12.24 13.64 -24.12
N ALA B 353 12.99 14.31 -24.98
CA ALA B 353 12.56 14.96 -26.24
C ALA B 353 13.70 14.81 -27.22
N LEU B 354 13.38 14.96 -28.52
CA LEU B 354 14.43 14.76 -29.51
C LEU B 354 15.62 15.69 -29.32
N ASP B 355 15.37 16.95 -28.88
CA ASP B 355 16.47 17.93 -28.72
C ASP B 355 17.33 17.69 -27.48
N LEU B 356 16.93 16.70 -26.69
CA LEU B 356 17.73 16.32 -25.48
C LEU B 356 18.52 15.04 -25.70
N ASP B 357 18.12 14.23 -26.69
CA ASP B 357 18.97 13.16 -27.17
C ASP B 357 20.22 13.79 -27.82
N ASP B 358 21.22 12.96 -28.12
CA ASP B 358 22.43 13.49 -28.79
C ASP B 358 22.11 13.63 -30.26
N PHE B 359 21.36 14.68 -30.55
CA PHE B 359 20.83 14.82 -31.92
C PHE B 359 21.93 15.14 -32.94
N GLN B 360 23.03 15.76 -32.50
CA GLN B 360 24.20 15.99 -33.35
C GLN B 360 25.11 14.77 -33.51
N GLY B 361 25.06 13.81 -32.59
CA GLY B 361 25.99 12.70 -32.61
C GLY B 361 27.37 13.04 -32.11
N SER B 362 27.55 14.18 -31.46
CA SER B 362 28.89 14.63 -31.15
C SER B 362 29.30 14.41 -29.69
N PHE B 363 28.40 14.05 -28.78
CA PHE B 363 28.77 13.95 -27.37
C PHE B 363 28.96 12.54 -26.87
N CYS B 364 28.26 11.57 -27.44
CA CYS B 364 28.13 10.24 -26.85
C CYS B 364 29.00 9.19 -27.50
N GLY B 365 29.80 9.55 -28.49
CA GLY B 365 30.59 8.58 -29.21
C GLY B 365 29.86 7.97 -30.39
N GLN B 366 30.62 7.26 -31.22
CA GLN B 366 30.18 6.60 -32.44
C GLN B 366 29.78 7.58 -33.54
N ASP B 367 29.79 8.89 -33.26
CA ASP B 367 29.25 9.91 -34.18
C ASP B 367 27.83 9.56 -34.64
N LEU B 368 27.14 8.74 -33.85
CA LEU B 368 25.76 8.30 -34.20
C LEU B 368 24.74 9.30 -33.67
N ARG B 369 23.88 9.79 -34.54
CA ARG B 369 22.85 10.77 -34.14
C ARG B 369 21.68 10.05 -33.45
N PHE B 370 21.05 10.74 -32.50
CA PHE B 370 19.88 10.19 -31.79
C PHE B 370 20.18 8.79 -31.25
N PRO B 371 21.24 8.58 -30.45
CA PRO B 371 21.54 7.23 -29.98
C PRO B 371 20.44 6.62 -29.13
N LEU B 372 19.82 7.40 -28.23
CA LEU B 372 18.78 6.79 -27.38
C LEU B 372 17.53 6.51 -28.18
N THR B 373 17.11 7.47 -29.00
CA THR B 373 15.86 7.24 -29.71
C THR B 373 16.05 6.16 -30.77
N ASN B 374 17.26 6.06 -31.37
CA ASN B 374 17.46 4.96 -32.30
C ASN B 374 17.48 3.62 -31.57
N ALA B 375 17.97 3.58 -30.32
CA ALA B 375 17.95 2.35 -29.51
C ALA B 375 16.49 1.93 -29.26
N ILE B 376 15.60 2.92 -29.02
CA ILE B 376 14.19 2.62 -28.84
C ILE B 376 13.58 2.10 -30.13
N LYS B 377 13.81 2.83 -31.23
CA LYS B 377 13.34 2.38 -32.55
C LYS B 377 13.80 0.96 -32.83
N ASP B 378 15.10 0.69 -32.63
CA ASP B 378 15.64 -0.64 -32.93
C ASP B 378 14.98 -1.69 -32.06
N ALA B 379 14.74 -1.40 -30.78
CA ALA B 379 14.13 -2.39 -29.91
C ALA B 379 12.66 -2.64 -30.26
N LEU B 380 11.93 -1.61 -30.69
CA LEU B 380 10.55 -1.78 -31.10
C LEU B 380 10.45 -2.68 -32.32
N ALA B 381 11.46 -2.63 -33.18
CA ALA B 381 11.44 -3.45 -34.42
C ALA B 381 12.02 -4.84 -34.17
N ALA B 382 12.77 -5.04 -33.10
CA ALA B 382 13.44 -6.34 -32.84
C ALA B 382 12.40 -7.46 -32.68
N THR B 383 12.76 -8.66 -33.13
CA THR B 383 11.79 -9.79 -33.11
C THR B 383 12.35 -10.92 -32.27
N TYR C 22 32.60 -14.21 2.33
CA TYR C 22 31.22 -14.74 2.21
C TYR C 22 31.22 -16.24 2.53
N LYS C 23 30.12 -16.68 3.14
CA LYS C 23 29.82 -18.09 3.33
C LYS C 23 29.05 -18.60 2.11
N LEU C 24 29.29 -19.85 1.76
CA LEU C 24 28.47 -20.59 0.80
C LEU C 24 28.06 -21.86 1.54
N VAL C 25 26.82 -21.85 2.03
CA VAL C 25 26.29 -22.89 2.90
C VAL C 25 25.45 -23.79 2.02
N CYS C 26 25.79 -25.06 1.95
CA CYS C 26 25.16 -25.96 0.99
C CYS C 26 24.61 -27.19 1.67
N TYR C 27 23.38 -27.58 1.33
CA TYR C 27 22.79 -28.76 1.95
C TYR C 27 23.01 -30.00 1.09
N TYR C 28 23.25 -31.13 1.75
CA TYR C 28 23.24 -32.45 1.13
C TYR C 28 22.14 -33.25 1.82
N THR C 29 21.29 -33.94 1.04
CA THR C 29 20.18 -34.71 1.63
C THR C 29 20.44 -36.20 1.56
N SER C 30 20.29 -36.86 2.73
CA SER C 30 20.69 -38.25 2.79
C SER C 30 19.79 -39.16 1.96
N TRP C 31 18.55 -38.72 1.65
CA TRP C 31 17.72 -39.59 0.84
C TRP C 31 18.03 -39.50 -0.64
N SER C 32 18.91 -38.57 -1.03
CA SER C 32 19.27 -38.51 -2.45
C SER C 32 20.13 -39.70 -2.84
N GLN C 33 20.62 -40.49 -1.87
CA GLN C 33 21.35 -41.68 -2.24
C GLN C 33 20.49 -42.71 -2.98
N TYR C 34 19.18 -42.66 -2.81
CA TYR C 34 18.30 -43.70 -3.29
C TYR C 34 17.76 -43.42 -4.70
N ARG C 35 18.03 -42.24 -5.23
CA ARG C 35 17.49 -41.93 -6.55
C ARG C 35 18.11 -42.86 -7.60
N GLU C 36 17.33 -43.17 -8.64
CA GLU C 36 17.78 -44.16 -9.62
C GLU C 36 18.92 -43.65 -10.49
N GLY C 37 19.73 -44.60 -10.95
CA GLY C 37 20.78 -44.33 -11.93
C GLY C 37 21.61 -43.10 -11.66
N ASP C 38 21.66 -42.14 -12.59
CA ASP C 38 22.53 -41.00 -12.42
C ASP C 38 22.04 -40.03 -11.35
N GLY C 39 20.81 -40.17 -10.88
CA GLY C 39 20.32 -39.31 -9.82
C GLY C 39 20.93 -39.60 -8.45
N SER C 40 21.53 -40.78 -8.29
CA SER C 40 22.02 -41.19 -6.98
C SER C 40 23.16 -40.30 -6.50
N CYS C 41 23.03 -39.73 -5.30
CA CYS C 41 24.04 -38.80 -4.81
C CYS C 41 24.52 -39.26 -3.42
N PHE C 42 25.82 -39.57 -3.31
CA PHE C 42 26.46 -39.78 -2.00
C PHE C 42 27.43 -38.65 -1.73
N PRO C 43 27.85 -38.46 -0.47
CA PRO C 43 28.76 -37.33 -0.20
C PRO C 43 30.12 -37.41 -0.87
N ASP C 44 30.60 -38.60 -1.27
CA ASP C 44 31.87 -38.63 -1.99
C ASP C 44 31.74 -38.08 -3.41
N ALA C 45 30.51 -37.74 -3.86
CA ALA C 45 30.36 -37.04 -5.12
C ALA C 45 30.52 -35.53 -4.98
N LEU C 46 30.63 -35.01 -3.76
CA LEU C 46 30.63 -33.57 -3.55
C LEU C 46 32.05 -33.00 -3.68
N ASP C 47 32.13 -31.81 -4.26
CA ASP C 47 33.39 -31.10 -4.44
C ASP C 47 33.78 -30.44 -3.13
N ARG C 48 34.89 -30.88 -2.52
CA ARG C 48 35.25 -30.41 -1.19
C ARG C 48 35.60 -28.92 -1.15
N PHE C 49 35.89 -28.30 -2.29
CA PHE C 49 36.25 -26.88 -2.33
C PHE C 49 35.12 -26.01 -2.83
N LEU C 50 33.95 -26.59 -3.07
CA LEU C 50 32.82 -25.82 -3.61
C LEU C 50 32.21 -24.86 -2.58
N CYS C 51 31.90 -25.36 -1.40
CA CYS C 51 31.21 -24.61 -0.36
C CYS C 51 32.11 -24.36 0.84
N THR C 52 31.72 -23.38 1.64
CA THR C 52 32.43 -23.17 2.91
C THR C 52 31.87 -24.05 4.03
N HIS C 53 30.57 -24.35 3.96
CA HIS C 53 29.87 -25.16 4.93
C HIS C 53 28.99 -26.14 4.18
N ILE C 54 29.07 -27.43 4.51
CA ILE C 54 28.08 -28.42 4.01
C ILE C 54 27.25 -28.92 5.18
N ILE C 55 25.93 -28.87 5.02
CA ILE C 55 24.99 -29.29 6.06
C ILE C 55 24.32 -30.58 5.61
N TYR C 56 24.34 -31.58 6.49
CA TYR C 56 23.81 -32.92 6.23
C TYR C 56 22.40 -33.00 6.77
N SER C 57 21.42 -33.32 5.89
CA SER C 57 20.00 -33.36 6.26
C SER C 57 19.45 -34.77 6.10
N PHE C 58 18.76 -35.32 7.11
CA PHE C 58 18.45 -34.76 8.42
C PHE C 58 18.79 -35.80 9.50
N ALA C 59 18.97 -35.32 10.71
CA ALA C 59 19.03 -36.16 11.89
C ALA C 59 17.65 -36.27 12.54
N ASN C 60 17.47 -37.34 13.29
CA ASN C 60 16.24 -37.59 14.01
C ASN C 60 16.38 -37.13 15.45
N ILE C 61 15.26 -37.08 16.16
CA ILE C 61 15.29 -37.00 17.62
C ILE C 61 14.44 -38.16 18.12
N SER C 62 15.05 -39.04 18.91
CA SER C 62 14.40 -40.24 19.40
C SER C 62 14.74 -40.42 20.87
N ASN C 63 13.73 -40.62 21.72
CA ASN C 63 13.95 -40.64 23.18
C ASN C 63 14.68 -39.39 23.64
N ASP C 64 14.32 -38.26 23.05
CA ASP C 64 14.84 -36.93 23.39
C ASP C 64 16.34 -36.79 23.15
N HIS C 65 16.95 -37.69 22.40
CA HIS C 65 18.36 -37.59 22.02
C HIS C 65 18.44 -37.37 20.50
N ILE C 66 19.36 -36.51 20.05
CA ILE C 66 19.68 -36.51 18.62
C ILE C 66 20.14 -37.91 18.20
N ASP C 67 19.77 -38.31 16.99
CA ASP C 67 20.05 -39.67 16.58
C ASP C 67 20.13 -39.74 15.06
N THR C 68 20.59 -40.88 14.57
CA THR C 68 20.67 -41.04 13.14
C THR C 68 19.29 -41.26 12.56
N TRP C 69 19.21 -41.17 11.23
CA TRP C 69 17.96 -41.34 10.49
C TRP C 69 18.07 -42.48 9.49
N GLU C 70 18.92 -42.38 8.48
CA GLU C 70 19.11 -43.48 7.54
C GLU C 70 19.97 -44.58 8.16
N TRP C 71 19.78 -45.81 7.66
CA TRP C 71 20.50 -46.97 8.18
C TRP C 71 22.02 -46.80 8.05
N ASN C 72 22.47 -46.06 7.03
CA ASN C 72 23.90 -45.92 6.76
C ASN C 72 24.39 -44.50 7.03
N ASP C 73 23.70 -43.76 7.90
CA ASP C 73 24.12 -42.40 8.22
C ASP C 73 25.59 -42.37 8.69
N VAL C 74 26.00 -43.33 9.53
CA VAL C 74 27.37 -43.27 10.05
C VAL C 74 28.37 -43.39 8.91
N THR C 75 28.08 -44.26 7.94
CA THR C 75 28.92 -44.36 6.75
C THR C 75 28.95 -43.06 5.98
N LEU C 76 27.78 -42.47 5.79
CA LEU C 76 27.69 -41.27 4.96
C LEU C 76 28.26 -40.05 5.70
N TYR C 77 28.08 -39.98 7.02
CA TYR C 77 28.74 -38.95 7.80
C TYR C 77 30.25 -38.99 7.56
N GLY C 78 30.81 -40.21 7.54
CA GLY C 78 32.25 -40.35 7.33
C GLY C 78 32.67 -39.92 5.94
N MET C 79 31.87 -40.28 4.91
CA MET C 79 32.15 -39.82 3.55
C MET C 79 32.16 -38.31 3.47
N LEU C 80 31.22 -37.66 4.17
CA LEU C 80 31.14 -36.21 4.15
C LEU C 80 32.32 -35.58 4.87
N ASN C 81 32.60 -36.04 6.09
CA ASN C 81 33.65 -35.39 6.87
C ASN C 81 35.03 -35.67 6.31
N THR C 82 35.16 -36.72 5.51
CA THR C 82 36.42 -37.00 4.81
C THR C 82 36.81 -35.86 3.89
N LEU C 83 35.80 -35.13 3.37
CA LEU C 83 36.10 -34.00 2.50
C LEU C 83 36.97 -32.96 3.19
N LYS C 84 36.99 -32.94 4.54
CA LYS C 84 37.77 -31.93 5.26
C LYS C 84 39.25 -32.28 5.27
N ASN C 85 39.60 -33.51 4.90
CA ASN C 85 41.01 -33.93 4.97
C ASN C 85 41.88 -33.05 4.08
N ARG C 86 41.42 -32.80 2.85
CA ARG C 86 42.16 -31.98 1.92
C ARG C 86 41.66 -30.53 1.88
N ASN C 87 40.59 -30.21 2.60
CA ASN C 87 40.14 -28.82 2.76
C ASN C 87 39.92 -28.53 4.23
N PRO C 88 40.97 -28.14 4.95
CA PRO C 88 40.79 -27.81 6.39
C PRO C 88 39.91 -26.61 6.66
N ASN C 89 39.60 -25.78 5.67
CA ASN C 89 38.68 -24.66 5.87
C ASN C 89 37.21 -25.08 5.74
N LEU C 90 36.92 -26.30 5.32
CA LEU C 90 35.54 -26.71 5.12
C LEU C 90 34.92 -27.05 6.48
N LYS C 91 33.69 -26.57 6.74
CA LYS C 91 32.96 -26.86 7.97
C LYS C 91 31.77 -27.74 7.60
N THR C 92 31.41 -28.69 8.48
CA THR C 92 30.21 -29.47 8.30
C THR C 92 29.25 -29.29 9.48
N LEU C 93 27.95 -29.31 9.19
CA LEU C 93 26.95 -29.26 10.25
C LEU C 93 25.94 -30.37 9.98
N LEU C 94 25.27 -30.78 11.07
CA LEU C 94 24.19 -31.77 10.99
C LEU C 94 22.88 -31.07 11.24
N SER C 95 21.90 -31.22 10.33
CA SER C 95 20.64 -30.53 10.46
C SER C 95 19.62 -31.46 11.08
N VAL C 96 18.93 -31.00 12.12
CA VAL C 96 18.01 -31.85 12.86
C VAL C 96 16.59 -31.34 12.62
N GLY C 97 15.68 -32.24 12.21
CA GLY C 97 14.33 -31.80 11.90
C GLY C 97 13.91 -32.19 10.49
N GLY C 98 13.41 -31.23 9.73
CA GLY C 98 12.95 -31.45 8.37
C GLY C 98 11.47 -31.18 8.26
N TRP C 99 11.00 -31.12 7.01
CA TRP C 99 9.59 -30.79 6.83
C TRP C 99 8.68 -32.00 6.88
N ASN C 100 9.21 -33.20 7.14
CA ASN C 100 8.45 -34.41 7.40
C ASN C 100 8.89 -35.04 8.71
N PHE C 101 9.13 -34.20 9.73
CA PHE C 101 9.62 -34.63 11.02
C PHE C 101 8.52 -34.72 12.07
N GLY C 102 7.58 -33.77 12.07
CA GLY C 102 6.58 -33.67 13.11
C GLY C 102 6.82 -32.45 13.98
N SER C 103 6.25 -31.30 13.60
CA SER C 103 6.39 -30.11 14.44
C SER C 103 5.81 -30.36 15.84
N GLN C 104 4.72 -31.13 15.91
CA GLN C 104 4.20 -31.59 17.19
C GLN C 104 5.25 -32.38 17.98
N ARG C 105 6.16 -33.05 17.29
CA ARG C 105 7.24 -33.78 17.96
C ARG C 105 8.32 -32.83 18.51
N PHE C 106 8.69 -31.83 17.72
CA PHE C 106 9.73 -30.91 18.13
C PHE C 106 9.22 -30.06 19.32
N SER C 107 7.91 -29.81 19.37
CA SER C 107 7.30 -28.98 20.40
C SER C 107 7.31 -29.69 21.74
N LYS C 108 6.87 -30.95 21.76
CA LYS C 108 6.87 -31.70 23.01
C LYS C 108 8.25 -31.70 23.63
N ILE C 109 9.29 -31.76 22.78
CA ILE C 109 10.67 -31.81 23.28
C ILE C 109 11.10 -30.44 23.80
N ALA C 110 10.80 -29.37 23.04
CA ALA C 110 11.28 -28.04 23.40
C ALA C 110 10.47 -27.36 24.50
N SER C 111 9.26 -27.84 24.80
CA SER C 111 8.46 -27.21 25.84
C SER C 111 8.67 -27.87 27.20
N ASN C 112 9.12 -29.10 27.21
CA ASN C 112 9.35 -29.84 28.45
C ASN C 112 10.78 -29.57 28.91
N THR C 113 10.93 -29.04 30.14
CA THR C 113 12.24 -28.63 30.65
C THR C 113 13.23 -29.79 30.68
N GLN C 114 12.75 -31.01 30.94
CA GLN C 114 13.63 -32.17 31.05
C GLN C 114 13.94 -32.79 29.69
N SER C 115 12.92 -32.88 28.81
CA SER C 115 13.13 -33.31 27.43
C SER C 115 14.12 -32.37 26.74
N ARG C 116 13.97 -31.07 26.96
CA ARG C 116 14.86 -30.10 26.33
C ARG C 116 16.30 -30.29 26.77
N ARG C 117 16.53 -30.44 28.09
CA ARG C 117 17.89 -30.55 28.60
C ARG C 117 18.55 -31.81 28.09
N THR C 118 17.82 -32.92 28.08
CA THR C 118 18.31 -34.19 27.52
C THR C 118 18.72 -34.01 26.07
N PHE C 119 17.87 -33.35 25.28
CA PHE C 119 18.19 -33.15 23.88
C PHE C 119 19.45 -32.29 23.74
N ILE C 120 19.49 -31.15 24.42
CA ILE C 120 20.66 -30.29 24.36
C ILE C 120 21.93 -31.04 24.80
N LYS C 121 21.88 -31.71 25.97
CA LYS C 121 23.04 -32.46 26.44
C LYS C 121 23.53 -33.48 25.42
N SER C 122 22.61 -34.11 24.70
CA SER C 122 22.94 -35.15 23.72
C SER C 122 23.64 -34.62 22.47
N VAL C 123 23.55 -33.32 22.18
CA VAL C 123 24.03 -32.86 20.87
C VAL C 123 25.56 -32.77 20.79
N PRO C 124 26.28 -32.14 21.73
CA PRO C 124 27.77 -32.06 21.56
C PRO C 124 28.43 -33.41 21.45
N PRO C 125 28.13 -34.40 22.31
CA PRO C 125 28.80 -35.69 22.15
C PRO C 125 28.50 -36.31 20.78
N PHE C 126 27.27 -36.18 20.31
CA PHE C 126 26.96 -36.76 19.01
C PHE C 126 27.77 -36.08 17.89
N LEU C 127 27.84 -34.75 17.90
CA LEU C 127 28.58 -34.02 16.89
C LEU C 127 30.06 -34.38 16.95
N ARG C 128 30.64 -34.47 18.15
CA ARG C 128 32.06 -34.76 18.22
C ARG C 128 32.33 -36.20 17.78
N THR C 129 31.47 -37.11 18.24
CA THR C 129 31.67 -38.53 17.90
C THR C 129 31.59 -38.74 16.39
N HIS C 130 30.71 -38.01 15.73
CA HIS C 130 30.52 -38.21 14.30
C HIS C 130 31.22 -37.18 13.44
N GLY C 131 32.06 -36.33 14.01
CA GLY C 131 32.91 -35.50 13.17
C GLY C 131 32.32 -34.19 12.67
N PHE C 132 31.20 -33.72 13.23
CA PHE C 132 30.58 -32.49 12.76
C PHE C 132 31.03 -31.25 13.54
N ASP C 133 31.02 -30.12 12.85
CA ASP C 133 31.42 -28.85 13.43
C ASP C 133 30.26 -28.06 14.01
N GLY C 134 29.02 -28.51 13.84
CA GLY C 134 27.94 -27.72 14.39
C GLY C 134 26.61 -28.37 14.12
N LEU C 135 25.58 -27.74 14.67
CA LEU C 135 24.18 -28.19 14.53
C LEU C 135 23.39 -27.15 13.79
N ASP C 136 22.52 -27.61 12.87
CA ASP C 136 21.60 -26.75 12.17
C ASP C 136 20.18 -27.14 12.61
N LEU C 137 19.40 -26.17 13.07
CA LEU C 137 18.04 -26.44 13.53
C LEU C 137 17.08 -26.27 12.35
N ALA C 138 16.32 -27.32 12.10
CA ALA C 138 15.32 -27.32 11.01
C ALA C 138 13.95 -27.65 11.61
N TRP C 139 13.47 -26.75 12.45
CA TRP C 139 12.12 -26.88 12.99
C TRP C 139 11.18 -26.16 12.01
N LEU C 140 10.41 -26.93 11.26
CA LEU C 140 9.56 -26.37 10.20
C LEU C 140 8.09 -26.72 10.51
N TYR C 141 7.43 -25.92 11.35
CA TYR C 141 7.80 -24.63 11.90
C TYR C 141 7.30 -24.48 13.33
N PRO C 142 7.94 -23.65 14.17
CA PRO C 142 7.45 -23.43 15.50
C PRO C 142 6.06 -22.81 15.30
N GLY C 143 5.11 -23.20 16.14
CA GLY C 143 3.82 -22.50 15.98
C GLY C 143 3.84 -21.18 16.70
N ARG C 144 2.69 -20.50 16.73
CA ARG C 144 2.63 -19.31 17.59
C ARG C 144 2.82 -19.84 19.03
N ARG C 145 2.47 -21.10 19.24
N ARG C 145 2.46 -21.10 19.20
CA ARG C 145 2.57 -21.71 20.59
CA ARG C 145 2.56 -21.65 20.53
C ARG C 145 4.02 -22.02 20.95
C ARG C 145 4.00 -21.96 20.93
N ASP C 146 4.92 -22.02 19.97
CA ASP C 146 6.29 -22.43 20.25
C ASP C 146 7.29 -21.32 20.00
N LYS C 147 6.82 -20.13 19.65
CA LYS C 147 7.72 -19.02 19.39
C LYS C 147 8.73 -18.85 20.51
N GLN C 148 8.23 -18.79 21.75
CA GLN C 148 9.13 -18.56 22.88
C GLN C 148 9.98 -19.79 23.15
N HIS C 149 9.38 -20.96 23.03
CA HIS C 149 10.12 -22.20 23.25
C HIS C 149 11.30 -22.30 22.29
N PHE C 150 11.12 -21.85 21.07
CA PHE C 150 12.20 -21.83 20.10
C PHE C 150 13.33 -20.91 20.53
N THR C 151 13.01 -19.71 21.03
CA THR C 151 14.02 -18.79 21.54
C THR C 151 14.79 -19.43 22.68
N THR C 152 14.08 -20.07 23.61
CA THR C 152 14.72 -20.74 24.73
C THR C 152 15.61 -21.88 24.28
N LEU C 153 15.11 -22.71 23.35
CA LEU C 153 15.91 -23.84 22.85
C LEU C 153 17.22 -23.34 22.23
N ILE C 154 17.13 -22.29 21.42
CA ILE C 154 18.34 -21.75 20.77
C ILE C 154 19.30 -21.17 21.81
N LYS C 155 18.79 -20.37 22.73
CA LYS C 155 19.61 -19.80 23.81
C LYS C 155 20.31 -20.88 24.61
N GLU C 156 19.58 -21.91 25.04
CA GLU C 156 20.20 -22.93 25.88
C GLU C 156 21.14 -23.83 25.09
N MET C 157 20.86 -24.03 23.80
CA MET C 157 21.74 -24.84 22.97
C MET C 157 23.06 -24.14 22.78
N LYS C 158 23.01 -22.84 22.51
CA LYS C 158 24.24 -22.08 22.34
C LYS C 158 25.03 -22.06 23.63
N ALA C 159 24.33 -21.92 24.76
CA ALA C 159 25.03 -21.96 26.06
C ALA C 159 25.76 -23.28 26.26
N GLU C 160 25.12 -24.40 25.89
CA GLU C 160 25.81 -25.68 26.05
C GLU C 160 27.03 -25.77 25.14
N PHE C 161 26.92 -25.27 23.90
CA PHE C 161 28.08 -25.24 22.99
C PHE C 161 29.22 -24.40 23.58
N ILE C 162 28.90 -23.24 24.15
CA ILE C 162 29.90 -22.42 24.82
C ILE C 162 30.53 -23.20 25.97
N LYS C 163 29.71 -23.90 26.76
CA LYS C 163 30.22 -24.65 27.90
C LYS C 163 31.16 -25.78 27.45
N GLU C 164 30.72 -26.50 26.41
CA GLU C 164 31.43 -27.70 26.00
C GLU C 164 32.80 -27.34 25.47
N ALA C 165 32.94 -26.15 24.90
CA ALA C 165 34.19 -25.78 24.29
C ALA C 165 35.10 -25.05 25.27
N GLN C 166 34.58 -24.71 26.47
CA GLN C 166 35.13 -23.69 27.38
C GLN C 166 36.57 -24.03 27.71
N PRO C 167 36.95 -25.30 27.71
CA PRO C 167 38.39 -25.55 27.63
C PRO C 167 39.02 -25.58 26.23
N GLY C 168 39.26 -24.39 25.68
CA GLY C 168 39.92 -24.19 24.39
C GLY C 168 39.62 -25.10 23.19
N LYS C 169 38.46 -25.75 23.16
CA LYS C 169 38.01 -26.47 21.96
C LYS C 169 37.54 -25.46 20.92
N LYS C 170 37.57 -25.85 19.64
CA LYS C 170 36.82 -25.12 18.62
C LYS C 170 35.31 -25.24 18.89
N GLN C 171 34.68 -24.13 19.21
CA GLN C 171 33.28 -24.14 19.62
C GLN C 171 32.36 -24.60 18.47
N LEU C 172 31.45 -25.52 18.80
CA LEU C 172 30.45 -25.98 17.84
C LEU C 172 29.63 -24.81 17.33
N LEU C 173 29.29 -24.85 16.02
CA LEU C 173 28.49 -23.82 15.38
C LEU C 173 27.00 -24.12 15.59
N LEU C 174 26.19 -23.07 15.67
CA LEU C 174 24.74 -23.23 15.75
C LEU C 174 24.09 -22.38 14.68
N SER C 175 23.34 -23.01 13.78
CA SER C 175 22.59 -22.30 12.76
C SER C 175 21.12 -22.73 12.81
N ALA C 176 20.31 -22.01 12.02
CA ALA C 176 18.90 -22.35 11.89
C ALA C 176 18.44 -21.97 10.50
N ALA C 177 17.62 -22.86 9.89
CA ALA C 177 16.89 -22.55 8.66
C ALA C 177 15.54 -21.94 9.01
N LEU C 178 15.29 -20.73 8.49
CA LEU C 178 14.10 -19.96 8.85
C LEU C 178 13.27 -19.67 7.61
N SER C 179 11.95 -19.75 7.79
CA SER C 179 11.03 -19.39 6.71
C SER C 179 11.26 -17.97 6.24
N ALA C 180 10.97 -17.74 4.95
CA ALA C 180 10.98 -16.41 4.35
C ALA C 180 9.57 -15.80 4.29
N GLY C 181 8.57 -16.53 4.80
CA GLY C 181 7.17 -16.10 4.70
C GLY C 181 6.83 -15.18 5.86
N LYS C 182 6.32 -13.99 5.53
CA LYS C 182 6.07 -12.97 6.56
C LYS C 182 5.18 -13.49 7.68
N VAL C 183 4.05 -14.16 7.33
CA VAL C 183 3.14 -14.62 8.39
C VAL C 183 3.82 -15.66 9.27
N THR C 184 4.60 -16.56 8.66
CA THR C 184 5.32 -17.58 9.46
C THR C 184 6.37 -16.94 10.35
N ILE C 185 7.12 -16.00 9.81
CA ILE C 185 8.12 -15.27 10.60
C ILE C 185 7.46 -14.61 11.79
N ASP C 186 6.32 -13.92 11.55
CA ASP C 186 5.67 -13.22 12.67
C ASP C 186 5.11 -14.18 13.71
N SER C 187 4.61 -15.33 13.28
CA SER C 187 4.03 -16.22 14.28
C SER C 187 5.10 -17.07 14.99
N SER C 188 6.21 -17.38 14.32
CA SER C 188 7.18 -18.37 14.83
C SER C 188 8.47 -17.86 15.46
N TYR C 189 8.98 -16.70 15.10
CA TYR C 189 10.36 -16.34 15.42
C TYR C 189 10.43 -15.02 16.16
N ASP C 190 11.23 -14.98 17.24
CA ASP C 190 11.66 -13.71 17.81
C ASP C 190 13.03 -13.44 17.20
N ILE C 191 13.03 -12.81 16.02
CA ILE C 191 14.26 -12.68 15.24
C ILE C 191 15.36 -11.96 16.01
N ALA C 192 15.01 -10.83 16.64
CA ALA C 192 16.00 -10.05 17.37
C ALA C 192 16.67 -10.90 18.44
N LYS C 193 15.89 -11.69 19.18
CA LYS C 193 16.53 -12.50 20.24
C LYS C 193 17.38 -13.63 19.65
N ILE C 194 16.82 -14.41 18.71
CA ILE C 194 17.54 -15.62 18.33
C ILE C 194 18.77 -15.28 17.52
N SER C 195 18.73 -14.15 16.80
CA SER C 195 19.88 -13.66 16.04
C SER C 195 21.10 -13.46 16.92
N GLN C 196 20.91 -13.20 18.22
CA GLN C 196 22.03 -12.96 19.11
C GLN C 196 22.86 -14.23 19.26
N HIS C 197 22.18 -15.37 19.30
CA HIS C 197 22.77 -16.65 19.67
C HIS C 197 23.16 -17.52 18.49
N LEU C 198 22.52 -17.32 17.32
CA LEU C 198 22.82 -18.17 16.20
C LEU C 198 24.08 -17.66 15.55
N ASP C 199 24.90 -18.58 15.07
CA ASP C 199 26.07 -18.14 14.31
C ASP C 199 25.67 -17.65 12.93
N PHE C 200 24.66 -18.28 12.30
CA PHE C 200 24.05 -17.73 11.10
C PHE C 200 22.62 -18.26 10.96
N ILE C 201 21.85 -17.50 10.19
CA ILE C 201 20.44 -17.77 9.86
C ILE C 201 20.45 -18.01 8.38
N SER C 202 19.89 -19.14 7.93
CA SER C 202 19.69 -19.33 6.48
C SER C 202 18.22 -19.03 6.20
N ILE C 203 17.95 -18.00 5.40
CA ILE C 203 16.57 -17.67 5.06
C ILE C 203 16.14 -18.40 3.81
N MET C 204 15.02 -19.11 3.92
CA MET C 204 14.59 -20.04 2.84
C MET C 204 13.75 -19.27 1.80
N THR C 205 14.46 -18.44 1.05
CA THR C 205 13.87 -17.52 0.06
C THR C 205 13.52 -18.26 -1.25
N TYR C 206 12.58 -19.20 -1.10
CA TYR C 206 12.05 -19.97 -2.24
C TYR C 206 10.77 -20.63 -1.72
N ASP C 207 10.12 -21.43 -2.58
CA ASP C 207 8.79 -21.95 -2.25
C ASP C 207 7.84 -20.84 -1.84
N PHE C 208 7.99 -19.64 -2.40
CA PHE C 208 7.00 -18.60 -2.15
C PHE C 208 5.69 -18.92 -2.88
N HIS C 209 4.59 -18.41 -2.34
CA HIS C 209 3.27 -18.42 -3.04
C HIS C 209 3.28 -17.25 -4.00
N GLY C 210 3.92 -17.47 -5.10
CA GLY C 210 4.25 -16.40 -6.03
C GLY C 210 3.21 -16.21 -7.10
N ALA C 211 2.07 -16.90 -6.98
CA ALA C 211 1.07 -16.89 -8.08
C ALA C 211 -0.33 -16.60 -7.59
N TRP C 212 -1.07 -15.88 -8.45
CA TRP C 212 -2.51 -15.82 -8.29
C TRP C 212 -3.06 -17.25 -8.22
N ARG C 213 -4.09 -17.46 -7.43
CA ARG C 213 -4.59 -18.83 -7.27
C ARG C 213 -5.01 -19.42 -8.63
N GLY C 214 -4.58 -20.66 -8.89
CA GLY C 214 -4.96 -21.31 -10.13
C GLY C 214 -4.15 -20.89 -11.33
N THR C 215 -3.00 -20.21 -11.10
CA THR C 215 -2.20 -19.70 -12.22
C THR C 215 -0.71 -20.01 -11.98
N THR C 216 0.08 -19.80 -13.03
CA THR C 216 1.52 -19.97 -12.89
C THR C 216 2.12 -18.77 -12.15
N GLY C 217 3.23 -19.02 -11.47
CA GLY C 217 4.04 -17.92 -10.97
C GLY C 217 5.32 -18.50 -10.42
N HIS C 218 6.35 -17.64 -10.33
CA HIS C 218 7.67 -18.12 -9.92
C HIS C 218 7.77 -18.21 -8.39
N HIS C 219 8.33 -19.33 -7.92
CA HIS C 219 8.41 -19.56 -6.47
C HIS C 219 9.58 -18.86 -5.83
N SER C 220 10.52 -18.31 -6.59
CA SER C 220 11.73 -17.71 -5.99
C SER C 220 12.14 -16.47 -6.77
N PRO C 221 11.26 -15.49 -6.87
CA PRO C 221 11.64 -14.26 -7.60
C PRO C 221 12.58 -13.44 -6.73
N LEU C 222 13.47 -12.71 -7.40
CA LEU C 222 14.34 -11.85 -6.61
C LEU C 222 13.57 -10.63 -6.11
N PHE C 223 12.91 -9.91 -7.00
CA PHE C 223 12.07 -8.77 -6.66
C PHE C 223 10.62 -9.09 -7.01
N ARG C 224 9.72 -8.28 -6.46
CA ARG C 224 8.30 -8.45 -6.78
C ARG C 224 8.07 -8.42 -8.30
N GLY C 225 8.67 -7.46 -9.01
CA GLY C 225 8.43 -7.38 -10.46
C GLY C 225 7.10 -6.69 -10.76
N GLN C 226 6.58 -7.03 -11.92
CA GLN C 226 5.36 -6.41 -12.42
C GLN C 226 4.27 -6.43 -11.38
N GLU C 227 3.80 -5.24 -10.95
N GLU C 227 3.80 -5.24 -10.96
CA GLU C 227 3.03 -5.20 -9.71
CA GLU C 227 3.01 -5.14 -9.74
C GLU C 227 1.67 -5.88 -9.82
C GLU C 227 1.69 -5.90 -9.83
N ASP C 228 1.07 -5.95 -11.01
CA ASP C 228 -0.23 -6.63 -11.11
C ASP C 228 -0.10 -8.13 -11.44
N ALA C 229 1.11 -8.67 -11.50
CA ALA C 229 1.32 -10.03 -11.97
C ALA C 229 1.57 -11.02 -10.83
N SER C 230 1.61 -10.54 -9.58
CA SER C 230 1.75 -11.45 -8.46
C SER C 230 0.83 -10.92 -7.36
N PRO C 231 0.33 -11.81 -6.49
CA PRO C 231 -0.77 -11.45 -5.59
C PRO C 231 -0.38 -10.45 -4.49
N ASP C 232 0.87 -10.33 -4.11
CA ASP C 232 1.14 -9.45 -2.98
C ASP C 232 2.61 -9.08 -3.04
N ARG C 233 3.01 -8.13 -2.19
CA ARG C 233 4.40 -7.68 -2.24
C ARG C 233 5.33 -8.44 -1.30
N PHE C 234 4.80 -9.46 -0.62
CA PHE C 234 5.58 -10.16 0.43
C PHE C 234 6.31 -11.38 -0.07
N SER C 235 5.95 -11.90 -1.24
CA SER C 235 6.34 -13.25 -1.64
C SER C 235 7.53 -13.21 -2.61
N ASN C 236 8.62 -12.57 -2.16
CA ASN C 236 9.80 -12.53 -3.01
C ASN C 236 11.00 -12.39 -2.07
N THR C 237 12.17 -12.72 -2.64
CA THR C 237 13.44 -12.77 -1.88
C THR C 237 13.73 -11.41 -1.24
N ASP C 238 13.66 -10.33 -2.04
CA ASP C 238 13.99 -9.00 -1.55
C ASP C 238 13.13 -8.61 -0.35
N TYR C 239 11.79 -8.82 -0.44
CA TYR C 239 10.95 -8.43 0.68
C TYR C 239 11.42 -9.16 1.93
N ALA C 240 11.61 -10.48 1.81
CA ALA C 240 11.92 -11.29 2.97
C ALA C 240 13.24 -10.88 3.60
N VAL C 241 14.27 -10.62 2.77
CA VAL C 241 15.56 -10.17 3.32
C VAL C 241 15.39 -8.85 4.03
N GLY C 242 14.71 -7.90 3.38
CA GLY C 242 14.54 -6.62 4.04
C GLY C 242 13.75 -6.75 5.33
N TYR C 243 12.77 -7.66 5.35
CA TYR C 243 11.95 -7.83 6.55
C TYR C 243 12.77 -8.42 7.69
N MET C 244 13.56 -9.43 7.39
N MET C 244 13.58 -9.43 7.38
CA MET C 244 14.37 -10.00 8.49
CA MET C 244 14.40 -10.03 8.44
C MET C 244 15.40 -9.02 9.00
C MET C 244 15.40 -9.02 8.99
N LEU C 245 15.98 -8.20 8.12
CA LEU C 245 16.88 -7.14 8.56
C LEU C 245 16.15 -6.13 9.46
N ARG C 246 14.95 -5.72 9.03
CA ARG C 246 14.19 -4.77 9.83
C ARG C 246 13.86 -5.33 11.21
N LEU C 247 13.56 -6.62 11.26
CA LEU C 247 13.27 -7.28 12.54
C LEU C 247 14.54 -7.50 13.40
N GLY C 248 15.73 -7.12 12.95
CA GLY C 248 16.91 -7.17 13.79
C GLY C 248 17.91 -8.26 13.52
N ALA C 249 17.76 -9.06 12.47
CA ALA C 249 18.83 -10.01 12.11
C ALA C 249 19.99 -9.19 11.58
N PRO C 250 21.20 -9.30 12.13
CA PRO C 250 22.33 -8.62 11.50
C PRO C 250 22.55 -9.16 10.10
N ALA C 251 22.86 -8.23 9.20
CA ALA C 251 23.26 -8.65 7.86
C ALA C 251 24.40 -9.65 7.91
N SER C 252 25.37 -9.46 8.83
CA SER C 252 26.49 -10.38 8.90
C SER C 252 26.12 -11.78 9.40
N LYS C 253 24.85 -12.03 9.78
CA LYS C 253 24.41 -13.36 10.21
C LYS C 253 23.39 -13.97 9.29
N LEU C 254 23.01 -13.25 8.25
CA LEU C 254 21.93 -13.66 7.35
C LEU C 254 22.51 -14.28 6.07
N VAL C 255 22.17 -15.53 5.81
CA VAL C 255 22.61 -16.23 4.62
C VAL C 255 21.39 -16.46 3.74
N MET C 256 21.47 -16.07 2.46
CA MET C 256 20.27 -15.99 1.61
C MET C 256 20.09 -17.25 0.79
N GLY C 257 18.92 -17.89 0.93
CA GLY C 257 18.68 -19.14 0.22
C GLY C 257 18.49 -18.96 -1.28
N ILE C 258 19.13 -19.85 -2.05
CA ILE C 258 19.01 -19.92 -3.52
C ILE C 258 18.70 -21.36 -3.87
N PRO C 259 17.64 -21.64 -4.63
CA PRO C 259 17.26 -23.04 -4.88
C PRO C 259 17.89 -23.59 -6.15
N THR C 260 18.36 -24.84 -6.09
CA THR C 260 18.75 -25.55 -7.31
C THR C 260 17.63 -26.48 -7.75
N PHE C 261 16.42 -26.04 -7.55
CA PHE C 261 15.24 -26.75 -8.01
C PHE C 261 14.25 -25.72 -8.50
N GLY C 262 13.29 -26.16 -9.30
CA GLY C 262 12.19 -25.31 -9.71
C GLY C 262 10.84 -25.86 -9.27
N ARG C 263 9.83 -25.00 -9.32
CA ARG C 263 8.47 -25.41 -9.00
C ARG C 263 7.65 -25.33 -10.28
N SER C 264 6.93 -26.41 -10.57
CA SER C 264 6.33 -26.60 -11.91
C SER C 264 4.81 -26.70 -11.84
N PHE C 265 4.17 -26.50 -13.03
CA PHE C 265 2.72 -26.51 -13.15
C PHE C 265 2.35 -27.18 -14.46
N THR C 266 1.15 -27.76 -14.49
CA THR C 266 0.53 -28.20 -15.74
C THR C 266 -0.40 -27.09 -16.18
N LEU C 267 -0.19 -26.60 -17.41
CA LEU C 267 -0.98 -25.52 -17.99
C LEU C 267 -2.34 -26.05 -18.41
N ALA C 268 -3.34 -25.16 -18.37
CA ALA C 268 -4.72 -25.52 -18.73
C ALA C 268 -5.16 -24.86 -20.04
N SER C 269 -4.28 -24.10 -20.69
CA SER C 269 -4.69 -23.42 -21.95
C SER C 269 -3.46 -23.17 -22.81
N SER C 270 -3.65 -22.45 -23.92
CA SER C 270 -2.50 -22.05 -24.73
C SER C 270 -1.69 -20.92 -24.12
N GLU C 271 -2.15 -20.30 -23.02
CA GLU C 271 -1.40 -19.24 -22.37
C GLU C 271 -0.24 -19.78 -21.58
N THR C 272 0.90 -19.13 -21.68
CA THR C 272 2.10 -19.67 -21.04
C THR C 272 2.85 -18.63 -20.23
N GLY C 273 2.33 -17.41 -20.07
CA GLY C 273 3.08 -16.42 -19.32
C GLY C 273 2.88 -16.62 -17.82
N VAL C 274 3.47 -15.71 -17.04
CA VAL C 274 3.15 -15.63 -15.62
C VAL C 274 1.68 -15.29 -15.49
N GLY C 275 1.01 -15.96 -14.59
CA GLY C 275 -0.42 -15.75 -14.40
C GLY C 275 -1.28 -16.56 -15.35
N ALA C 276 -0.71 -17.46 -16.15
CA ALA C 276 -1.49 -18.34 -17.04
C ALA C 276 -2.25 -19.40 -16.24
N PRO C 277 -3.44 -19.80 -16.68
CA PRO C 277 -4.21 -20.76 -15.88
C PRO C 277 -3.53 -22.14 -15.87
N ILE C 278 -3.62 -22.81 -14.73
CA ILE C 278 -3.08 -24.15 -14.54
C ILE C 278 -4.17 -25.10 -14.11
N SER C 279 -3.92 -26.40 -14.33
CA SER C 279 -4.80 -27.43 -13.82
C SER C 279 -4.26 -28.14 -12.60
N GLY C 280 -2.99 -27.94 -12.26
CA GLY C 280 -2.37 -28.65 -11.14
C GLY C 280 -0.86 -28.58 -11.25
N PRO C 281 -0.20 -29.33 -10.37
CA PRO C 281 1.27 -29.36 -10.38
C PRO C 281 1.82 -29.97 -11.67
N GLY C 282 3.08 -29.63 -11.94
CA GLY C 282 3.80 -30.21 -13.05
C GLY C 282 3.99 -31.72 -12.93
N ILE C 283 4.23 -32.34 -14.09
CA ILE C 283 4.51 -33.77 -14.18
C ILE C 283 5.78 -34.06 -13.41
N PRO C 284 5.84 -35.13 -12.62
CA PRO C 284 7.06 -35.40 -11.83
C PRO C 284 8.32 -35.56 -12.67
N GLY C 285 9.45 -35.16 -12.11
CA GLY C 285 10.72 -35.48 -12.75
C GLY C 285 11.02 -36.97 -12.70
N ARG C 286 11.82 -37.43 -13.67
CA ARG C 286 12.11 -38.86 -13.81
C ARG C 286 12.92 -39.39 -12.62
N PHE C 287 13.76 -38.54 -12.02
CA PHE C 287 14.61 -38.95 -10.90
C PHE C 287 14.09 -38.53 -9.55
N THR C 288 13.49 -37.35 -9.45
CA THR C 288 13.02 -36.88 -8.14
C THR C 288 11.59 -37.28 -7.84
N LYS C 289 10.77 -37.58 -8.87
CA LYS C 289 9.47 -38.23 -8.67
C LYS C 289 8.57 -37.52 -7.68
N GLU C 290 8.47 -36.18 -7.81
CA GLU C 290 7.62 -35.38 -6.93
C GLU C 290 6.88 -34.33 -7.78
N ALA C 291 5.60 -34.55 -8.02
CA ALA C 291 4.87 -33.60 -8.85
C ALA C 291 4.97 -32.17 -8.32
N GLY C 292 5.23 -31.22 -9.22
CA GLY C 292 5.31 -29.83 -8.85
C GLY C 292 6.71 -29.36 -8.50
N THR C 293 7.69 -30.26 -8.53
CA THR C 293 9.09 -29.88 -8.40
C THR C 293 9.94 -30.57 -9.45
N LEU C 294 11.10 -29.96 -9.75
CA LEU C 294 12.10 -30.59 -10.60
C LEU C 294 13.47 -30.16 -10.11
N ALA C 295 14.43 -31.07 -10.13
CA ALA C 295 15.82 -30.70 -9.83
C ALA C 295 16.38 -29.88 -10.98
N TYR C 296 17.42 -29.08 -10.72
CA TYR C 296 18.03 -28.35 -11.82
C TYR C 296 18.51 -29.27 -12.94
N TYR C 297 19.10 -30.43 -12.61
CA TYR C 297 19.55 -31.31 -13.69
C TYR C 297 18.38 -31.86 -14.52
N GLU C 298 17.22 -32.08 -13.90
CA GLU C 298 16.03 -32.45 -14.66
C GLU C 298 15.57 -31.31 -15.52
N ILE C 299 15.68 -30.08 -15.01
CA ILE C 299 15.30 -28.92 -15.82
C ILE C 299 16.20 -28.80 -17.03
N CYS C 300 17.50 -29.06 -16.89
CA CYS C 300 18.41 -29.02 -18.05
C CYS C 300 17.93 -29.95 -19.15
N ASP C 301 17.44 -31.13 -18.80
CA ASP C 301 16.84 -32.07 -19.76
C ASP C 301 15.59 -31.46 -20.38
N PHE C 302 14.73 -30.90 -19.51
CA PHE C 302 13.49 -30.27 -19.94
C PHE C 302 13.74 -29.13 -20.92
N LEU C 303 14.86 -28.38 -20.75
CA LEU C 303 15.16 -27.21 -21.58
C LEU C 303 15.35 -27.55 -23.06
N ARG C 304 15.69 -28.80 -23.38
CA ARG C 304 15.84 -29.22 -24.77
C ARG C 304 14.48 -29.15 -25.45
N GLY C 305 14.31 -28.19 -26.36
CA GLY C 305 13.03 -27.98 -26.98
C GLY C 305 12.11 -27.03 -26.23
N ALA C 306 12.53 -26.53 -25.07
CA ALA C 306 11.64 -25.63 -24.34
C ALA C 306 11.93 -24.20 -24.74
N THR C 307 11.02 -23.30 -24.37
CA THR C 307 11.27 -21.88 -24.49
C THR C 307 11.49 -21.27 -23.12
N VAL C 308 12.62 -20.60 -22.96
CA VAL C 308 12.98 -19.94 -21.71
C VAL C 308 12.58 -18.49 -21.83
N HIS C 309 11.91 -17.98 -20.81
N HIS C 309 11.93 -17.98 -20.80
CA HIS C 309 11.58 -16.57 -20.69
CA HIS C 309 11.58 -16.57 -20.70
C HIS C 309 12.19 -16.04 -19.41
C HIS C 309 12.13 -16.01 -19.41
N ARG C 310 12.88 -14.92 -19.51
CA ARG C 310 13.37 -14.25 -18.31
C ARG C 310 12.27 -13.30 -17.86
N ILE C 311 11.75 -13.54 -16.65
CA ILE C 311 10.73 -12.66 -16.11
C ILE C 311 11.40 -11.34 -15.81
N LEU C 312 11.00 -10.32 -16.54
CA LEU C 312 11.77 -9.08 -16.57
C LEU C 312 11.94 -8.47 -15.21
N GLY C 313 10.85 -8.26 -14.48
CA GLY C 313 11.01 -7.59 -13.21
C GLY C 313 11.43 -8.47 -12.02
N GLN C 314 11.22 -9.76 -12.13
CA GLN C 314 11.61 -10.68 -11.05
C GLN C 314 13.02 -11.20 -11.19
N GLN C 315 13.61 -11.10 -12.38
CA GLN C 315 15.02 -11.42 -12.64
C GLN C 315 15.34 -12.89 -12.49
N VAL C 316 14.36 -13.71 -12.85
CA VAL C 316 14.49 -15.17 -12.80
C VAL C 316 13.76 -15.74 -14.03
N PRO C 317 14.22 -16.88 -14.52
CA PRO C 317 13.60 -17.52 -15.69
C PRO C 317 12.43 -18.44 -15.35
N TYR C 318 11.55 -18.64 -16.38
CA TYR C 318 10.69 -19.82 -16.41
C TYR C 318 10.87 -20.45 -17.77
N ALA C 319 10.61 -21.73 -17.82
CA ALA C 319 10.66 -22.47 -19.06
C ALA C 319 9.34 -23.15 -19.30
N THR C 320 8.91 -23.22 -20.58
CA THR C 320 7.65 -23.86 -20.88
C THR C 320 7.79 -24.69 -22.15
N LYS C 321 7.09 -25.82 -22.15
CA LYS C 321 7.15 -26.77 -23.26
C LYS C 321 5.87 -27.58 -23.21
N GLY C 322 5.10 -27.62 -24.32
CA GLY C 322 3.86 -28.34 -24.17
C GLY C 322 3.00 -27.81 -23.04
N ASN C 323 2.37 -28.72 -22.32
CA ASN C 323 1.52 -28.27 -21.23
C ASN C 323 2.29 -28.13 -19.89
N GLN C 324 3.60 -27.98 -19.94
CA GLN C 324 4.37 -27.88 -18.69
C GLN C 324 5.04 -26.51 -18.56
N TRP C 325 5.17 -26.04 -17.30
CA TRP C 325 5.74 -24.74 -17.02
C TRP C 325 6.56 -24.87 -15.75
N VAL C 326 7.76 -24.30 -15.72
CA VAL C 326 8.56 -24.46 -14.49
C VAL C 326 9.33 -23.16 -14.22
N GLY C 327 9.24 -22.65 -12.98
CA GLY C 327 9.99 -21.46 -12.60
C GLY C 327 11.20 -21.93 -11.82
N TYR C 328 12.38 -21.46 -12.25
CA TYR C 328 13.61 -22.00 -11.66
C TYR C 328 14.69 -20.92 -11.64
N ASP C 329 15.90 -21.32 -11.20
CA ASP C 329 17.05 -20.41 -11.21
C ASP C 329 18.12 -21.01 -12.12
N ASP C 330 18.81 -20.14 -12.89
CA ASP C 330 19.88 -20.61 -13.77
C ASP C 330 21.17 -19.83 -13.47
N GLN C 331 22.22 -20.01 -14.27
CA GLN C 331 23.48 -19.35 -13.91
C GLN C 331 23.33 -17.84 -13.95
N GLU C 332 22.54 -17.31 -14.90
CA GLU C 332 22.34 -15.87 -14.92
C GLU C 332 21.58 -15.38 -13.70
N SER C 333 20.47 -16.06 -13.32
CA SER C 333 19.69 -15.53 -12.21
C SER C 333 20.40 -15.67 -10.86
N VAL C 334 21.16 -16.74 -10.65
CA VAL C 334 21.86 -16.81 -9.37
C VAL C 334 22.92 -15.71 -9.27
N LYS C 335 23.46 -15.25 -10.41
CA LYS C 335 24.45 -14.16 -10.35
C LYS C 335 23.80 -12.86 -9.91
N SER C 336 22.56 -12.57 -10.36
CA SER C 336 21.82 -11.40 -9.88
C SER C 336 21.48 -11.53 -8.41
N LYS C 337 21.07 -12.73 -7.99
CA LYS C 337 20.79 -12.92 -6.57
C LYS C 337 22.03 -12.71 -5.72
N VAL C 338 23.19 -13.15 -6.20
CA VAL C 338 24.43 -12.91 -5.43
C VAL C 338 24.77 -11.43 -5.45
N GLN C 339 24.57 -10.76 -6.60
CA GLN C 339 24.79 -9.31 -6.60
C GLN C 339 23.95 -8.65 -5.51
N TYR C 340 22.67 -9.04 -5.42
CA TYR C 340 21.77 -8.47 -4.41
C TYR C 340 22.30 -8.71 -2.99
N LEU C 341 22.67 -9.95 -2.68
CA LEU C 341 23.10 -10.22 -1.33
C LEU C 341 24.40 -9.48 -1.03
N LYS C 342 25.31 -9.39 -2.00
CA LYS C 342 26.56 -8.63 -1.76
C LYS C 342 26.26 -7.17 -1.51
N ASP C 343 25.34 -6.59 -2.30
CA ASP C 343 25.01 -5.19 -2.11
C ASP C 343 24.38 -4.96 -0.76
N ARG C 344 23.62 -5.93 -0.26
CA ARG C 344 23.07 -5.78 1.07
C ARG C 344 24.03 -6.21 2.19
N GLN C 345 25.28 -6.57 1.86
CA GLN C 345 26.30 -6.96 2.84
C GLN C 345 25.87 -8.16 3.69
N LEU C 346 25.15 -9.11 3.06
CA LEU C 346 24.77 -10.30 3.79
C LEU C 346 25.98 -11.23 3.98
N ALA C 347 25.79 -12.23 4.82
CA ALA C 347 26.89 -13.13 5.17
C ALA C 347 27.26 -14.04 4.00
N GLY C 348 26.31 -14.34 3.12
CA GLY C 348 26.62 -15.19 1.99
C GLY C 348 25.33 -15.83 1.47
N ALA C 349 25.49 -16.96 0.80
CA ALA C 349 24.37 -17.64 0.15
C ALA C 349 24.21 -19.02 0.75
N MET C 350 22.97 -19.53 0.72
CA MET C 350 22.72 -20.90 1.16
C MET C 350 22.10 -21.58 -0.06
N VAL C 351 22.41 -22.84 -0.25
CA VAL C 351 21.95 -23.59 -1.41
C VAL C 351 21.18 -24.81 -0.95
N TRP C 352 19.94 -24.96 -1.43
CA TRP C 352 19.18 -26.21 -1.30
C TRP C 352 18.94 -26.71 -2.72
N ALA C 353 19.62 -27.78 -3.16
CA ALA C 353 20.56 -28.61 -2.39
C ALA C 353 21.61 -29.12 -3.40
N LEU C 354 22.75 -29.57 -2.89
CA LEU C 354 23.84 -30.01 -3.77
C LEU C 354 23.39 -31.15 -4.67
N ASP C 355 22.56 -32.07 -4.17
CA ASP C 355 22.15 -33.25 -4.93
C ASP C 355 21.10 -32.93 -6.00
N LEU C 356 20.60 -31.70 -6.02
CA LEU C 356 19.64 -31.22 -7.02
C LEU C 356 20.31 -30.38 -8.12
N ASP C 357 21.50 -29.86 -7.86
CA ASP C 357 22.32 -29.27 -8.89
C ASP C 357 22.78 -30.41 -9.82
N ASP C 358 23.42 -30.07 -10.94
CA ASP C 358 23.96 -31.11 -11.82
C ASP C 358 25.31 -31.58 -11.26
N PHE C 359 25.25 -32.37 -10.19
CA PHE C 359 26.47 -32.79 -9.50
C PHE C 359 27.32 -33.74 -10.34
N GLN C 360 26.72 -34.46 -11.29
CA GLN C 360 27.47 -35.31 -12.23
C GLN C 360 28.08 -34.50 -13.36
N GLY C 361 27.55 -33.33 -13.64
CA GLY C 361 27.97 -32.59 -14.80
C GLY C 361 27.44 -33.13 -16.11
N SER C 362 26.50 -34.07 -16.07
CA SER C 362 26.12 -34.81 -17.28
C SER C 362 24.86 -34.29 -17.97
N PHE C 363 24.04 -33.45 -17.33
CA PHE C 363 22.79 -33.03 -17.95
C PHE C 363 22.84 -31.65 -18.57
N CYS C 364 23.65 -30.75 -18.07
CA CYS C 364 23.51 -29.34 -18.38
C CYS C 364 24.48 -28.87 -19.44
N GLY C 365 25.23 -29.78 -20.06
CA GLY C 365 25.88 -29.51 -21.32
C GLY C 365 27.13 -28.66 -21.26
N GLN C 366 27.89 -28.77 -20.19
CA GLN C 366 29.21 -28.14 -20.14
C GLN C 366 30.25 -29.09 -19.58
N ASP C 367 29.92 -30.38 -19.44
CA ASP C 367 30.75 -31.33 -18.70
C ASP C 367 31.08 -30.82 -17.30
N LEU C 368 30.48 -29.68 -16.90
CA LEU C 368 30.82 -28.97 -15.69
C LEU C 368 29.95 -29.49 -14.53
N ARG C 369 30.60 -29.94 -13.47
CA ARG C 369 29.87 -30.40 -12.29
C ARG C 369 29.44 -29.20 -11.46
N PHE C 370 28.28 -29.33 -10.81
CA PHE C 370 27.71 -28.28 -9.96
C PHE C 370 27.67 -26.94 -10.68
N PRO C 371 27.03 -26.87 -11.85
CA PRO C 371 27.02 -25.59 -12.59
C PRO C 371 26.38 -24.47 -11.81
N LEU C 372 25.24 -24.72 -11.14
CA LEU C 372 24.60 -23.61 -10.41
C LEU C 372 25.40 -23.22 -9.18
N THR C 373 25.84 -24.20 -8.38
CA THR C 373 26.59 -23.82 -7.18
C THR C 373 27.91 -23.17 -7.52
N ASN C 374 28.58 -23.63 -8.59
CA ASN C 374 29.81 -22.95 -8.99
C ASN C 374 29.53 -21.53 -9.47
N ALA C 375 28.38 -21.31 -10.15
CA ALA C 375 28.03 -19.96 -10.56
C ALA C 375 27.87 -19.07 -9.34
N ILE C 376 27.27 -19.60 -8.27
CA ILE C 376 27.15 -18.84 -7.04
C ILE C 376 28.52 -18.57 -6.41
N LYS C 377 29.37 -19.60 -6.32
CA LYS C 377 30.72 -19.42 -5.81
C LYS C 377 31.49 -18.38 -6.62
N ASP C 378 31.39 -18.42 -7.95
CA ASP C 378 32.16 -17.46 -8.77
C ASP C 378 31.64 -16.05 -8.55
N ALA C 379 30.33 -15.89 -8.52
CA ALA C 379 29.76 -14.56 -8.25
C ALA C 379 30.10 -14.06 -6.85
N LEU C 380 30.16 -14.94 -5.83
CA LEU C 380 30.55 -14.43 -4.51
C LEU C 380 32.00 -13.94 -4.53
N ALA C 381 32.85 -14.59 -5.31
CA ALA C 381 34.25 -14.19 -5.39
C ALA C 381 34.47 -13.04 -6.36
N ALA C 382 33.54 -12.79 -7.28
CA ALA C 382 33.75 -11.75 -8.30
C ALA C 382 33.98 -10.38 -7.66
N THR C 383 34.85 -9.56 -8.27
CA THR C 383 35.16 -8.20 -7.74
C THR C 383 34.83 -7.16 -8.81
N TYR D 22 -0.76 5.42 33.14
CA TYR D 22 -0.62 6.33 32.01
C TYR D 22 -0.14 7.71 32.52
N LYS D 23 0.57 8.44 31.64
CA LYS D 23 0.87 9.85 31.83
C LYS D 23 -0.22 10.70 31.17
N LEU D 24 -0.55 11.83 31.81
CA LEU D 24 -1.37 12.87 31.17
C LEU D 24 -0.52 14.13 31.30
N VAL D 25 0.11 14.54 30.19
CA VAL D 25 1.11 15.62 30.12
C VAL D 25 0.39 16.82 29.53
N CYS D 26 0.31 17.93 30.25
CA CYS D 26 -0.51 19.08 29.88
C CYS D 26 0.33 20.35 29.80
N TYR D 27 0.16 21.13 28.74
CA TYR D 27 0.94 22.34 28.62
C TYR D 27 0.17 23.55 29.12
N TYR D 28 0.89 24.48 29.76
CA TYR D 28 0.34 25.79 30.07
C TYR D 28 1.23 26.80 29.38
N THR D 29 0.63 27.81 28.74
CA THR D 29 1.41 28.77 27.98
C THR D 29 1.41 30.13 28.68
N SER D 30 2.60 30.70 28.88
CA SER D 30 2.69 31.92 29.65
C SER D 30 2.05 33.13 28.98
N TRP D 31 1.86 33.13 27.65
CA TRP D 31 1.24 34.30 27.05
C TRP D 31 -0.27 34.28 27.17
N SER D 32 -0.85 33.16 27.66
CA SER D 32 -2.31 33.14 27.79
C SER D 32 -2.78 34.09 28.90
N GLN D 33 -1.87 34.58 29.76
CA GLN D 33 -2.25 35.54 30.78
C GLN D 33 -2.79 36.84 30.19
N TYR D 34 -2.43 37.17 28.93
CA TYR D 34 -2.76 38.48 28.34
C TYR D 34 -4.07 38.52 27.62
N ARG D 35 -4.73 37.37 27.46
CA ARG D 35 -6.00 37.37 26.77
C ARG D 35 -7.03 38.17 27.56
N GLU D 36 -7.94 38.82 26.82
CA GLU D 36 -8.90 39.71 27.46
C GLU D 36 -9.94 38.94 28.30
N GLY D 37 -10.41 39.60 29.36
CA GLY D 37 -11.55 39.12 30.11
C GLY D 37 -11.39 37.69 30.56
N ASP D 38 -12.42 36.90 30.29
CA ASP D 38 -12.37 35.51 30.74
C ASP D 38 -11.34 34.66 30.01
N GLY D 39 -10.73 35.14 28.92
CA GLY D 39 -9.69 34.32 28.31
C GLY D 39 -8.38 34.31 29.09
N SER D 40 -8.18 35.28 29.99
CA SER D 40 -6.92 35.38 30.71
C SER D 40 -6.70 34.16 31.58
N CYS D 41 -5.55 33.51 31.43
CA CYS D 41 -5.30 32.26 32.15
C CYS D 41 -3.97 32.34 32.91
N PHE D 42 -4.00 32.13 34.22
CA PHE D 42 -2.80 32.07 35.05
C PHE D 42 -2.73 30.69 35.68
N PRO D 43 -1.57 30.24 36.14
CA PRO D 43 -1.49 28.86 36.63
C PRO D 43 -2.34 28.61 37.87
N ASP D 44 -2.74 29.63 38.61
CA ASP D 44 -3.62 29.33 39.74
C ASP D 44 -5.04 29.01 39.29
N ALA D 45 -5.34 29.03 37.99
CA ALA D 45 -6.62 28.55 37.50
C ALA D 45 -6.57 27.07 37.14
N LEU D 46 -5.42 26.44 37.32
CA LEU D 46 -5.29 25.03 36.88
C LEU D 46 -5.66 24.06 38.01
N ASP D 47 -6.21 22.90 37.65
CA ASP D 47 -6.57 21.84 38.62
C ASP D 47 -5.32 21.01 38.89
N ARG D 48 -4.85 20.99 40.14
CA ARG D 48 -3.59 20.30 40.49
C ARG D 48 -3.70 18.78 40.32
N PHE D 49 -4.93 18.24 40.31
CA PHE D 49 -5.12 16.78 40.23
C PHE D 49 -5.54 16.37 38.82
N LEU D 50 -5.53 17.31 37.89
CA LEU D 50 -6.02 16.98 36.55
C LEU D 50 -5.02 16.14 35.78
N CYS D 51 -3.77 16.57 35.76
CA CYS D 51 -2.70 16.03 34.93
C CYS D 51 -1.64 15.39 35.81
N THR D 52 -0.82 14.51 35.20
CA THR D 52 0.32 13.96 35.94
C THR D 52 1.57 14.83 35.81
N HIS D 53 1.68 15.53 34.68
CA HIS D 53 2.80 16.41 34.35
C HIS D 53 2.22 17.69 33.79
N ILE D 54 2.62 18.86 34.32
CA ILE D 54 2.30 20.14 33.67
C ILE D 54 3.59 20.75 33.15
N ILE D 55 3.60 21.13 31.88
CA ILE D 55 4.79 21.69 31.24
C ILE D 55 4.51 23.16 30.97
N TYR D 56 5.43 24.03 31.41
CA TYR D 56 5.32 25.48 31.28
C TYR D 56 6.04 25.89 29.99
N SER D 57 5.33 26.60 29.06
CA SER D 57 5.93 27.09 27.81
C SER D 57 5.89 28.61 27.75
N PHE D 58 7.01 29.27 27.35
CA PHE D 58 8.33 28.72 27.02
C PHE D 58 9.44 29.46 27.74
N ALA D 59 10.56 28.78 27.91
CA ALA D 59 11.78 29.42 28.38
C ALA D 59 12.62 29.85 27.18
N ASN D 60 13.44 30.87 27.38
CA ASN D 60 14.31 31.42 26.37
C ASN D 60 15.69 30.75 26.49
N ILE D 61 16.52 30.91 25.47
CA ILE D 61 17.96 30.70 25.60
C ILE D 61 18.64 32.02 25.27
N SER D 62 19.47 32.51 26.19
CA SER D 62 20.04 33.83 26.04
C SER D 62 21.48 33.74 26.52
N ASN D 63 22.43 34.16 25.67
CA ASN D 63 23.86 34.03 25.97
C ASN D 63 24.22 32.59 26.31
N ASP D 64 23.57 31.66 25.60
CA ASP D 64 23.73 30.21 25.66
C ASP D 64 23.30 29.62 27.00
N HIS D 65 22.59 30.37 27.84
CA HIS D 65 22.01 29.88 29.08
CA HIS D 65 22.00 29.80 29.03
C HIS D 65 20.48 29.84 28.94
N ILE D 66 19.84 28.87 29.59
CA ILE D 66 18.37 28.93 29.69
C ILE D 66 17.99 30.15 30.53
N ASP D 67 16.85 30.75 30.21
CA ASP D 67 16.48 32.00 30.87
C ASP D 67 14.98 32.20 30.80
N THR D 68 14.50 33.13 31.63
CA THR D 68 13.07 33.42 31.57
C THR D 68 12.75 34.16 30.27
N TRP D 69 11.44 34.30 30.03
CA TRP D 69 10.93 34.95 28.83
C TRP D 69 10.02 36.11 29.21
N GLU D 70 8.85 35.84 29.80
CA GLU D 70 7.96 36.90 30.23
C GLU D 70 8.49 37.58 31.47
N TRP D 71 8.11 38.86 31.63
CA TRP D 71 8.59 39.65 32.75
C TRP D 71 8.21 39.04 34.09
N ASN D 72 7.12 38.28 34.15
CA ASN D 72 6.68 37.74 35.43
C ASN D 72 6.81 36.23 35.51
N ASP D 73 7.71 35.66 34.71
CA ASP D 73 7.87 34.20 34.72
C ASP D 73 8.13 33.66 36.13
N VAL D 74 9.00 34.33 36.91
CA VAL D 74 9.32 33.78 38.24
C VAL D 74 8.08 33.70 39.11
N THR D 75 7.26 34.73 39.09
CA THR D 75 5.98 34.66 39.80
C THR D 75 5.13 33.49 39.28
N LEU D 76 5.00 33.37 37.96
CA LEU D 76 4.10 32.35 37.44
C LEU D 76 4.67 30.94 37.62
N TYR D 77 6.00 30.80 37.56
CA TYR D 77 6.61 29.53 37.90
C TYR D 77 6.15 29.10 39.29
N GLY D 78 6.14 30.06 40.22
CA GLY D 78 5.76 29.72 41.58
C GLY D 78 4.28 29.41 41.70
N MET D 79 3.45 30.15 40.95
CA MET D 79 2.03 29.84 40.91
C MET D 79 1.81 28.41 40.44
N LEU D 80 2.58 27.98 39.43
CA LEU D 80 2.44 26.61 38.92
C LEU D 80 2.94 25.60 39.95
N ASN D 81 4.13 25.81 40.51
CA ASN D 81 4.69 24.76 41.35
C ASN D 81 4.00 24.70 42.72
N THR D 82 3.28 25.75 43.10
CA THR D 82 2.42 25.71 44.29
C THR D 82 1.38 24.61 44.18
N LEU D 83 0.95 24.28 42.98
CA LEU D 83 0.00 23.21 42.79
C LEU D 83 0.51 21.86 43.32
N LYS D 84 1.82 21.70 43.41
CA LYS D 84 2.37 20.45 43.96
C LYS D 84 2.16 20.32 45.48
N ASN D 85 1.71 21.37 46.17
CA ASN D 85 1.65 21.29 47.64
C ASN D 85 0.64 20.23 48.09
N ARG D 86 -0.55 20.22 47.49
CA ARG D 86 -1.55 19.24 47.87
C ARG D 86 -1.49 17.98 47.01
N ASN D 87 -0.72 18.00 45.92
CA ASN D 87 -0.50 16.85 45.05
C ASN D 87 0.97 16.49 44.90
N PRO D 88 1.53 15.71 45.83
CA PRO D 88 2.94 15.33 45.70
C PRO D 88 3.28 14.52 44.45
N ASN D 89 2.30 13.90 43.80
CA ASN D 89 2.55 13.13 42.59
C ASN D 89 2.66 14.00 41.33
N LEU D 90 2.33 15.28 41.40
CA LEU D 90 2.36 16.12 40.21
C LEU D 90 3.81 16.47 39.88
N LYS D 91 4.21 16.32 38.62
CA LYS D 91 5.50 16.77 38.15
C LYS D 91 5.33 18.01 37.28
N THR D 92 6.33 18.90 37.32
CA THR D 92 6.34 20.03 36.41
C THR D 92 7.61 20.02 35.58
N LEU D 93 7.52 20.45 34.32
CA LEU D 93 8.69 20.59 33.48
C LEU D 93 8.63 21.99 32.86
N LEU D 94 9.81 22.50 32.48
CA LEU D 94 9.93 23.79 31.80
C LEU D 94 10.30 23.53 30.36
N SER D 95 9.51 24.05 29.40
CA SER D 95 9.79 23.81 27.99
C SER D 95 10.60 24.95 27.41
N VAL D 96 11.69 24.62 26.72
CA VAL D 96 12.58 25.63 26.16
C VAL D 96 12.49 25.60 24.63
N GLY D 97 12.26 26.76 24.04
CA GLY D 97 12.14 26.89 22.58
C GLY D 97 10.81 27.45 22.18
N GLY D 98 10.14 26.75 21.29
CA GLY D 98 8.83 27.12 20.79
C GLY D 98 8.90 27.31 19.29
N TRP D 99 7.76 27.67 18.68
CA TRP D 99 7.76 27.73 17.22
C TRP D 99 8.09 29.11 16.68
N ASN D 100 8.10 30.15 17.53
CA ASN D 100 8.58 31.47 17.14
C ASN D 100 9.90 31.78 17.82
N PHE D 101 10.71 30.73 18.04
CA PHE D 101 11.96 30.84 18.76
C PHE D 101 13.12 31.09 17.81
N GLY D 102 13.12 30.37 16.69
CA GLY D 102 14.25 30.47 15.76
C GLY D 102 15.07 29.19 15.83
N SER D 103 14.79 28.25 14.93
CA SER D 103 15.55 26.98 14.91
C SER D 103 17.02 27.28 14.63
N GLN D 104 17.29 28.39 13.92
CA GLN D 104 18.69 28.80 13.63
C GLN D 104 19.37 29.18 14.94
N ARG D 105 18.61 29.75 15.87
CA ARG D 105 19.16 30.08 17.21
C ARG D 105 19.47 28.79 17.96
N PHE D 106 18.52 27.85 17.98
CA PHE D 106 18.72 26.58 18.70
C PHE D 106 19.83 25.82 17.98
N SER D 107 19.88 26.02 16.67
CA SER D 107 20.84 25.21 15.93
C SER D 107 22.27 25.57 16.30
N LYS D 108 22.58 26.88 16.30
CA LYS D 108 23.93 27.34 16.58
C LYS D 108 24.40 26.90 17.97
N ILE D 109 23.47 26.68 18.89
CA ILE D 109 23.82 26.18 20.22
C ILE D 109 24.18 24.70 20.16
N ALA D 110 23.39 23.91 19.46
CA ALA D 110 23.58 22.48 19.44
C ALA D 110 24.77 22.04 18.57
N SER D 111 25.18 22.85 17.59
CA SER D 111 26.29 22.47 16.71
C SER D 111 27.65 22.94 17.24
N ASN D 112 27.68 23.95 18.09
CA ASN D 112 28.92 24.46 18.68
C ASN D 112 29.17 23.73 19.99
N THR D 113 30.33 23.06 20.10
CA THR D 113 30.64 22.30 21.31
C THR D 113 30.61 23.15 22.57
N GLN D 114 31.11 24.38 22.48
CA GLN D 114 31.19 25.19 23.70
C GLN D 114 29.82 25.75 24.07
N SER D 115 29.03 26.20 23.09
CA SER D 115 27.69 26.69 23.40
C SER D 115 26.82 25.57 23.92
N ARG D 116 27.00 24.37 23.40
CA ARG D 116 26.25 23.21 23.87
C ARG D 116 26.54 22.90 25.33
N ARG D 117 27.82 22.90 25.72
CA ARG D 117 28.18 22.71 27.12
C ARG D 117 27.55 23.77 28.02
N THR D 118 27.69 25.05 27.64
CA THR D 118 27.16 26.17 28.44
C THR D 118 25.66 25.97 28.68
N PHE D 119 24.92 25.72 27.61
CA PHE D 119 23.48 25.53 27.72
C PHE D 119 23.16 24.39 28.66
N ILE D 120 23.76 23.22 28.41
CA ILE D 120 23.50 22.04 29.22
C ILE D 120 23.82 22.32 30.68
N LYS D 121 25.01 22.87 30.95
CA LYS D 121 25.38 23.12 32.34
C LYS D 121 24.39 24.07 33.01
N SER D 122 23.80 25.00 32.26
CA SER D 122 22.92 25.98 32.88
C SER D 122 21.54 25.43 33.27
N VAL D 123 21.14 24.28 32.73
CA VAL D 123 19.76 23.81 32.92
C VAL D 123 19.46 23.29 34.32
N PRO D 124 20.21 22.35 34.90
CA PRO D 124 19.82 21.85 36.24
C PRO D 124 19.73 22.95 37.28
N PRO D 125 20.72 23.86 37.42
CA PRO D 125 20.57 24.88 38.47
C PRO D 125 19.38 25.79 38.24
N PHE D 126 19.03 26.07 36.99
CA PHE D 126 17.83 26.85 36.74
C PHE D 126 16.59 26.12 37.20
N LEU D 127 16.51 24.83 36.87
CA LEU D 127 15.33 24.05 37.22
C LEU D 127 15.22 23.88 38.72
N ARG D 128 16.36 23.69 39.41
CA ARG D 128 16.31 23.57 40.85
C ARG D 128 15.95 24.91 41.50
N THR D 129 16.58 25.99 41.03
CA THR D 129 16.25 27.29 41.57
C THR D 129 14.78 27.61 41.47
N HIS D 130 14.15 27.22 40.38
CA HIS D 130 12.77 27.63 40.13
C HIS D 130 11.73 26.53 40.36
N GLY D 131 12.12 25.39 40.92
CA GLY D 131 11.18 24.40 41.42
C GLY D 131 10.66 23.41 40.40
N PHE D 132 11.32 23.26 39.24
CA PHE D 132 10.85 22.38 38.17
C PHE D 132 11.46 20.99 38.33
N ASP D 133 10.71 19.99 37.87
CA ASP D 133 11.16 18.60 37.91
C ASP D 133 11.86 18.14 36.65
N GLY D 134 11.88 18.95 35.58
CA GLY D 134 12.47 18.44 34.36
C GLY D 134 12.45 19.50 33.30
N LEU D 135 13.08 19.14 32.19
CA LEU D 135 13.20 20.00 31.00
C LEU D 135 12.49 19.36 29.83
N ASP D 136 11.68 20.15 29.11
CA ASP D 136 11.07 19.73 27.86
C ASP D 136 11.75 20.47 26.70
N LEU D 137 12.31 19.72 25.76
CA LEU D 137 12.95 20.29 24.57
C LEU D 137 11.92 20.57 23.50
N ALA D 138 11.83 21.82 23.08
CA ALA D 138 10.86 22.29 22.07
C ALA D 138 11.61 23.00 20.94
N TRP D 139 12.50 22.25 20.31
CA TRP D 139 13.22 22.69 19.11
C TRP D 139 12.29 22.41 17.94
N LEU D 140 11.66 23.47 17.46
CA LEU D 140 10.63 23.35 16.41
C LEU D 140 11.08 24.14 15.18
N TYR D 141 11.86 23.53 14.29
CA TYR D 141 12.26 22.11 14.27
C TYR D 141 13.72 22.00 13.82
N PRO D 142 14.43 20.95 14.22
CA PRO D 142 15.78 20.73 13.70
C PRO D 142 15.71 20.53 12.19
N GLY D 143 16.73 21.01 11.48
CA GLY D 143 16.80 20.81 10.04
C GLY D 143 17.43 19.46 9.70
N ARG D 144 17.49 19.14 8.40
CA ARG D 144 18.25 17.95 8.04
C ARG D 144 19.70 18.11 8.48
N ARG D 145 20.24 19.33 8.40
CA ARG D 145 21.60 19.59 8.86
C ARG D 145 21.78 19.41 10.36
N ASP D 146 20.69 19.30 11.15
CA ASP D 146 20.75 19.31 12.61
C ASP D 146 20.43 17.97 13.25
N LYS D 147 20.05 16.97 12.45
CA LYS D 147 19.59 15.69 13.00
C LYS D 147 20.57 15.12 14.01
N GLN D 148 21.87 15.12 13.68
CA GLN D 148 22.82 14.46 14.57
C GLN D 148 23.10 15.33 15.77
N HIS D 149 23.16 16.65 15.56
CA HIS D 149 23.36 17.57 16.67
C HIS D 149 22.24 17.46 17.69
N PHE D 150 21.00 17.24 17.20
CA PHE D 150 19.87 17.04 18.09
C PHE D 150 20.07 15.79 18.94
N THR D 151 20.54 14.70 18.34
CA THR D 151 20.80 13.50 19.13
C THR D 151 21.89 13.76 20.16
N THR D 152 22.91 14.53 19.79
CA THR D 152 24.01 14.80 20.71
C THR D 152 23.55 15.69 21.85
N LEU D 153 22.69 16.69 21.54
CA LEU D 153 22.14 17.57 22.57
C LEU D 153 21.36 16.76 23.59
N ILE D 154 20.52 15.83 23.12
CA ILE D 154 19.69 15.02 24.02
C ILE D 154 20.54 14.07 24.85
N LYS D 155 21.51 13.40 24.21
CA LYS D 155 22.39 12.50 24.94
C LYS D 155 23.13 13.25 26.05
N GLU D 156 23.76 14.35 25.71
CA GLU D 156 24.59 15.05 26.69
C GLU D 156 23.74 15.72 27.76
N MET D 157 22.55 16.20 27.39
CA MET D 157 21.69 16.80 28.42
C MET D 157 21.31 15.74 29.43
N LYS D 158 20.94 14.55 28.94
CA LYS D 158 20.56 13.49 29.87
C LYS D 158 21.72 13.14 30.76
N ALA D 159 22.92 13.11 30.19
CA ALA D 159 24.10 12.79 31.02
C ALA D 159 24.31 13.79 32.14
N GLU D 160 24.12 15.09 31.86
CA GLU D 160 24.20 16.10 32.93
C GLU D 160 23.14 15.89 34.00
N PHE D 161 21.91 15.49 33.61
CA PHE D 161 20.87 15.23 34.60
C PHE D 161 21.23 14.05 35.50
N ILE D 162 21.80 13.00 34.90
CA ILE D 162 22.21 11.83 35.67
C ILE D 162 23.27 12.24 36.68
N LYS D 163 24.23 13.06 36.24
CA LYS D 163 25.30 13.53 37.11
C LYS D 163 24.79 14.39 38.26
N GLU D 164 23.85 15.31 37.95
CA GLU D 164 23.34 16.23 38.96
C GLU D 164 22.64 15.49 40.08
N ALA D 165 22.03 14.36 39.76
CA ALA D 165 21.30 13.63 40.77
C ALA D 165 22.14 12.61 41.50
N GLN D 166 23.37 12.37 41.07
CA GLN D 166 24.12 11.21 41.56
C GLN D 166 24.19 11.17 43.08
N PRO D 167 24.21 12.30 43.80
CA PRO D 167 23.96 12.23 45.25
C PRO D 167 22.49 12.09 45.69
N GLY D 168 21.93 10.89 45.50
CA GLY D 168 20.62 10.54 46.03
C GLY D 168 19.42 11.42 45.71
N LYS D 169 19.56 12.34 44.75
CA LYS D 169 18.50 13.24 44.32
C LYS D 169 17.53 12.53 43.40
N LYS D 170 16.29 13.05 43.34
CA LYS D 170 15.34 12.74 42.28
C LYS D 170 15.89 13.28 40.96
N GLN D 171 16.12 12.39 40.00
CA GLN D 171 16.74 12.82 38.76
C GLN D 171 15.76 13.69 37.98
N LEU D 172 16.24 14.81 37.46
CA LEU D 172 15.41 15.66 36.59
C LEU D 172 14.97 14.86 35.39
N LEU D 173 13.75 15.13 34.94
CA LEU D 173 13.21 14.51 33.72
C LEU D 173 13.63 15.26 32.46
N LEU D 174 13.75 14.52 31.37
CA LEU D 174 14.04 15.10 30.06
C LEU D 174 12.99 14.59 29.07
N SER D 175 12.26 15.52 28.47
CA SER D 175 11.29 15.12 27.46
C SER D 175 11.56 15.94 26.20
N ALA D 176 10.87 15.61 25.11
CA ALA D 176 10.96 16.40 23.92
C ALA D 176 9.62 16.32 23.20
N ALA D 177 9.22 17.45 22.63
CA ALA D 177 8.04 17.54 21.78
C ALA D 177 8.50 17.37 20.34
N LEU D 178 7.99 16.34 19.67
CA LEU D 178 8.41 15.94 18.33
C LEU D 178 7.28 16.09 17.33
N SER D 179 7.63 16.59 16.14
CA SER D 179 6.68 16.66 15.04
C SER D 179 6.07 15.28 14.73
N ALA D 180 4.81 15.30 14.28
CA ALA D 180 4.13 14.10 13.79
C ALA D 180 4.20 13.98 12.26
N GLY D 181 4.87 14.93 11.61
CA GLY D 181 4.90 14.96 10.15
C GLY D 181 6.01 14.09 9.62
N LYS D 182 5.65 13.14 8.74
CA LYS D 182 6.63 12.20 8.26
C LYS D 182 7.84 12.91 7.66
N VAL D 183 7.61 13.99 6.91
CA VAL D 183 8.76 14.63 6.27
C VAL D 183 9.73 15.16 7.32
N THR D 184 9.21 15.83 8.36
CA THR D 184 10.06 16.34 9.43
C THR D 184 10.71 15.22 10.22
N ILE D 185 9.98 14.14 10.50
CA ILE D 185 10.55 13.02 11.24
C ILE D 185 11.72 12.44 10.46
N ASP D 186 11.52 12.23 9.15
CA ASP D 186 12.57 11.67 8.32
C ASP D 186 13.79 12.56 8.29
N SER D 187 13.62 13.88 8.17
CA SER D 187 14.78 14.74 8.02
C SER D 187 15.47 15.06 9.34
N SER D 188 14.74 15.04 10.46
CA SER D 188 15.24 15.75 11.65
C SER D 188 15.55 14.89 12.85
N TYR D 189 14.96 13.70 12.96
CA TYR D 189 14.98 12.93 14.19
C TYR D 189 15.61 11.56 13.98
N ASP D 190 16.58 11.23 14.79
CA ASP D 190 17.01 9.84 14.92
C ASP D 190 16.21 9.22 16.04
N ILE D 191 15.04 8.68 15.69
CA ILE D 191 14.06 8.27 16.69
C ILE D 191 14.63 7.16 17.59
N ALA D 192 15.30 6.18 16.99
CA ALA D 192 15.75 5.08 17.82
C ALA D 192 16.80 5.53 18.82
N LYS D 193 17.66 6.51 18.46
CA LYS D 193 18.70 6.94 19.40
C LYS D 193 18.11 7.85 20.48
N ILE D 194 17.32 8.87 20.08
CA ILE D 194 16.91 9.83 21.10
C ILE D 194 15.93 9.19 22.07
N SER D 195 15.17 8.20 21.60
CA SER D 195 14.27 7.40 22.45
C SER D 195 14.98 6.79 23.64
N GLN D 196 16.25 6.46 23.50
CA GLN D 196 16.93 5.80 24.62
C GLN D 196 17.13 6.77 25.78
N HIS D 197 17.32 8.04 25.49
CA HIS D 197 17.73 9.03 26.49
C HIS D 197 16.57 9.88 26.98
N LEU D 198 15.49 10.00 26.21
CA LEU D 198 14.37 10.77 26.68
C LEU D 198 13.54 9.95 27.65
N ASP D 199 12.96 10.63 28.64
CA ASP D 199 12.04 9.92 29.51
C ASP D 199 10.69 9.71 28.83
N PHE D 200 10.30 10.66 28.00
CA PHE D 200 9.15 10.47 27.11
C PHE D 200 9.27 11.41 25.94
N ILE D 201 8.60 11.01 24.84
CA ILE D 201 8.47 11.77 23.62
C ILE D 201 7.02 12.17 23.53
N SER D 202 6.75 13.46 23.37
CA SER D 202 5.36 13.87 23.09
C SER D 202 5.23 14.06 21.59
N ILE D 203 4.39 13.26 20.94
CA ILE D 203 4.24 13.39 19.50
C ILE D 203 3.06 14.35 19.19
N MET D 204 3.37 15.36 18.41
CA MET D 204 2.44 16.49 18.16
C MET D 204 1.46 16.14 17.03
N THR D 205 0.53 15.25 17.38
CA THR D 205 -0.42 14.68 16.42
C THR D 205 -1.63 15.60 16.17
N TYR D 206 -1.31 16.77 15.62
CA TYR D 206 -2.27 17.82 15.26
C TYR D 206 -1.52 18.81 14.38
N ASP D 207 -2.23 19.85 13.93
CA ASP D 207 -1.65 20.77 12.91
C ASP D 207 -1.21 19.99 11.67
N PHE D 208 -1.87 18.86 11.37
CA PHE D 208 -1.62 18.17 10.12
C PHE D 208 -2.12 19.03 8.99
N HIS D 209 -1.44 18.94 7.86
CA HIS D 209 -1.86 19.63 6.63
C HIS D 209 -2.16 18.59 5.57
N GLY D 210 -3.19 17.80 5.84
CA GLY D 210 -3.62 16.69 4.98
C GLY D 210 -4.60 17.06 3.91
N ALA D 211 -5.18 18.26 3.94
CA ALA D 211 -6.20 18.65 2.96
C ALA D 211 -5.59 18.85 1.57
N TRP D 212 -6.41 18.68 0.51
CA TRP D 212 -6.01 19.21 -0.79
C TRP D 212 -5.76 20.70 -0.70
N ARG D 213 -4.80 21.18 -1.48
CA ARG D 213 -4.46 22.59 -1.46
C ARG D 213 -5.72 23.45 -1.65
N GLY D 214 -5.86 24.47 -0.78
CA GLY D 214 -7.01 25.37 -0.88
C GLY D 214 -8.35 24.75 -0.56
N THR D 215 -8.37 23.71 0.27
CA THR D 215 -9.63 23.09 0.69
C THR D 215 -9.62 22.86 2.19
N THR D 216 -10.80 22.57 2.72
CA THR D 216 -10.91 22.23 4.15
C THR D 216 -10.37 20.84 4.44
N GLY D 217 -9.88 20.68 5.67
CA GLY D 217 -9.52 19.36 6.11
C GLY D 217 -9.31 19.47 7.62
N HIS D 218 -9.51 18.35 8.34
CA HIS D 218 -9.29 18.32 9.79
C HIS D 218 -7.82 18.25 10.11
N HIS D 219 -7.36 19.08 11.06
CA HIS D 219 -5.93 19.12 11.37
C HIS D 219 -5.50 18.00 12.28
N SER D 220 -6.41 17.23 12.89
CA SER D 220 -6.04 16.19 13.86
C SER D 220 -6.96 14.97 13.69
N PRO D 221 -7.04 14.41 12.49
CA PRO D 221 -7.83 13.18 12.32
C PRO D 221 -7.17 12.00 12.98
N LEU D 222 -7.97 11.06 13.50
CA LEU D 222 -7.35 9.87 14.10
C LEU D 222 -6.82 8.91 13.03
N PHE D 223 -7.61 8.68 11.96
CA PHE D 223 -7.20 7.80 10.88
C PHE D 223 -7.37 8.57 9.57
N ARG D 224 -6.87 7.95 8.50
CA ARG D 224 -6.96 8.56 7.17
C ARG D 224 -8.39 8.83 6.72
N GLY D 225 -9.32 7.90 6.96
CA GLY D 225 -10.68 7.97 6.48
C GLY D 225 -10.73 7.73 4.97
N GLN D 226 -11.71 8.36 4.34
CA GLN D 226 -12.04 8.10 2.92
C GLN D 226 -10.78 8.13 2.08
N GLU D 227 -10.49 6.99 1.46
CA GLU D 227 -9.17 6.78 0.86
C GLU D 227 -8.92 7.74 -0.32
N ASP D 228 -9.94 8.02 -1.14
CA ASP D 228 -9.65 8.81 -2.33
C ASP D 228 -9.76 10.32 -2.08
N ALA D 229 -9.92 10.71 -0.83
CA ALA D 229 -10.23 12.07 -0.42
C ALA D 229 -9.03 12.79 0.19
N SER D 230 -7.88 12.13 0.28
CA SER D 230 -6.69 12.85 0.68
C SER D 230 -5.51 12.41 -0.17
N PRO D 231 -4.59 13.32 -0.47
CA PRO D 231 -3.47 12.95 -1.34
C PRO D 231 -2.61 11.83 -0.77
N ASP D 232 -2.34 11.88 0.53
CA ASP D 232 -1.42 10.97 1.19
C ASP D 232 -2.08 10.25 2.35
N ARG D 233 -1.51 9.11 2.75
CA ARG D 233 -2.01 8.45 3.94
C ARG D 233 -1.23 8.84 5.20
N PHE D 234 -0.40 9.87 5.14
CA PHE D 234 0.51 10.17 6.29
C PHE D 234 0.02 11.21 7.29
N SER D 235 -0.93 12.09 6.90
CA SER D 235 -1.27 13.25 7.74
C SER D 235 -2.42 12.93 8.70
N ASN D 236 -2.17 11.97 9.57
CA ASN D 236 -3.18 11.61 10.56
C ASN D 236 -2.47 10.99 11.75
N THR D 237 -3.20 10.95 12.88
CA THR D 237 -2.60 10.49 14.14
C THR D 237 -2.09 9.07 14.03
N ASP D 238 -2.91 8.20 13.45
CA ASP D 238 -2.61 6.77 13.44
C ASP D 238 -1.34 6.51 12.64
N TYR D 239 -1.23 7.12 11.46
CA TYR D 239 -0.04 6.91 10.69
C TYR D 239 1.19 7.31 11.49
N ALA D 240 1.16 8.53 12.04
CA ALA D 240 2.29 9.07 12.79
C ALA D 240 2.71 8.17 13.93
N VAL D 241 1.75 7.72 14.74
CA VAL D 241 2.06 6.84 15.88
C VAL D 241 2.69 5.54 15.38
N GLY D 242 2.06 4.91 14.37
CA GLY D 242 2.65 3.71 13.83
C GLY D 242 4.06 3.94 13.31
N TYR D 243 4.29 5.10 12.68
CA TYR D 243 5.59 5.36 12.06
C TYR D 243 6.66 5.54 13.13
N MET D 244 6.33 6.28 14.17
CA MET D 244 7.32 6.44 15.26
C MET D 244 7.59 5.10 15.96
N LEU D 245 6.56 4.26 16.09
CA LEU D 245 6.78 2.92 16.65
C LEU D 245 7.67 2.09 15.72
N ARG D 246 7.42 2.14 14.42
CA ARG D 246 8.21 1.41 13.44
C ARG D 246 9.67 1.83 13.47
N LEU D 247 9.92 3.12 13.68
CA LEU D 247 11.27 3.68 13.73
C LEU D 247 11.96 3.42 15.06
N GLY D 248 11.32 2.74 16.01
CA GLY D 248 11.99 2.27 17.22
C GLY D 248 11.71 3.04 18.49
N ALA D 249 10.71 3.92 18.51
CA ALA D 249 10.31 4.54 19.77
C ALA D 249 9.54 3.49 20.56
N PRO D 250 9.96 3.17 21.77
CA PRO D 250 9.18 2.24 22.58
C PRO D 250 7.81 2.84 22.85
N ALA D 251 6.77 2.02 22.73
CA ALA D 251 5.43 2.47 23.09
C ALA D 251 5.40 3.07 24.51
N SER D 252 6.17 2.51 25.46
CA SER D 252 6.17 3.00 26.83
C SER D 252 6.79 4.39 26.94
N LYS D 253 7.41 4.92 25.89
CA LYS D 253 7.95 6.28 25.96
C LYS D 253 7.20 7.27 25.10
N LEU D 254 6.14 6.83 24.40
CA LEU D 254 5.43 7.68 23.43
C LEU D 254 4.14 8.22 24.07
N VAL D 255 4.01 9.55 24.09
CA VAL D 255 2.84 10.23 24.66
C VAL D 255 2.16 10.90 23.48
N MET D 256 0.85 10.65 23.31
CA MET D 256 0.17 11.00 22.05
C MET D 256 -0.53 12.34 22.21
N GLY D 257 -0.19 13.29 21.34
CA GLY D 257 -0.79 14.63 21.44
C GLY D 257 -2.26 14.67 21.03
N ILE D 258 -3.07 15.33 21.84
CA ILE D 258 -4.48 15.62 21.62
C ILE D 258 -4.67 17.13 21.77
N PRO D 259 -5.25 17.81 20.78
CA PRO D 259 -5.39 19.29 20.89
C PRO D 259 -6.69 19.73 21.52
N THR D 260 -6.65 20.78 22.34
CA THR D 260 -7.85 21.47 22.81
C THR D 260 -8.09 22.72 22.00
N PHE D 261 -7.68 22.68 20.76
CA PHE D 261 -7.95 23.79 19.88
C PHE D 261 -8.36 23.23 18.53
N GLY D 262 -8.94 24.10 17.71
CA GLY D 262 -9.34 23.71 16.34
C GLY D 262 -8.61 24.53 15.30
N ARG D 263 -8.57 24.07 14.04
CA ARG D 263 -7.97 24.83 12.94
C ARG D 263 -9.11 25.15 11.99
N SER D 264 -9.22 26.41 11.60
CA SER D 264 -10.42 26.91 10.94
C SER D 264 -10.09 27.50 9.57
N PHE D 265 -11.15 27.60 8.75
CA PHE D 265 -11.05 28.13 7.38
C PHE D 265 -12.26 29.00 7.08
N THR D 266 -12.06 29.92 6.14
CA THR D 266 -13.16 30.66 5.52
C THR D 266 -13.50 29.96 4.22
N LEU D 267 -14.77 29.60 4.05
CA LEU D 267 -15.26 28.85 2.90
C LEU D 267 -15.43 29.78 1.72
N ALA D 268 -15.21 29.23 0.51
CA ALA D 268 -15.34 30.03 -0.70
C ALA D 268 -16.57 29.69 -1.51
N SER D 269 -17.45 28.80 -1.03
CA SER D 269 -18.60 28.35 -1.81
C SER D 269 -19.67 27.82 -0.86
N SER D 270 -20.76 27.28 -1.44
CA SER D 270 -21.78 26.64 -0.63
C SER D 270 -21.35 25.28 -0.15
N GLU D 271 -20.20 24.76 -0.60
CA GLU D 271 -19.76 23.43 -0.19
C GLU D 271 -19.18 23.50 1.21
N THR D 272 -19.54 22.53 2.06
CA THR D 272 -19.09 22.58 3.44
C THR D 272 -18.49 21.28 3.94
N GLY D 273 -18.30 20.29 3.09
CA GLY D 273 -17.71 19.04 3.57
C GLY D 273 -16.20 19.15 3.63
N VAL D 274 -15.57 18.02 3.98
CA VAL D 274 -14.12 17.92 3.86
C VAL D 274 -13.76 18.05 2.40
N GLY D 275 -12.73 18.85 2.07
CA GLY D 275 -12.29 19.08 0.69
C GLY D 275 -13.05 20.19 -0.02
N ALA D 276 -13.83 20.93 0.68
CA ALA D 276 -14.59 22.07 0.14
C ALA D 276 -13.64 23.23 -0.08
N PRO D 277 -13.86 24.06 -1.08
CA PRO D 277 -12.90 25.13 -1.33
C PRO D 277 -12.90 26.20 -0.23
N ILE D 278 -11.74 26.76 0.03
CA ILE D 278 -11.58 27.82 1.01
C ILE D 278 -10.95 29.04 0.37
N SER D 279 -11.16 30.19 1.01
CA SER D 279 -10.46 31.40 0.59
C SER D 279 -9.27 31.75 1.49
N GLY D 280 -9.14 31.09 2.64
CA GLY D 280 -8.06 31.41 3.55
C GLY D 280 -8.41 30.92 4.94
N PRO D 281 -7.66 31.35 5.97
CA PRO D 281 -7.94 30.88 7.33
C PRO D 281 -9.28 31.42 7.82
N GLY D 282 -9.78 30.76 8.86
CA GLY D 282 -10.95 31.23 9.58
C GLY D 282 -10.77 32.59 10.24
N ILE D 283 -11.93 33.18 10.51
CA ILE D 283 -11.96 34.45 11.25
C ILE D 283 -11.39 34.24 12.64
N PRO D 284 -10.56 35.14 13.13
CA PRO D 284 -9.97 34.96 14.47
C PRO D 284 -11.02 34.84 15.58
N GLY D 285 -10.64 34.07 16.60
CA GLY D 285 -11.46 33.99 17.78
C GLY D 285 -11.41 35.28 18.59
N ARG D 286 -12.50 35.51 19.35
CA ARG D 286 -12.67 36.75 20.10
C ARG D 286 -11.59 36.92 21.15
N PHE D 287 -11.06 35.82 21.70
CA PHE D 287 -10.08 35.88 22.76
C PHE D 287 -8.66 35.56 22.29
N THR D 288 -8.50 34.54 21.43
CA THR D 288 -7.17 34.10 21.01
C THR D 288 -6.63 34.89 19.81
N LYS D 289 -7.52 35.54 19.03
CA LYS D 289 -7.14 36.55 18.02
C LYS D 289 -6.05 36.08 17.05
N GLU D 290 -6.25 34.89 16.49
CA GLU D 290 -5.25 34.33 15.57
C GLU D 290 -5.99 33.61 14.47
N ALA D 291 -6.06 34.24 13.28
CA ALA D 291 -6.83 33.64 12.19
C ALA D 291 -6.36 32.22 11.95
N GLY D 292 -7.33 31.33 11.75
CA GLY D 292 -7.03 29.97 11.42
C GLY D 292 -6.98 29.04 12.64
N THR D 293 -7.16 29.58 13.84
CA THR D 293 -7.17 28.78 15.07
C THR D 293 -8.31 29.25 15.98
N LEU D 294 -8.89 28.33 16.78
CA LEU D 294 -9.85 28.66 17.83
C LEU D 294 -9.55 27.80 19.04
N ALA D 295 -9.60 28.41 20.23
CA ALA D 295 -9.58 27.61 21.45
C ALA D 295 -10.86 26.80 21.53
N TYR D 296 -10.81 25.72 22.31
CA TYR D 296 -12.04 24.93 22.48
C TYR D 296 -13.15 25.77 23.11
N TYR D 297 -12.85 26.69 24.03
CA TYR D 297 -13.96 27.44 24.60
C TYR D 297 -14.54 28.43 23.60
N GLU D 298 -13.74 28.87 22.63
CA GLU D 298 -14.27 29.68 21.56
C GLU D 298 -15.13 28.82 20.64
N ILE D 299 -14.69 27.59 20.37
CA ILE D 299 -15.53 26.66 19.58
C ILE D 299 -16.89 26.44 20.26
N CYS D 300 -16.92 26.27 21.58
CA CYS D 300 -18.21 26.08 22.26
C CYS D 300 -19.16 27.24 21.97
N ASP D 301 -18.63 28.45 21.91
CA ASP D 301 -19.42 29.62 21.50
C ASP D 301 -19.88 29.50 20.05
N PHE D 302 -18.93 29.12 19.18
CA PHE D 302 -19.21 28.95 17.76
C PHE D 302 -20.31 27.92 17.53
N LEU D 303 -20.33 26.85 18.32
CA LEU D 303 -21.28 25.74 18.04
C LEU D 303 -22.74 26.18 18.16
N ARG D 304 -22.98 27.32 18.81
CA ARG D 304 -24.37 27.84 18.91
C ARG D 304 -24.79 28.31 17.51
N GLY D 305 -25.68 27.56 16.88
CA GLY D 305 -26.11 27.89 15.52
C GLY D 305 -25.35 27.13 14.47
N ALA D 306 -24.35 26.36 14.89
CA ALA D 306 -23.55 25.66 13.92
C ALA D 306 -24.10 24.26 13.67
N THR D 307 -23.61 23.64 12.62
CA THR D 307 -23.92 22.24 12.41
C THR D 307 -22.64 21.43 12.53
N VAL D 308 -22.71 20.40 13.37
CA VAL D 308 -21.57 19.52 13.65
C VAL D 308 -21.74 18.27 12.82
N HIS D 309 -20.64 17.84 12.22
CA HIS D 309 -20.59 16.62 11.42
C HIS D 309 -19.43 15.80 11.93
N ARG D 310 -19.66 14.53 12.18
CA ARG D 310 -18.60 13.62 12.60
C ARG D 310 -17.99 13.01 11.36
N ILE D 311 -16.69 13.24 11.17
CA ILE D 311 -16.06 12.74 9.95
C ILE D 311 -15.90 11.23 10.06
N LEU D 312 -16.58 10.50 9.17
CA LEU D 312 -16.51 9.05 9.26
C LEU D 312 -15.07 8.57 9.02
N GLY D 313 -14.66 7.61 9.79
CA GLY D 313 -13.32 7.06 9.48
C GLY D 313 -12.28 7.88 10.23
N GLN D 314 -12.35 9.21 10.13
CA GLN D 314 -11.34 10.01 10.88
C GLN D 314 -11.65 10.15 12.35
N GLN D 315 -12.89 9.90 12.75
CA GLN D 315 -13.32 9.82 14.16
C GLN D 315 -13.23 11.17 14.87
N VAL D 316 -13.43 12.28 14.15
CA VAL D 316 -13.32 13.61 14.73
C VAL D 316 -14.37 14.50 14.09
N PRO D 317 -14.86 15.50 14.83
CA PRO D 317 -15.86 16.41 14.29
C PRO D 317 -15.30 17.62 13.55
N TYR D 318 -16.14 18.17 12.64
CA TYR D 318 -15.97 19.55 12.24
C TYR D 318 -17.32 20.23 12.47
N ALA D 319 -17.27 21.55 12.52
CA ALA D 319 -18.49 22.33 12.62
C ALA D 319 -18.44 23.44 11.59
N THR D 320 -19.60 23.77 11.04
CA THR D 320 -19.65 24.79 10.02
C THR D 320 -20.85 25.70 10.24
N LYS D 321 -20.66 26.98 9.99
CA LYS D 321 -21.72 27.97 10.19
C LYS D 321 -21.43 29.13 9.26
N GLY D 322 -22.37 29.48 8.34
CA GLY D 322 -22.03 30.61 7.48
C GLY D 322 -20.82 30.27 6.66
N ASN D 323 -19.94 31.25 6.44
CA ASN D 323 -18.75 30.94 5.65
C ASN D 323 -17.59 30.41 6.51
N GLN D 324 -17.85 29.91 7.72
CA GLN D 324 -16.74 29.41 8.58
C GLN D 324 -16.82 27.91 8.74
N TRP D 325 -15.65 27.28 8.91
CA TRP D 325 -15.50 25.83 9.02
C TRP D 325 -14.38 25.59 10.02
N VAL D 326 -14.63 24.76 11.03
CA VAL D 326 -13.53 24.47 11.97
C VAL D 326 -13.47 22.97 12.28
N GLY D 327 -12.26 22.42 12.23
CA GLY D 327 -12.02 21.01 12.58
C GLY D 327 -11.45 20.98 13.99
N TYR D 328 -12.09 20.22 14.86
CA TYR D 328 -11.67 20.28 16.29
C TYR D 328 -11.88 18.92 16.97
N ASP D 329 -11.60 18.88 18.28
CA ASP D 329 -11.83 17.69 19.07
C ASP D 329 -12.83 18.00 20.15
N ASP D 330 -13.74 17.03 20.42
CA ASP D 330 -14.73 17.19 21.48
C ASP D 330 -14.61 16.02 22.47
N GLN D 331 -15.54 15.96 23.43
CA GLN D 331 -15.37 14.92 24.47
C GLN D 331 -15.42 13.55 23.85
N GLU D 332 -16.32 13.37 22.88
CA GLU D 332 -16.42 12.07 22.23
C GLU D 332 -15.16 11.70 21.45
N SER D 333 -14.58 12.66 20.67
CA SER D 333 -13.40 12.28 19.90
C SER D 333 -12.13 12.13 20.76
N VAL D 334 -11.95 12.92 21.83
CA VAL D 334 -10.75 12.67 22.66
C VAL D 334 -10.84 11.31 23.35
N LYS D 335 -12.05 10.84 23.68
CA LYS D 335 -12.16 9.52 24.32
C LYS D 335 -11.79 8.42 23.33
N SER D 336 -12.17 8.57 22.06
CA SER D 336 -11.72 7.64 21.03
C SER D 336 -10.23 7.70 20.86
N LYS D 337 -9.65 8.90 20.89
CA LYS D 337 -8.19 8.97 20.77
C LYS D 337 -7.51 8.28 21.95
N VAL D 338 -8.06 8.42 23.13
CA VAL D 338 -7.49 7.72 24.28
C VAL D 338 -7.67 6.21 24.11
N GLN D 339 -8.85 5.76 23.65
CA GLN D 339 -8.99 4.32 23.38
C GLN D 339 -7.89 3.84 22.46
N TYR D 340 -7.60 4.63 21.39
CA TYR D 340 -6.57 4.28 20.45
C TYR D 340 -5.22 4.10 21.16
N LEU D 341 -4.81 5.12 21.92
CA LEU D 341 -3.47 5.05 22.50
C LEU D 341 -3.36 3.92 23.52
N LYS D 342 -4.45 3.63 24.23
CA LYS D 342 -4.45 2.50 25.17
C LYS D 342 -4.33 1.18 24.41
N ASP D 343 -5.03 1.08 23.29
CA ASP D 343 -4.95 -0.16 22.47
C ASP D 343 -3.52 -0.38 22.00
N ARG D 344 -2.78 0.69 21.75
CA ARG D 344 -1.38 0.59 21.26
C ARG D 344 -0.40 0.59 22.44
N GLN D 345 -0.91 0.58 23.67
CA GLN D 345 -0.07 0.51 24.88
C GLN D 345 0.91 1.68 24.94
N LEU D 346 0.49 2.85 24.48
CA LEU D 346 1.37 4.02 24.61
C LEU D 346 1.45 4.47 26.08
N ALA D 347 2.40 5.39 26.33
CA ALA D 347 2.63 5.89 27.68
C ALA D 347 1.48 6.76 28.22
N GLY D 348 0.72 7.41 27.36
CA GLY D 348 -0.37 8.23 27.83
C GLY D 348 -0.72 9.28 26.77
N ALA D 349 -1.33 10.37 27.21
CA ALA D 349 -1.75 11.46 26.33
C ALA D 349 -1.03 12.73 26.68
N MET D 350 -0.85 13.61 25.66
CA MET D 350 -0.29 14.94 25.90
C MET D 350 -1.36 15.91 25.38
N VAL D 351 -1.55 17.06 26.08
CA VAL D 351 -2.60 18.04 25.76
C VAL D 351 -1.97 19.42 25.51
N TRP D 352 -2.21 19.97 24.30
CA TRP D 352 -1.96 21.38 24.03
C TRP D 352 -3.31 22.05 23.83
N ALA D 353 -3.75 22.91 24.76
CA ALA D 353 -3.08 23.32 26.01
C ALA D 353 -4.15 23.58 27.05
N LEU D 354 -3.78 23.60 28.33
CA LEU D 354 -4.77 23.80 29.38
C LEU D 354 -5.51 25.11 29.19
N ASP D 355 -4.81 26.16 28.72
CA ASP D 355 -5.44 27.47 28.63
C ASP D 355 -6.36 27.59 27.42
N LEU D 356 -6.42 26.55 26.58
CA LEU D 356 -7.30 26.54 25.42
C LEU D 356 -8.50 25.65 25.67
N ASP D 357 -8.43 24.77 26.67
CA ASP D 357 -9.61 24.05 27.14
C ASP D 357 -10.52 25.08 27.85
N ASP D 358 -11.77 24.70 28.10
CA ASP D 358 -12.66 25.63 28.82
C ASP D 358 -12.27 25.62 30.29
N PHE D 359 -11.16 26.29 30.62
CA PHE D 359 -10.64 26.22 31.96
C PHE D 359 -11.55 26.94 32.96
N GLN D 360 -12.37 27.90 32.51
CA GLN D 360 -13.31 28.56 33.41
C GLN D 360 -14.58 27.75 33.65
N GLY D 361 -14.90 26.82 32.76
CA GLY D 361 -16.13 26.07 32.88
C GLY D 361 -17.35 26.85 32.43
N SER D 362 -17.17 28.00 31.79
CA SER D 362 -18.25 28.94 31.57
C SER D 362 -18.70 29.05 30.12
N PHE D 363 -18.14 28.25 29.20
CA PHE D 363 -18.47 28.38 27.80
C PHE D 363 -19.16 27.15 27.25
N CYS D 364 -18.81 25.96 27.75
CA CYS D 364 -19.26 24.73 27.15
C CYS D 364 -20.41 24.07 27.88
N GLY D 365 -20.84 24.66 29.00
CA GLY D 365 -22.06 24.15 29.66
C GLY D 365 -21.88 23.38 30.95
N GLN D 366 -22.80 23.58 31.92
CA GLN D 366 -22.81 22.77 33.16
C GLN D 366 -21.67 23.19 34.10
N ASP D 367 -21.06 24.34 33.84
CA ASP D 367 -19.94 24.85 34.68
C ASP D 367 -18.95 23.71 34.97
N LEU D 368 -18.61 22.91 33.96
CA LEU D 368 -17.58 21.86 34.15
C LEU D 368 -16.24 22.43 33.67
N ARG D 369 -15.28 22.52 34.57
CA ARG D 369 -13.95 23.06 34.20
C ARG D 369 -13.14 22.01 33.45
N PHE D 370 -12.36 22.44 32.47
CA PHE D 370 -11.49 21.53 31.72
C PHE D 370 -12.27 20.33 31.18
N PRO D 371 -13.35 20.56 30.43
CA PRO D 371 -14.14 19.43 29.92
C PRO D 371 -13.36 18.47 29.04
N LEU D 372 -12.49 18.96 28.13
CA LEU D 372 -11.78 18.01 27.28
C LEU D 372 -10.70 17.28 28.08
N THR D 373 -9.93 18.02 28.88
CA THR D 373 -8.86 17.33 29.61
C THR D 373 -9.41 16.34 30.64
N ASN D 374 -10.51 16.68 31.29
CA ASN D 374 -11.13 15.71 32.18
C ASN D 374 -11.68 14.50 31.40
N ALA D 375 -12.16 14.71 30.17
CA ALA D 375 -12.62 13.57 29.37
C ALA D 375 -11.46 12.65 29.10
N ILE D 376 -10.28 13.23 28.82
CA ILE D 376 -9.07 12.45 28.59
C ILE D 376 -8.66 11.71 29.86
N LYS D 377 -8.61 12.43 30.98
CA LYS D 377 -8.27 11.80 32.26
C LYS D 377 -9.21 10.63 32.55
N ASP D 378 -10.52 10.86 32.40
CA ASP D 378 -11.52 9.81 32.67
C ASP D 378 -11.32 8.62 31.75
N ALA D 379 -10.96 8.86 30.48
CA ALA D 379 -10.83 7.76 29.56
C ALA D 379 -9.56 6.98 29.86
N LEU D 380 -8.52 7.66 30.31
CA LEU D 380 -7.31 6.93 30.69
C LEU D 380 -7.58 6.00 31.84
N ALA D 381 -8.45 6.44 32.77
CA ALA D 381 -8.73 5.68 33.99
C ALA D 381 -9.72 4.55 33.76
N ALA D 382 -10.51 4.61 32.69
CA ALA D 382 -11.60 3.65 32.47
C ALA D 382 -11.03 2.26 32.23
N THR D 383 -11.71 1.24 32.76
CA THR D 383 -11.21 -0.12 32.58
C THR D 383 -12.17 -0.91 31.70
#